data_4ZG9
#
_entry.id   4ZG9
#
_cell.length_a   127.460
_cell.length_b   209.991
_cell.length_c   188.193
_cell.angle_alpha   90.000
_cell.angle_beta   90.000
_cell.angle_gamma   90.000
#
_symmetry.space_group_name_H-M   'C 2 2 21'
#
loop_
_entity.id
_entity.type
_entity.pdbx_description
1 polymer 'Ectonucleotide pyrophosphatase/phosphodiesterase family member 2'
2 branched 2-acetamido-2-deoxy-beta-D-glucopyranose-(1-4)-2-acetamido-2-deoxy-beta-D-glucopyranose
3 branched beta-D-mannopyranose-(1-4)-2-acetamido-2-deoxy-beta-D-glucopyranose-(1-4)-2-acetamido-2-deoxy-beta-D-glucopyranose
4 non-polymer 'ZINC ION'
5 non-polymer 'CALCIUM ION'
6 non-polymer 'SODIUM ION'
7 non-polymer "3-[(11aS)-6-(4-fluorobenzyl)-1,3-dioxo-5,6,11,11a-tetrahydro-1H-imidazo[1',5':1,6]pyrido[3,4-b]indol-2(3H)-yl]propanoic acid"
8 non-polymer 1,2-ETHANEDIOL
9 water water
#
_entity_poly.entity_id   1
_entity_poly.type   'polypeptide(L)'
_entity_poly.pdbx_seq_one_letter_code
;MARRSSFQSCQIISLFTFAVGVNICLGFTAHRIKRAEGWEEGPPTVLSDSPWTNISGSCKGRCFELQEAGPPDCRCDNLC
KSYTSCCHDFDELCLKTARGWECTKDRCGEVRNEENACHCSEDCLARGDCCTNYQVVCKGESHWVDDDCEEIKAAECPAG
FVRPPLIIFSVDGFRASYMKKGSKVMPNIEKLRSCGTHSPYMRPVYPTKTFPNLYTLATGLYPESHGIVGNSMYDPVFDA
TFHLRGREKFNHRWWGGQPLWITATKQGVKAGTFFWSVVIPHERRILTILQWLTLPDHERPSVYAFYSEQPDFSGHKYGP
FGPEMTNPLREIDKIVGQLMDGLKQLKLHRCVNVIFVGDHGMEDVTCDRTEFLSNYLTNVDDITLVPGTLGRIRSKFSNN
AKYDPKAIIANLTCKKPDQHFKPYLKQHLPKRLHYANNRRIEDIHLLVERRWHVARKPLDVYKKPSGKCFFQGDHGFDNK
VNSMQTVFVGYGSTFKYKTKVPPFENIELYNVMCDLLGLKPAPNNGTHGSLNHLLRTNTFRPTMPEEVTRPNYPGIMYLQ
SDFDLGCTCDDKVEPKNKLDELNKRLHTKGSTEERHLLYGRPAVLYRTRYDILYHTDFESGYSEIFLMPLWTSYTVSKQA
EVSSVPDHLTSCVRPDVRVSPSFSQNCLAYKNDKQMSYGFLFPPYLSSSPEAKYDAFLVTNMVPMYPAFKRVWNYFQRVL
VKKYASERNGVNVISGPIFDYDYDGLHDTEDKIKQYVEGSSIPVPTHYYSIITSCLDFTQPADKCDGPLSVSSFILPHRP
DNEESCNSSEDESKWVEELMKMHTARVRDIEHLTSLDFFRKTSRSYPEILTLKTYLHTYESEI
;
_entity_poly.pdbx_strand_id   A,B
#
# COMPACT_ATOMS: atom_id res chain seq x y z
N SER A 58 -37.23 -41.73 0.78
CA SER A 58 -36.40 -41.22 -0.36
C SER A 58 -36.45 -39.66 -0.50
N CYS A 59 -35.44 -39.11 -1.19
CA CYS A 59 -35.29 -37.65 -1.38
C CYS A 59 -35.89 -37.15 -2.70
N LYS A 60 -36.34 -38.07 -3.56
CA LYS A 60 -37.00 -37.76 -4.84
C LYS A 60 -36.54 -36.44 -5.51
N GLY A 61 -37.20 -35.34 -5.18
CA GLY A 61 -36.77 -34.00 -5.59
C GLY A 61 -36.98 -33.02 -4.44
N ARG A 62 -36.74 -33.51 -3.22
CA ARG A 62 -36.91 -32.74 -1.98
C ARG A 62 -35.53 -32.31 -1.48
N CYS A 63 -34.57 -32.39 -2.39
CA CYS A 63 -33.17 -32.49 -2.03
C CYS A 63 -32.53 -31.13 -1.73
N PHE A 64 -31.77 -31.08 -0.63
CA PHE A 64 -31.20 -29.84 -0.07
C PHE A 64 -32.27 -28.87 0.42
N GLU A 65 -33.33 -29.41 1.00
CA GLU A 65 -34.46 -28.59 1.47
C GLU A 65 -34.10 -27.77 2.71
N LEU A 66 -34.77 -26.62 2.85
CA LEU A 66 -34.54 -25.71 3.97
C LEU A 66 -35.11 -26.21 5.29
N GLN A 67 -36.18 -27.02 5.26
CA GLN A 67 -36.78 -27.63 6.49
C GLN A 67 -36.40 -29.12 6.63
N PRO A 72 -38.55 -37.17 12.31
CA PRO A 72 -39.32 -38.42 12.18
C PRO A 72 -39.04 -39.22 10.88
N ASP A 73 -38.69 -38.52 9.80
CA ASP A 73 -38.62 -39.11 8.47
C ASP A 73 -37.18 -39.38 8.02
N CYS A 74 -37.05 -39.75 6.75
CA CYS A 74 -35.76 -39.76 6.06
C CYS A 74 -35.44 -38.30 5.66
N ARG A 75 -34.21 -37.85 5.90
CA ARG A 75 -33.87 -36.43 5.90
C ARG A 75 -33.14 -36.00 4.62
N CYS A 76 -33.44 -34.80 4.12
CA CYS A 76 -32.85 -34.30 2.86
C CYS A 76 -32.03 -33.00 2.96
N ASP A 77 -32.00 -32.35 4.12
CA ASP A 77 -31.26 -31.08 4.27
C ASP A 77 -29.75 -31.36 4.21
N ASN A 78 -28.96 -30.31 3.98
CA ASN A 78 -27.50 -30.46 3.84
C ASN A 78 -26.80 -30.94 5.13
N LEU A 79 -27.27 -30.45 6.27
CA LEU A 79 -26.71 -30.86 7.56
C LEU A 79 -27.03 -32.31 7.98
N CYS A 80 -27.93 -32.97 7.25
CA CYS A 80 -28.25 -34.38 7.49
C CYS A 80 -27.00 -35.28 7.51
N LYS A 81 -26.08 -35.09 6.58
CA LYS A 81 -24.89 -35.98 6.51
C LYS A 81 -24.05 -35.97 7.79
N SER A 82 -24.12 -34.91 8.57
CA SER A 82 -23.40 -34.84 9.84
C SER A 82 -24.09 -35.70 10.90
N TYR A 83 -25.42 -35.62 10.97
CA TYR A 83 -26.23 -36.39 11.94
C TYR A 83 -26.53 -37.83 11.49
N THR A 84 -26.00 -38.20 10.35
CA THR A 84 -26.14 -39.56 9.88
C THR A 84 -27.61 -39.92 9.83
N SER A 85 -28.42 -38.99 9.36
CA SER A 85 -29.85 -39.22 9.22
C SER A 85 -30.33 -39.06 7.78
N CYS A 86 -29.43 -39.25 6.81
CA CYS A 86 -29.84 -39.03 5.43
C CYS A 86 -30.52 -40.29 4.90
N CYS A 87 -31.38 -40.12 3.91
CA CYS A 87 -32.00 -41.25 3.23
C CYS A 87 -30.97 -41.94 2.35
N HIS A 88 -31.11 -43.26 2.21
CA HIS A 88 -30.14 -44.09 1.49
C HIS A 88 -29.71 -43.53 0.11
N ASP A 89 -30.60 -42.79 -0.55
CA ASP A 89 -30.37 -42.31 -1.92
C ASP A 89 -29.77 -40.88 -2.03
N PHE A 90 -29.47 -40.25 -0.90
CA PHE A 90 -28.88 -38.92 -0.87
C PHE A 90 -27.57 -38.86 -1.68
N ASP A 91 -26.73 -39.88 -1.55
CA ASP A 91 -25.47 -39.92 -2.31
C ASP A 91 -25.68 -40.16 -3.84
N GLU A 92 -26.82 -40.75 -4.21
CA GLU A 92 -27.15 -41.00 -5.62
C GLU A 92 -27.77 -39.77 -6.30
N LEU A 93 -28.74 -39.13 -5.63
CA LEU A 93 -29.47 -37.99 -6.20
C LEU A 93 -28.73 -36.68 -5.97
N CYS A 94 -28.49 -36.40 -4.68
CA CYS A 94 -28.03 -35.10 -4.20
C CYS A 94 -26.54 -34.81 -4.42
N LEU A 95 -25.69 -35.79 -4.13
CA LEU A 95 -24.23 -35.59 -4.23
C LEU A 95 -23.62 -36.17 -5.48
N LYS A 96 -24.25 -36.00 -6.63
CA LYS A 96 -23.67 -36.53 -7.86
C LYS A 96 -22.34 -35.80 -8.11
N THR A 97 -21.33 -36.52 -8.60
CA THR A 97 -20.00 -35.95 -8.90
C THR A 97 -19.62 -36.02 -10.38
N ALA A 98 -20.53 -36.53 -11.21
CA ALA A 98 -20.18 -37.03 -12.54
C ALA A 98 -19.85 -35.91 -13.53
N ARG A 99 -18.85 -36.18 -14.36
CA ARG A 99 -18.40 -35.26 -15.41
C ARG A 99 -17.59 -34.05 -14.89
N GLY A 100 -17.52 -33.86 -13.57
CA GLY A 100 -16.78 -32.74 -12.98
C GLY A 100 -17.65 -31.51 -12.79
N TRP A 101 -17.01 -30.37 -12.48
CA TRP A 101 -17.71 -29.09 -12.21
C TRP A 101 -17.55 -28.06 -13.34
N GLU A 102 -17.26 -28.47 -14.56
CA GLU A 102 -16.97 -27.53 -15.65
C GLU A 102 -17.61 -28.05 -16.93
N CYS A 103 -18.15 -27.16 -17.78
CA CYS A 103 -18.61 -27.59 -19.12
C CYS A 103 -17.40 -27.56 -20.05
N THR A 104 -17.60 -28.07 -21.27
CA THR A 104 -16.59 -28.09 -22.34
C THR A 104 -17.33 -28.01 -23.68
N LYS A 105 -16.63 -27.72 -24.78
CA LYS A 105 -17.30 -27.51 -26.08
C LYS A 105 -18.32 -28.62 -26.39
N ASP A 106 -17.86 -29.86 -26.30
CA ASP A 106 -18.68 -31.05 -26.62
C ASP A 106 -19.90 -31.25 -25.73
N ARG A 107 -19.77 -30.92 -24.45
CA ARG A 107 -20.90 -31.07 -23.53
C ARG A 107 -22.11 -30.22 -23.94
N CYS A 108 -21.90 -29.14 -24.70
CA CYS A 108 -23.00 -28.22 -25.03
C CYS A 108 -23.84 -28.65 -26.23
N GLY A 109 -25.16 -28.61 -26.04
CA GLY A 109 -26.11 -29.39 -26.82
C GLY A 109 -26.19 -30.70 -26.07
N GLU A 110 -27.17 -30.81 -25.17
CA GLU A 110 -27.05 -31.79 -24.08
C GLU A 110 -28.34 -32.52 -23.72
N VAL A 111 -28.21 -33.84 -23.60
CA VAL A 111 -29.11 -34.68 -22.78
C VAL A 111 -29.08 -34.22 -21.30
N ARG A 112 -30.20 -33.68 -20.78
CA ARG A 112 -30.24 -33.21 -19.36
C ARG A 112 -30.09 -34.37 -18.36
N ASN A 113 -29.10 -35.22 -18.63
CA ASN A 113 -28.81 -36.48 -17.93
C ASN A 113 -28.81 -36.35 -16.40
N GLU A 114 -29.76 -37.01 -15.73
CA GLU A 114 -29.82 -36.99 -14.27
C GLU A 114 -28.50 -37.47 -13.62
N GLU A 115 -27.75 -38.34 -14.30
CA GLU A 115 -26.48 -38.88 -13.76
C GLU A 115 -25.42 -37.82 -13.42
N ASN A 116 -25.50 -36.64 -14.04
CA ASN A 116 -24.47 -35.60 -13.91
C ASN A 116 -24.53 -34.71 -12.66
N ALA A 117 -23.42 -34.02 -12.43
CA ALA A 117 -23.25 -33.08 -11.32
C ALA A 117 -23.89 -31.74 -11.64
N CYS A 118 -23.62 -31.29 -12.86
CA CYS A 118 -24.22 -30.06 -13.39
C CYS A 118 -24.43 -30.31 -14.89
N HIS A 119 -25.27 -29.48 -15.51
CA HIS A 119 -25.71 -29.74 -16.87
C HIS A 119 -25.30 -28.63 -17.82
N CYS A 120 -25.20 -28.99 -19.10
CA CYS A 120 -24.92 -28.05 -20.16
C CYS A 120 -25.99 -28.19 -21.28
N SER A 121 -27.24 -28.43 -20.87
CA SER A 121 -28.38 -28.55 -21.79
C SER A 121 -29.05 -27.21 -21.97
N GLU A 122 -29.91 -27.09 -23.00
CA GLU A 122 -30.70 -25.87 -23.17
C GLU A 122 -31.70 -25.73 -22.01
N ASP A 123 -32.19 -26.86 -21.49
CA ASP A 123 -32.99 -26.90 -20.25
C ASP A 123 -32.31 -26.04 -19.18
N CYS A 124 -31.06 -26.45 -18.86
CA CYS A 124 -30.15 -25.82 -17.88
C CYS A 124 -30.70 -24.61 -17.14
N LEU A 125 -30.75 -23.49 -17.85
CA LEU A 125 -30.87 -22.15 -17.25
C LEU A 125 -32.13 -22.07 -16.40
N ALA A 126 -33.22 -22.55 -17.00
CA ALA A 126 -34.56 -22.52 -16.43
C ALA A 126 -34.67 -23.27 -15.11
N ARG A 127 -34.40 -24.58 -15.17
CA ARG A 127 -34.47 -25.45 -13.98
C ARG A 127 -33.53 -24.95 -12.86
N GLY A 128 -32.49 -24.20 -13.25
CA GLY A 128 -31.63 -23.49 -12.30
C GLY A 128 -30.53 -24.36 -11.71
N ASP A 129 -30.05 -25.33 -12.49
CA ASP A 129 -29.03 -26.31 -12.06
C ASP A 129 -27.92 -26.43 -13.13
N CYS A 130 -27.42 -25.28 -13.55
CA CYS A 130 -26.45 -25.24 -14.60
C CYS A 130 -25.03 -25.20 -14.04
N CYS A 131 -24.09 -25.71 -14.81
CA CYS A 131 -22.69 -25.58 -14.44
C CYS A 131 -22.29 -24.11 -14.60
N THR A 132 -21.50 -23.60 -13.65
CA THR A 132 -21.39 -22.15 -13.43
C THR A 132 -20.71 -21.40 -14.60
N ASN A 133 -19.88 -22.12 -15.35
CA ASN A 133 -19.25 -21.60 -16.56
C ASN A 133 -19.99 -21.91 -17.90
N TYR A 134 -21.28 -22.27 -17.84
CA TYR A 134 -22.05 -22.62 -19.04
C TYR A 134 -22.12 -21.47 -20.04
N GLN A 135 -22.81 -20.40 -19.68
CA GLN A 135 -22.82 -19.16 -20.47
C GLN A 135 -21.43 -18.84 -21.05
N VAL A 136 -20.39 -18.91 -20.23
CA VAL A 136 -19.06 -18.49 -20.70
C VAL A 136 -18.61 -19.35 -21.87
N VAL A 137 -18.96 -20.63 -21.83
CA VAL A 137 -18.43 -21.63 -22.75
C VAL A 137 -19.29 -21.81 -24.03
N CYS A 138 -20.61 -21.68 -23.91
CA CYS A 138 -21.54 -22.06 -25.00
C CYS A 138 -22.65 -21.05 -25.33
N LYS A 139 -22.58 -19.85 -24.78
CA LYS A 139 -23.43 -18.78 -25.23
C LYS A 139 -22.56 -17.55 -25.50
N GLY A 140 -21.24 -17.73 -25.52
CA GLY A 140 -20.30 -16.65 -25.84
C GLY A 140 -19.99 -15.62 -24.76
N GLU A 141 -20.75 -15.63 -23.66
CA GLU A 141 -20.58 -14.63 -22.58
C GLU A 141 -19.18 -14.72 -21.93
N SER A 142 -18.89 -13.81 -20.99
CA SER A 142 -17.56 -13.73 -20.37
C SER A 142 -17.51 -14.13 -18.89
N HIS A 143 -16.33 -14.61 -18.47
CA HIS A 143 -16.02 -14.82 -17.07
C HIS A 143 -16.21 -13.47 -16.39
N TRP A 144 -16.74 -13.47 -15.18
CA TRP A 144 -16.99 -12.22 -14.47
C TRP A 144 -15.66 -11.55 -14.08
N VAL A 145 -14.62 -12.34 -13.87
CA VAL A 145 -13.31 -11.78 -13.55
C VAL A 145 -12.69 -11.07 -14.77
N ASP A 146 -13.19 -11.34 -15.97
CA ASP A 146 -12.69 -10.70 -17.17
C ASP A 146 -13.34 -9.34 -17.45
N ASP A 147 -14.57 -9.13 -17.00
CA ASP A 147 -15.25 -7.82 -17.09
C ASP A 147 -14.56 -6.70 -16.29
N ASP A 148 -14.79 -5.45 -16.72
CA ASP A 148 -14.19 -4.30 -16.04
C ASP A 148 -15.14 -3.96 -14.93
N CYS A 149 -14.67 -3.32 -13.87
CA CYS A 149 -15.58 -2.86 -12.82
C CYS A 149 -16.64 -1.94 -13.43
N GLU A 150 -17.91 -2.31 -13.37
CA GLU A 150 -19.00 -1.34 -13.57
C GLU A 150 -19.62 -1.07 -12.20
N GLU A 151 -19.82 0.19 -11.87
CA GLU A 151 -20.45 0.61 -10.60
C GLU A 151 -21.86 0.14 -10.59
N ILE A 152 -22.41 -0.15 -9.42
CA ILE A 152 -23.82 -0.54 -9.30
C ILE A 152 -24.54 0.48 -8.47
N LYS A 153 -25.12 1.49 -9.11
CA LYS A 153 -25.75 2.58 -8.34
C LYS A 153 -27.10 2.21 -7.68
N ALA A 154 -27.63 1.04 -8.00
CA ALA A 154 -28.98 0.62 -7.58
C ALA A 154 -29.16 -0.89 -7.76
N ALA A 155 -29.69 -1.54 -6.74
CA ALA A 155 -29.94 -2.99 -6.82
C ALA A 155 -30.76 -3.39 -8.06
N GLU A 156 -30.17 -4.25 -8.89
CA GLU A 156 -30.80 -4.71 -10.13
C GLU A 156 -31.40 -6.09 -10.00
N CYS A 157 -32.44 -6.26 -9.21
CA CYS A 157 -32.99 -7.60 -8.97
C CYS A 157 -34.18 -7.89 -9.87
N PRO A 158 -34.38 -9.15 -10.20
CA PRO A 158 -35.60 -9.48 -10.95
C PRO A 158 -36.84 -9.17 -10.14
N ALA A 159 -37.98 -9.09 -10.82
CA ALA A 159 -39.24 -8.70 -10.21
C ALA A 159 -39.58 -9.63 -9.07
N GLY A 160 -40.11 -9.07 -8.00
CA GLY A 160 -40.56 -9.84 -6.86
C GLY A 160 -39.54 -10.12 -5.77
N PHE A 161 -38.29 -9.67 -5.97
CA PHE A 161 -37.30 -9.59 -4.89
C PHE A 161 -37.65 -8.37 -4.07
N VAL A 162 -37.85 -8.53 -2.78
CA VAL A 162 -38.14 -7.39 -1.91
C VAL A 162 -36.88 -6.67 -1.53
N ARG A 163 -35.73 -7.32 -1.64
CA ARG A 163 -34.46 -6.78 -1.13
C ARG A 163 -33.29 -7.53 -1.69
N PRO A 164 -32.10 -6.90 -1.66
CA PRO A 164 -30.88 -7.55 -2.18
C PRO A 164 -30.45 -8.70 -1.27
N PRO A 165 -30.20 -9.88 -1.84
CA PRO A 165 -29.71 -10.97 -1.04
C PRO A 165 -28.29 -10.71 -0.51
N LEU A 166 -27.98 -11.35 0.61
CA LEU A 166 -26.67 -11.26 1.25
C LEU A 166 -26.05 -12.66 1.20
N ILE A 167 -24.83 -12.75 0.73
CA ILE A 167 -24.11 -14.00 0.72
C ILE A 167 -22.83 -13.75 1.48
N ILE A 168 -22.68 -14.44 2.59
CA ILE A 168 -21.52 -14.32 3.44
C ILE A 168 -20.59 -15.45 3.10
N PHE A 169 -19.42 -15.08 2.60
CA PHE A 169 -18.43 -16.04 2.16
C PHE A 169 -17.34 -16.01 3.19
N SER A 170 -17.28 -16.99 4.06
CA SER A 170 -16.38 -16.95 5.22
C SER A 170 -15.24 -17.90 4.99
N VAL A 171 -14.06 -17.55 5.44
CA VAL A 171 -12.91 -18.45 5.26
C VAL A 171 -12.04 -18.52 6.51
N ASP A 172 -11.67 -19.74 6.85
CA ASP A 172 -11.01 -19.99 8.09
C ASP A 172 -9.56 -19.62 7.87
N GLY A 173 -9.03 -18.78 8.75
CA GLY A 173 -7.59 -18.60 8.87
C GLY A 173 -6.98 -17.84 7.73
N PHE A 174 -7.76 -16.96 7.10
CA PHE A 174 -7.32 -16.15 5.95
C PHE A 174 -6.72 -14.86 6.50
N ARG A 175 -5.41 -14.91 6.61
CA ARG A 175 -4.61 -13.81 7.11
C ARG A 175 -4.54 -12.66 6.10
N ALA A 176 -4.53 -11.43 6.62
CA ALA A 176 -4.70 -10.24 5.80
C ALA A 176 -3.61 -10.06 4.74
N SER A 177 -2.37 -10.40 5.07
CA SER A 177 -1.25 -10.45 4.13
C SER A 177 -1.49 -11.25 2.86
N TYR A 178 -2.35 -12.25 2.87
CA TYR A 178 -2.51 -13.05 1.66
C TYR A 178 -3.12 -12.20 0.53
N MET A 179 -3.70 -11.06 0.88
CA MET A 179 -4.20 -10.15 -0.13
C MET A 179 -3.12 -9.50 -1.00
N LYS A 180 -2.02 -9.05 -0.40
CA LYS A 180 -0.89 -8.50 -1.17
C LYS A 180 -0.13 -9.64 -1.86
N LYS A 181 0.38 -10.56 -1.04
CA LYS A 181 1.16 -11.72 -1.51
C LYS A 181 0.29 -12.83 -2.14
N GLY A 182 -0.89 -12.49 -2.65
CA GLY A 182 -1.70 -13.45 -3.41
C GLY A 182 -2.42 -12.83 -4.59
N SER A 183 -2.24 -11.52 -4.81
CA SER A 183 -2.93 -10.81 -5.89
C SER A 183 -2.89 -11.61 -7.20
N LYS A 184 -1.71 -12.12 -7.50
CA LYS A 184 -1.45 -12.84 -8.73
C LYS A 184 -2.20 -14.17 -8.82
N VAL A 185 -2.41 -14.80 -7.67
CA VAL A 185 -2.96 -16.14 -7.62
C VAL A 185 -4.46 -16.21 -7.26
N MET A 186 -5.07 -15.08 -6.88
CA MET A 186 -6.48 -15.03 -6.50
C MET A 186 -7.20 -13.92 -7.25
N PRO A 187 -7.24 -14.00 -8.58
CA PRO A 187 -7.81 -12.86 -9.34
C PRO A 187 -9.26 -12.56 -9.05
N ASN A 188 -10.13 -13.57 -8.92
CA ASN A 188 -11.52 -13.27 -8.58
C ASN A 188 -11.67 -12.52 -7.26
N ILE A 189 -10.88 -12.90 -6.26
CA ILE A 189 -10.96 -12.27 -4.93
C ILE A 189 -10.41 -10.88 -5.01
N GLU A 190 -9.35 -10.73 -5.80
CA GLU A 190 -8.79 -9.41 -6.15
C GLU A 190 -9.77 -8.43 -6.83
N LYS A 191 -10.53 -8.94 -7.79
CA LYS A 191 -11.61 -8.16 -8.38
C LYS A 191 -12.70 -7.79 -7.37
N LEU A 192 -13.04 -8.67 -6.42
CA LEU A 192 -14.00 -8.27 -5.37
C LEU A 192 -13.41 -7.12 -4.59
N ARG A 193 -12.17 -7.30 -4.11
CA ARG A 193 -11.49 -6.31 -3.28
C ARG A 193 -11.48 -4.95 -3.95
N SER A 194 -11.05 -4.96 -5.22
CA SER A 194 -10.75 -3.74 -5.95
C SER A 194 -12.06 -3.03 -6.35
N CYS A 195 -13.04 -3.75 -6.88
CA CYS A 195 -14.27 -3.07 -7.30
C CYS A 195 -15.15 -2.70 -6.13
N GLY A 196 -15.09 -3.48 -5.07
CA GLY A 196 -15.96 -3.31 -3.93
C GLY A 196 -15.38 -2.37 -2.89
N THR A 197 -15.91 -2.50 -1.68
CA THR A 197 -15.39 -1.83 -0.51
C THR A 197 -14.48 -2.78 0.22
N HIS A 198 -13.39 -2.28 0.82
CA HIS A 198 -12.50 -3.16 1.60
C HIS A 198 -11.65 -2.40 2.59
N SER A 199 -11.10 -3.12 3.55
CA SER A 199 -10.16 -2.52 4.49
C SER A 199 -8.80 -3.20 4.35
N PRO A 200 -7.74 -2.55 4.83
CA PRO A 200 -6.46 -3.23 4.82
C PRO A 200 -6.47 -4.52 5.62
N TYR A 201 -7.18 -4.53 6.73
CA TYR A 201 -7.36 -5.74 7.48
C TYR A 201 -8.63 -5.56 8.32
N MET A 202 -9.09 -6.67 8.90
CA MET A 202 -10.15 -6.65 9.90
C MET A 202 -9.58 -7.35 11.13
N ARG A 203 -9.86 -6.80 12.31
CA ARG A 203 -9.35 -7.37 13.57
C ARG A 203 -10.34 -8.38 14.17
N PRO A 204 -9.90 -9.62 14.39
CA PRO A 204 -10.72 -10.58 15.11
C PRO A 204 -10.76 -10.28 16.61
N VAL A 205 -11.50 -11.11 17.36
CA VAL A 205 -11.57 -11.02 18.83
C VAL A 205 -10.57 -11.96 19.50
N TYR A 206 -10.05 -11.60 20.67
CA TYR A 206 -9.38 -12.58 21.52
C TYR A 206 -10.40 -13.54 22.14
N PRO A 207 -10.12 -14.83 22.15
CA PRO A 207 -8.97 -15.49 21.59
C PRO A 207 -9.12 -15.65 20.09
N THR A 208 -8.02 -15.58 19.35
CA THR A 208 -8.07 -15.66 17.90
C THR A 208 -8.18 -17.12 17.41
N LYS A 209 -9.32 -17.73 17.73
CA LYS A 209 -9.65 -19.13 17.44
C LYS A 209 -10.93 -19.13 16.60
N THR A 210 -11.26 -20.26 15.99
CA THR A 210 -12.34 -20.27 15.00
C THR A 210 -13.71 -20.01 15.62
N PHE A 211 -14.10 -20.87 16.55
CA PHE A 211 -15.48 -20.89 17.04
C PHE A 211 -15.85 -19.57 17.70
N PRO A 212 -15.01 -19.08 18.63
CA PRO A 212 -15.21 -17.75 19.23
C PRO A 212 -15.30 -16.62 18.23
N ASN A 213 -14.54 -16.70 17.14
CA ASN A 213 -14.59 -15.65 16.13
C ASN A 213 -15.76 -15.75 15.18
N LEU A 214 -16.11 -16.96 14.77
CA LEU A 214 -17.25 -17.14 13.90
C LEU A 214 -18.54 -16.74 14.59
N TYR A 215 -18.67 -17.04 15.87
CA TYR A 215 -19.90 -16.73 16.57
C TYR A 215 -19.99 -15.25 16.91
N THR A 216 -18.88 -14.60 17.24
CA THR A 216 -18.88 -13.13 17.32
C THR A 216 -19.31 -12.52 15.99
N LEU A 217 -18.70 -12.98 14.92
CA LEU A 217 -19.04 -12.50 13.62
C LEU A 217 -20.55 -12.50 13.51
N ALA A 218 -21.16 -13.63 13.81
CA ALA A 218 -22.61 -13.83 13.64
C ALA A 218 -23.52 -13.15 14.66
N THR A 219 -22.97 -12.77 15.82
CA THR A 219 -23.76 -12.25 16.94
C THR A 219 -23.44 -10.84 17.34
N GLY A 220 -22.23 -10.39 17.07
CA GLY A 220 -21.82 -9.03 17.37
C GLY A 220 -21.30 -8.88 18.77
N LEU A 221 -21.07 -10.01 19.44
CA LEU A 221 -20.73 -10.05 20.86
C LEU A 221 -19.32 -10.52 21.11
N TYR A 222 -18.70 -9.95 22.14
CA TYR A 222 -17.44 -10.52 22.67
C TYR A 222 -17.66 -11.95 23.12
N PRO A 223 -16.64 -12.78 23.00
CA PRO A 223 -16.72 -14.09 23.58
C PRO A 223 -17.13 -14.11 25.06
N GLU A 224 -16.66 -13.19 25.89
CA GLU A 224 -17.08 -13.27 27.28
C GLU A 224 -18.60 -13.33 27.36
N SER A 225 -19.32 -12.65 26.47
CA SER A 225 -20.79 -12.50 26.53
C SER A 225 -21.56 -13.54 25.72
N HIS A 226 -21.05 -14.03 24.61
CA HIS A 226 -21.83 -15.02 23.86
C HIS A 226 -21.52 -16.41 24.36
N GLY A 227 -20.41 -16.54 25.08
CA GLY A 227 -20.13 -17.71 25.91
C GLY A 227 -19.21 -18.77 25.36
N ILE A 228 -18.83 -18.65 24.11
CA ILE A 228 -17.91 -19.60 23.51
C ILE A 228 -16.51 -19.04 23.69
N VAL A 229 -15.95 -19.29 24.85
CA VAL A 229 -14.65 -18.73 25.23
C VAL A 229 -13.48 -19.63 24.83
N GLY A 230 -13.80 -20.84 24.35
CA GLY A 230 -12.80 -21.81 23.89
C GLY A 230 -13.47 -23.14 23.56
N ASN A 231 -12.73 -24.14 23.11
CA ASN A 231 -13.32 -25.44 22.69
C ASN A 231 -13.71 -26.34 23.83
N SER A 232 -12.81 -26.50 24.79
CA SER A 232 -13.14 -27.16 26.06
C SER A 232 -13.35 -26.03 27.05
N MET A 233 -14.41 -26.12 27.85
CA MET A 233 -14.60 -25.16 28.93
C MET A 233 -15.12 -25.78 30.19
N TYR A 234 -14.46 -25.43 31.29
CA TYR A 234 -14.81 -25.96 32.59
C TYR A 234 -15.78 -24.99 33.23
N ASP A 235 -16.91 -25.54 33.68
CA ASP A 235 -17.86 -24.80 34.44
C ASP A 235 -17.76 -25.21 35.90
N PRO A 236 -17.32 -24.27 36.77
CA PRO A 236 -17.20 -24.58 38.19
C PRO A 236 -18.52 -24.63 38.96
N VAL A 237 -19.61 -24.23 38.33
CA VAL A 237 -20.93 -24.36 38.97
C VAL A 237 -21.31 -25.84 38.98
N PHE A 238 -21.07 -26.52 37.86
CA PHE A 238 -21.36 -27.93 37.72
C PHE A 238 -20.16 -28.84 37.96
N ASP A 239 -18.97 -28.28 38.06
CA ASP A 239 -17.73 -29.06 38.07
C ASP A 239 -17.71 -30.06 36.89
N ALA A 240 -18.18 -29.61 35.73
CA ALA A 240 -17.95 -30.41 34.52
C ALA A 240 -17.46 -29.60 33.33
N THR A 241 -16.77 -30.29 32.44
CA THR A 241 -16.15 -29.75 31.26
C THR A 241 -16.99 -30.05 30.02
N PHE A 242 -17.09 -29.07 29.13
CA PHE A 242 -17.89 -29.20 27.93
C PHE A 242 -17.01 -28.98 26.72
N HIS A 243 -17.07 -29.93 25.78
CA HIS A 243 -16.29 -29.94 24.52
C HIS A 243 -17.19 -29.63 23.30
N LEU A 244 -16.82 -28.65 22.47
CA LEU A 244 -17.68 -28.23 21.36
C LEU A 244 -17.73 -29.24 20.19
N PHE A 250 -22.74 -28.76 16.70
CA PHE A 250 -22.82 -27.49 17.41
C PHE A 250 -24.26 -26.98 17.38
N ASN A 251 -24.80 -26.64 18.55
CA ASN A 251 -26.14 -26.05 18.61
C ASN A 251 -26.15 -24.59 19.04
N HIS A 252 -26.40 -23.76 18.06
CA HIS A 252 -26.47 -22.31 18.20
CA HIS A 252 -26.38 -22.30 18.29
C HIS A 252 -27.23 -21.90 19.48
N ARG A 253 -28.23 -22.68 19.82
CA ARG A 253 -29.30 -22.22 20.71
C ARG A 253 -29.00 -22.14 22.22
N TRP A 254 -27.99 -22.87 22.70
CA TRP A 254 -27.65 -22.90 24.13
C TRP A 254 -26.67 -21.78 24.55
N TRP A 255 -26.30 -20.97 23.55
CA TRP A 255 -25.27 -19.97 23.68
C TRP A 255 -25.87 -18.62 23.73
N GLY A 256 -25.07 -17.66 24.15
CA GLY A 256 -25.50 -16.28 24.26
C GLY A 256 -25.85 -15.60 22.93
N GLY A 257 -26.43 -14.41 23.05
CA GLY A 257 -26.68 -13.58 21.91
C GLY A 257 -27.65 -14.18 20.92
N GLN A 258 -28.13 -13.33 20.02
CA GLN A 258 -28.95 -13.70 18.90
C GLN A 258 -28.10 -13.64 17.61
N PRO A 259 -27.83 -14.78 16.97
CA PRO A 259 -27.11 -14.73 15.74
C PRO A 259 -27.98 -14.19 14.62
N LEU A 260 -27.36 -14.00 13.47
CA LEU A 260 -27.94 -13.28 12.36
C LEU A 260 -29.09 -14.03 11.74
N TRP A 261 -28.92 -15.34 11.56
CA TRP A 261 -29.94 -16.17 10.92
C TRP A 261 -31.22 -16.18 11.77
N ILE A 262 -31.06 -16.08 13.09
CA ILE A 262 -32.23 -15.93 13.94
C ILE A 262 -32.81 -14.56 13.79
N THR A 263 -32.04 -13.51 14.12
CA THR A 263 -32.50 -12.12 13.95
C THR A 263 -33.34 -11.91 12.68
N ALA A 264 -32.89 -12.46 11.57
CA ALA A 264 -33.60 -12.35 10.28
C ALA A 264 -34.88 -13.12 10.29
N THR A 265 -34.84 -14.34 10.81
CA THR A 265 -36.04 -15.16 10.91
C THR A 265 -37.17 -14.52 11.75
N LYS A 266 -36.85 -14.07 12.96
CA LYS A 266 -37.80 -13.35 13.79
C LYS A 266 -38.42 -12.13 13.08
N GLN A 267 -37.75 -11.55 12.08
CA GLN A 267 -38.28 -10.36 11.42
C GLN A 267 -38.74 -10.66 9.98
N GLY A 268 -39.22 -11.89 9.78
CA GLY A 268 -39.88 -12.26 8.55
C GLY A 268 -39.00 -12.35 7.32
N VAL A 269 -37.68 -12.43 7.53
CA VAL A 269 -36.70 -12.61 6.45
C VAL A 269 -36.13 -14.03 6.53
N LYS A 270 -36.40 -14.84 5.49
CA LYS A 270 -35.96 -16.25 5.45
C LYS A 270 -34.41 -16.36 5.30
N ALA A 271 -33.78 -17.13 6.20
CA ALA A 271 -32.33 -17.42 6.15
C ALA A 271 -32.00 -18.81 5.58
N GLY A 272 -30.88 -18.95 4.89
CA GLY A 272 -30.40 -20.28 4.45
C GLY A 272 -29.55 -20.84 5.57
N THR A 273 -28.90 -22.00 5.38
CA THR A 273 -27.99 -22.47 6.44
C THR A 273 -26.75 -21.62 6.44
N PHE A 274 -26.19 -21.50 7.63
CA PHE A 274 -24.87 -20.96 7.83
C PHE A 274 -23.88 -22.09 8.13
N PHE A 275 -24.31 -23.34 7.93
CA PHE A 275 -23.55 -24.52 8.34
C PHE A 275 -23.68 -25.54 7.26
N TRP A 276 -22.59 -26.27 7.02
CA TRP A 276 -22.56 -27.31 6.02
C TRP A 276 -21.94 -28.56 6.60
N SER A 277 -22.30 -29.68 5.99
CA SER A 277 -21.80 -30.98 6.35
C SER A 277 -20.46 -31.13 5.65
N VAL A 278 -19.42 -31.48 6.39
CA VAL A 278 -18.08 -31.30 5.84
C VAL A 278 -17.88 -32.10 4.58
N VAL A 279 -18.51 -33.25 4.44
CA VAL A 279 -18.28 -34.05 3.20
C VAL A 279 -18.91 -33.46 1.95
N ILE A 280 -19.74 -32.43 2.10
CA ILE A 280 -20.32 -31.72 0.97
C ILE A 280 -19.28 -30.80 0.41
N PRO A 281 -18.82 -31.05 -0.83
CA PRO A 281 -17.70 -30.31 -1.35
C PRO A 281 -18.07 -28.86 -1.74
N HIS A 282 -17.06 -28.00 -1.88
CA HIS A 282 -17.35 -26.56 -1.96
C HIS A 282 -18.14 -26.20 -3.22
N GLU A 283 -17.84 -26.88 -4.32
CA GLU A 283 -18.49 -26.62 -5.59
C GLU A 283 -20.00 -26.90 -5.48
N ARG A 284 -20.35 -27.98 -4.77
CA ARG A 284 -21.75 -28.36 -4.57
C ARG A 284 -22.47 -27.35 -3.69
N ARG A 285 -21.76 -26.76 -2.74
CA ARG A 285 -22.38 -25.79 -1.85
C ARG A 285 -22.75 -24.54 -2.63
N ILE A 286 -21.97 -24.25 -3.66
CA ILE A 286 -22.18 -23.03 -4.45
C ILE A 286 -23.38 -23.22 -5.36
N LEU A 287 -23.40 -24.34 -6.07
CA LEU A 287 -24.54 -24.69 -6.94
C LEU A 287 -25.83 -24.68 -6.13
N THR A 288 -25.77 -25.27 -4.93
CA THR A 288 -26.87 -25.28 -3.97
C THR A 288 -27.39 -23.88 -3.63
N ILE A 289 -26.50 -22.90 -3.55
CA ILE A 289 -26.90 -21.55 -3.18
C ILE A 289 -27.50 -20.84 -4.38
N LEU A 290 -26.94 -21.13 -5.55
CA LEU A 290 -27.44 -20.57 -6.80
C LEU A 290 -28.80 -21.20 -7.13
N GLN A 291 -28.92 -22.46 -6.77
CA GLN A 291 -30.11 -23.25 -6.98
C GLN A 291 -31.20 -22.61 -6.15
N TRP A 292 -30.89 -22.34 -4.87
CA TRP A 292 -31.88 -21.76 -3.97
C TRP A 292 -32.27 -20.39 -4.45
N LEU A 293 -31.31 -19.63 -4.98
CA LEU A 293 -31.60 -18.28 -5.46
C LEU A 293 -32.62 -18.21 -6.65
N THR A 294 -32.75 -19.29 -7.43
CA THR A 294 -33.80 -19.38 -8.46
C THR A 294 -35.21 -19.82 -7.95
N LEU A 295 -35.30 -20.30 -6.71
CA LEU A 295 -36.60 -20.64 -6.14
C LEU A 295 -37.51 -19.41 -6.08
N PRO A 296 -38.79 -19.67 -5.92
CA PRO A 296 -39.84 -18.66 -5.90
C PRO A 296 -39.92 -17.85 -4.65
N ASP A 297 -40.45 -16.65 -4.78
CA ASP A 297 -40.49 -15.73 -3.68
C ASP A 297 -40.98 -16.34 -2.38
N HIS A 298 -41.95 -17.20 -2.37
CA HIS A 298 -42.42 -17.62 -1.06
C HIS A 298 -41.49 -18.58 -0.36
N GLU A 299 -40.57 -19.17 -1.09
CA GLU A 299 -39.54 -20.08 -0.50
C GLU A 299 -38.11 -19.46 -0.33
N ARG A 300 -37.66 -18.73 -1.34
CA ARG A 300 -36.29 -18.20 -1.47
C ARG A 300 -35.75 -17.37 -0.28
N PRO A 301 -34.61 -17.80 0.33
CA PRO A 301 -34.04 -17.01 1.43
C PRO A 301 -33.31 -15.76 0.99
N SER A 302 -33.34 -14.74 1.85
CA SER A 302 -32.64 -13.48 1.58
C SER A 302 -31.16 -13.45 2.02
N VAL A 303 -30.75 -14.33 2.94
CA VAL A 303 -29.37 -14.39 3.41
C VAL A 303 -28.83 -15.81 3.39
N TYR A 304 -27.62 -15.98 2.88
CA TYR A 304 -26.97 -17.30 2.72
C TYR A 304 -25.55 -17.24 3.28
N ALA A 305 -24.93 -18.44 3.47
CA ALA A 305 -23.53 -18.51 3.96
C ALA A 305 -22.73 -19.73 3.52
N PHE A 306 -21.55 -19.45 2.99
CA PHE A 306 -20.54 -20.42 2.59
C PHE A 306 -19.44 -20.39 3.65
N TYR A 307 -18.82 -21.54 3.92
CA TYR A 307 -17.69 -21.63 4.85
C TYR A 307 -16.61 -22.51 4.24
N SER A 308 -15.34 -22.16 4.46
CA SER A 308 -14.20 -22.96 4.01
C SER A 308 -13.28 -23.19 5.17
N GLU A 309 -12.81 -24.43 5.34
CA GLU A 309 -11.82 -24.73 6.38
C GLU A 309 -10.46 -24.26 5.95
N GLN A 310 -10.33 -23.98 4.67
CA GLN A 310 -9.12 -23.45 4.09
C GLN A 310 -9.18 -21.92 3.96
N PRO A 311 -8.04 -21.23 4.14
CA PRO A 311 -6.70 -21.78 4.19
C PRO A 311 -6.16 -22.15 5.57
N ASP A 312 -6.99 -22.15 6.62
CA ASP A 312 -6.56 -22.55 7.97
C ASP A 312 -5.96 -23.95 7.93
N PHE A 313 -6.63 -24.90 7.27
CA PHE A 313 -6.16 -26.30 7.32
C PHE A 313 -4.70 -26.42 6.89
N SER A 314 -4.36 -25.93 5.69
CA SER A 314 -3.00 -26.04 5.16
C SER A 314 -2.05 -25.21 6.00
N GLY A 315 -2.51 -24.04 6.45
CA GLY A 315 -1.73 -23.17 7.31
C GLY A 315 -1.14 -23.85 8.53
N HIS A 316 -1.93 -24.65 9.22
CA HIS A 316 -1.41 -25.39 10.37
C HIS A 316 -0.28 -26.31 9.93
N LYS A 317 -0.54 -27.06 8.88
CA LYS A 317 0.43 -27.99 8.33
C LYS A 317 1.73 -27.33 7.79
N TYR A 318 1.62 -26.25 7.02
CA TYR A 318 2.77 -25.70 6.30
C TYR A 318 3.26 -24.35 6.76
N GLY A 319 2.48 -23.68 7.60
CA GLY A 319 2.81 -22.32 8.01
C GLY A 319 2.32 -21.35 6.95
N PRO A 320 1.98 -20.12 7.35
CA PRO A 320 1.42 -19.10 6.47
C PRO A 320 2.32 -18.70 5.31
N PHE A 321 3.62 -18.87 5.45
CA PHE A 321 4.51 -18.50 4.35
C PHE A 321 5.04 -19.69 3.56
N GLY A 322 4.64 -20.90 3.95
CA GLY A 322 4.97 -22.09 3.16
C GLY A 322 4.56 -21.93 1.70
N PRO A 323 5.39 -22.43 0.76
CA PRO A 323 4.95 -22.41 -0.64
C PRO A 323 3.72 -23.29 -0.92
N GLU A 324 3.47 -24.24 -0.02
CA GLU A 324 2.28 -25.09 -0.09
C GLU A 324 0.97 -24.30 0.08
N MET A 325 1.05 -23.07 0.59
CA MET A 325 -0.10 -22.20 0.73
C MET A 325 -0.68 -21.73 -0.59
N THR A 326 0.11 -21.80 -1.65
CA THR A 326 -0.29 -21.15 -2.91
C THR A 326 -1.52 -21.82 -3.53
N ASN A 327 -1.51 -23.13 -3.65
CA ASN A 327 -2.67 -23.85 -4.21
C ASN A 327 -3.98 -23.57 -3.47
N PRO A 328 -3.98 -23.72 -2.13
CA PRO A 328 -5.22 -23.55 -1.38
C PRO A 328 -5.88 -22.22 -1.55
N LEU A 329 -5.12 -21.16 -1.75
CA LEU A 329 -5.71 -19.87 -2.03
C LEU A 329 -6.25 -19.83 -3.44
N ARG A 330 -5.48 -20.33 -4.41
CA ARG A 330 -5.96 -20.42 -5.79
C ARG A 330 -7.30 -21.14 -5.76
N GLU A 331 -7.38 -22.22 -4.99
CA GLU A 331 -8.59 -23.04 -4.97
C GLU A 331 -9.81 -22.33 -4.36
N ILE A 332 -9.58 -21.58 -3.28
CA ILE A 332 -10.60 -20.73 -2.71
C ILE A 332 -11.05 -19.70 -3.74
N ASP A 333 -10.11 -19.19 -4.53
CA ASP A 333 -10.45 -18.20 -5.53
C ASP A 333 -11.31 -18.79 -6.64
N LYS A 334 -11.07 -20.05 -6.96
CA LYS A 334 -11.90 -20.72 -7.96
C LYS A 334 -13.35 -20.77 -7.49
N ILE A 335 -13.55 -21.08 -6.22
CA ILE A 335 -14.89 -21.18 -5.70
C ILE A 335 -15.52 -19.80 -5.74
N VAL A 336 -14.77 -18.77 -5.38
CA VAL A 336 -15.29 -17.41 -5.52
C VAL A 336 -15.57 -17.02 -7.00
N GLY A 337 -14.81 -17.62 -7.93
CA GLY A 337 -15.07 -17.49 -9.36
C GLY A 337 -16.40 -18.07 -9.77
N GLN A 338 -16.60 -19.36 -9.48
CA GLN A 338 -17.87 -20.05 -9.72
C GLN A 338 -19.02 -19.27 -9.12
N LEU A 339 -18.82 -18.72 -7.94
CA LEU A 339 -19.87 -17.94 -7.36
C LEU A 339 -20.27 -16.82 -8.28
N MET A 340 -19.31 -16.05 -8.75
CA MET A 340 -19.65 -14.88 -9.54
C MET A 340 -20.09 -15.26 -10.94
N ASP A 341 -19.38 -16.16 -11.60
CA ASP A 341 -19.82 -16.63 -12.90
C ASP A 341 -21.27 -17.14 -12.81
N GLY A 342 -21.61 -17.78 -11.69
CA GLY A 342 -22.95 -18.32 -11.48
C GLY A 342 -24.01 -17.26 -11.27
N LEU A 343 -23.71 -16.28 -10.46
CA LEU A 343 -24.66 -15.21 -10.23
C LEU A 343 -24.96 -14.53 -11.55
N LYS A 344 -23.90 -14.24 -12.29
CA LYS A 344 -23.98 -13.52 -13.57
C LYS A 344 -24.89 -14.21 -14.57
N GLN A 345 -24.80 -15.53 -14.64
CA GLN A 345 -25.66 -16.22 -15.56
C GLN A 345 -27.07 -16.37 -15.03
N LEU A 346 -27.36 -15.84 -13.84
CA LEU A 346 -28.75 -15.72 -13.38
C LEU A 346 -29.19 -14.27 -13.28
N LYS A 347 -28.43 -13.38 -13.92
CA LYS A 347 -28.67 -11.93 -13.88
C LYS A 347 -28.71 -11.38 -12.44
N LEU A 348 -27.93 -11.99 -11.56
CA LEU A 348 -27.98 -11.62 -10.14
C LEU A 348 -26.69 -10.98 -9.66
N HIS A 349 -25.69 -10.91 -10.54
CA HIS A 349 -24.39 -10.32 -10.23
C HIS A 349 -24.36 -8.80 -9.91
N ARG A 350 -25.40 -8.05 -10.26
CA ARG A 350 -25.51 -6.63 -9.83
C ARG A 350 -26.70 -6.44 -8.88
N CYS A 351 -27.08 -7.52 -8.19
CA CYS A 351 -28.26 -7.56 -7.31
C CYS A 351 -27.96 -8.07 -5.89
N VAL A 352 -27.08 -9.06 -5.80
CA VAL A 352 -26.61 -9.59 -4.53
C VAL A 352 -25.41 -8.82 -3.96
N ASN A 353 -25.35 -8.76 -2.63
CA ASN A 353 -24.21 -8.27 -1.87
C ASN A 353 -23.43 -9.46 -1.32
N VAL A 354 -22.12 -9.43 -1.54
CA VAL A 354 -21.22 -10.43 -1.05
C VAL A 354 -20.27 -9.85 -0.02
N ILE A 355 -20.12 -10.55 1.10
CA ILE A 355 -19.11 -10.30 2.08
C ILE A 355 -18.14 -11.45 2.07
N PHE A 356 -16.90 -11.15 1.71
CA PHE A 356 -15.79 -12.11 1.83
C PHE A 356 -15.11 -11.73 3.14
N VAL A 357 -15.08 -12.65 4.08
CA VAL A 357 -14.66 -12.32 5.46
C VAL A 357 -13.91 -13.50 6.11
N GLY A 358 -13.07 -13.19 7.10
CA GLY A 358 -12.23 -14.18 7.75
C GLY A 358 -12.35 -14.20 9.27
N ASP A 359 -12.26 -15.36 9.86
CA ASP A 359 -12.35 -15.41 11.32
C ASP A 359 -11.07 -14.95 12.04
N HIS A 360 -9.91 -15.25 11.44
CA HIS A 360 -8.64 -14.85 12.01
C HIS A 360 -7.50 -15.21 11.09
N GLY A 361 -6.26 -14.95 11.51
CA GLY A 361 -5.06 -15.20 10.70
C GLY A 361 -4.29 -16.46 11.02
N MET A 362 -2.96 -16.42 10.80
CA MET A 362 -2.09 -17.58 11.04
C MET A 362 -0.63 -17.16 11.23
N GLU A 363 0.03 -17.72 12.24
CA GLU A 363 1.42 -17.38 12.58
C GLU A 363 2.28 -18.61 12.41
N ASP A 364 3.60 -18.39 12.28
CA ASP A 364 4.55 -19.49 12.25
C ASP A 364 4.73 -19.97 13.68
N VAL A 365 4.47 -21.26 13.92
CA VAL A 365 4.68 -21.84 15.24
C VAL A 365 5.06 -23.28 15.09
N THR A 366 6.20 -23.66 15.66
CA THR A 366 6.69 -25.04 15.54
C THR A 366 6.92 -25.67 16.91
N CYS A 367 7.06 -26.98 16.91
CA CYS A 367 7.25 -27.76 18.16
C CYS A 367 8.36 -27.20 19.03
N ASP A 368 9.53 -26.97 18.44
CA ASP A 368 10.67 -26.51 19.21
C ASP A 368 10.50 -25.10 19.88
N ARG A 369 9.56 -24.28 19.42
CA ARG A 369 9.21 -23.04 20.17
C ARG A 369 8.07 -23.27 21.18
N THR A 370 8.38 -23.98 22.25
CA THR A 370 7.37 -24.38 23.21
C THR A 370 7.95 -24.20 24.60
N GLU A 371 7.43 -23.26 25.37
CA GLU A 371 7.76 -23.16 26.81
C GLU A 371 6.99 -24.22 27.59
N PHE A 372 7.54 -24.71 28.68
CA PHE A 372 6.93 -25.78 29.46
C PHE A 372 6.72 -25.34 30.89
N LEU A 373 5.54 -25.59 31.45
CA LEU A 373 5.29 -25.11 32.80
C LEU A 373 6.14 -25.83 33.85
N SER A 374 6.42 -27.11 33.64
CA SER A 374 7.31 -27.88 34.52
C SER A 374 8.71 -27.27 34.79
N ASN A 375 9.16 -26.36 33.91
CA ASN A 375 10.36 -25.57 34.16
C ASN A 375 10.15 -24.35 35.04
N TYR A 376 8.93 -24.10 35.47
CA TYR A 376 8.62 -22.98 36.36
C TYR A 376 7.99 -23.41 37.69
N LEU A 377 7.26 -24.52 37.66
CA LEU A 377 6.45 -24.95 38.78
C LEU A 377 6.88 -26.29 39.40
N THR A 378 6.96 -26.23 40.73
CA THR A 378 7.20 -27.36 41.60
C THR A 378 6.28 -28.53 41.29
N ASN A 379 4.98 -28.36 41.46
CA ASN A 379 4.04 -29.47 41.24
C ASN A 379 3.11 -29.17 40.05
N VAL A 380 3.54 -29.54 38.86
CA VAL A 380 2.80 -29.29 37.65
C VAL A 380 1.71 -30.33 37.41
N ASP A 381 1.70 -31.42 38.18
CA ASP A 381 0.65 -32.43 38.07
C ASP A 381 -0.59 -32.04 38.88
N ASP A 382 -0.50 -30.93 39.58
CA ASP A 382 -1.58 -30.40 40.41
C ASP A 382 -2.40 -29.34 39.66
N ILE A 383 -2.03 -29.07 38.41
CA ILE A 383 -2.72 -28.07 37.60
C ILE A 383 -3.24 -28.74 36.33
N THR A 384 -4.24 -28.11 35.75
CA THR A 384 -4.75 -28.51 34.46
C THR A 384 -4.52 -27.32 33.59
N LEU A 385 -3.93 -27.55 32.42
CA LEU A 385 -3.60 -26.46 31.51
C LEU A 385 -4.19 -26.67 30.14
N VAL A 386 -4.97 -25.73 29.66
CA VAL A 386 -5.33 -25.72 28.23
C VAL A 386 -4.17 -25.05 27.46
N PRO A 387 -3.53 -25.82 26.58
CA PRO A 387 -2.26 -25.41 26.00
C PRO A 387 -2.40 -24.63 24.72
N GLY A 388 -1.27 -24.32 24.11
CA GLY A 388 -1.21 -23.72 22.78
C GLY A 388 -0.81 -22.26 22.81
N THR A 389 -1.53 -21.44 22.06
CA THR A 389 -1.15 -20.05 21.88
C THR A 389 -1.78 -19.19 22.91
N LEU A 390 -2.52 -19.80 23.82
CA LEU A 390 -2.92 -19.16 25.06
C LEU A 390 -2.94 -20.22 26.10
N GLY A 391 -2.71 -19.84 27.35
CA GLY A 391 -2.78 -20.79 28.45
C GLY A 391 -3.90 -20.47 29.39
N ARG A 392 -4.65 -21.49 29.82
CA ARG A 392 -5.66 -21.32 30.87
C ARG A 392 -5.39 -22.35 31.98
N ILE A 393 -5.17 -21.88 33.21
CA ILE A 393 -4.76 -22.73 34.32
C ILE A 393 -5.74 -22.70 35.48
N ARG A 394 -5.85 -23.87 36.08
CA ARG A 394 -6.93 -24.26 36.93
C ARG A 394 -6.42 -25.41 37.82
N SER A 395 -6.82 -25.45 39.08
CA SER A 395 -6.58 -26.66 39.87
C SER A 395 -7.26 -27.84 39.24
N LYS A 396 -6.52 -28.94 39.21
CA LYS A 396 -6.98 -30.23 38.73
C LYS A 396 -7.76 -30.92 39.81
N PHE A 397 -7.38 -30.69 41.08
CA PHE A 397 -8.03 -31.42 42.20
C PHE A 397 -8.88 -30.49 43.09
N SER A 398 -10.01 -30.99 43.55
CA SER A 398 -11.06 -30.15 44.17
C SER A 398 -10.79 -29.69 45.62
N ASN A 399 -10.23 -30.55 46.45
CA ASN A 399 -9.98 -30.20 47.86
C ASN A 399 -8.50 -29.86 48.17
N ASN A 400 -7.71 -29.61 47.12
CA ASN A 400 -6.26 -29.40 47.25
C ASN A 400 -5.93 -28.05 47.89
N ALA A 401 -5.61 -28.07 49.19
CA ALA A 401 -5.26 -26.84 49.91
C ALA A 401 -3.87 -26.37 49.57
N LYS A 402 -3.06 -27.25 48.97
CA LYS A 402 -1.71 -26.89 48.49
C LYS A 402 -1.73 -25.95 47.27
N TYR A 403 -2.89 -25.77 46.63
CA TYR A 403 -3.00 -24.96 45.40
C TYR A 403 -3.20 -23.50 45.75
N ASP A 404 -2.35 -22.64 45.20
CA ASP A 404 -2.29 -21.22 45.56
C ASP A 404 -2.09 -20.35 44.31
N PRO A 405 -3.17 -19.68 43.85
CA PRO A 405 -2.98 -18.93 42.62
C PRO A 405 -1.89 -17.86 42.69
N LYS A 406 -1.77 -17.16 43.81
CA LYS A 406 -0.77 -16.10 43.95
C LYS A 406 0.65 -16.68 43.74
N ALA A 407 0.87 -17.90 44.25
CA ALA A 407 2.17 -18.54 44.15
C ALA A 407 2.51 -18.92 42.72
N ILE A 408 1.57 -19.59 42.07
CA ILE A 408 1.66 -19.95 40.65
C ILE A 408 2.05 -18.73 39.78
N ILE A 409 1.34 -17.63 39.91
CA ILE A 409 1.61 -16.45 39.07
C ILE A 409 3.00 -15.94 39.33
N ALA A 410 3.36 -15.85 40.61
CA ALA A 410 4.70 -15.40 41.02
C ALA A 410 5.77 -16.27 40.38
N ASN A 411 5.56 -17.58 40.49
CA ASN A 411 6.43 -18.59 39.91
C ASN A 411 6.59 -18.42 38.41
N LEU A 412 5.56 -17.89 37.75
CA LEU A 412 5.59 -17.72 36.29
C LEU A 412 6.01 -16.33 35.84
N THR A 413 6.28 -15.43 36.80
CA THR A 413 6.58 -14.03 36.49
C THR A 413 8.08 -13.70 36.35
N CYS A 414 8.41 -12.97 35.29
CA CYS A 414 9.79 -12.71 34.84
C CYS A 414 10.86 -13.59 35.45
N LYS A 415 10.84 -14.89 35.17
CA LYS A 415 11.88 -15.81 35.66
C LYS A 415 12.99 -16.07 34.64
N LYS A 416 12.84 -15.63 33.41
CA LYS A 416 13.92 -15.67 32.40
C LYS A 416 13.95 -14.32 31.78
N PRO A 417 15.09 -13.93 31.21
CA PRO A 417 15.10 -12.63 30.54
C PRO A 417 14.30 -12.64 29.22
N ASP A 418 14.24 -13.81 28.56
CA ASP A 418 13.61 -13.94 27.25
C ASP A 418 12.33 -14.79 27.35
N GLN A 419 11.62 -14.63 28.46
CA GLN A 419 10.49 -15.51 28.73
C GLN A 419 9.43 -15.31 27.66
N HIS A 420 8.91 -16.40 27.11
CA HIS A 420 8.03 -16.30 25.94
C HIS A 420 6.52 -16.34 26.23
N PHE A 421 6.16 -16.08 27.48
CA PHE A 421 4.77 -15.83 27.84
C PHE A 421 4.74 -14.89 29.03
N LYS A 422 3.59 -14.29 29.30
CA LYS A 422 3.34 -13.56 30.53
C LYS A 422 2.03 -14.01 31.20
N PRO A 423 2.09 -14.27 32.51
CA PRO A 423 0.93 -14.68 33.26
C PRO A 423 0.20 -13.50 33.83
N TYR A 424 -1.10 -13.68 34.01
CA TYR A 424 -2.01 -12.64 34.36
C TYR A 424 -3.18 -13.33 35.03
N LEU A 425 -3.74 -12.76 36.09
CA LEU A 425 -5.09 -13.11 36.46
C LEU A 425 -5.97 -12.42 35.41
N LYS A 426 -7.11 -13.00 35.04
CA LYS A 426 -7.90 -12.44 33.93
C LYS A 426 -8.29 -10.96 34.10
N GLN A 427 -8.52 -10.55 35.34
CA GLN A 427 -8.91 -9.18 35.58
C GLN A 427 -7.76 -8.21 35.31
N HIS A 428 -6.54 -8.69 35.17
CA HIS A 428 -5.41 -7.81 34.87
C HIS A 428 -5.02 -7.81 33.41
N LEU A 429 -5.64 -8.67 32.62
CA LEU A 429 -5.45 -8.64 31.18
C LEU A 429 -5.87 -7.29 30.66
N PRO A 430 -5.19 -6.81 29.61
CA PRO A 430 -5.56 -5.54 29.03
C PRO A 430 -7.02 -5.56 28.62
N LYS A 431 -7.70 -4.47 28.88
CA LYS A 431 -9.15 -4.44 28.77
C LYS A 431 -9.62 -4.61 27.34
N ARG A 432 -8.80 -4.19 26.39
CA ARG A 432 -9.16 -4.32 24.99
C ARG A 432 -9.48 -5.75 24.61
N LEU A 433 -9.00 -6.72 25.37
CA LEU A 433 -9.27 -8.11 25.06
C LEU A 433 -10.67 -8.54 25.39
N HIS A 434 -11.29 -7.87 26.38
CA HIS A 434 -12.64 -8.23 26.82
C HIS A 434 -12.72 -9.72 27.17
N TYR A 435 -11.75 -10.17 27.96
CA TYR A 435 -11.65 -11.60 28.21
C TYR A 435 -11.55 -11.87 29.71
N ALA A 436 -12.68 -11.77 30.40
CA ALA A 436 -12.74 -11.94 31.85
C ALA A 436 -14.15 -12.29 32.36
N ASN A 437 -15.19 -11.61 31.90
CA ASN A 437 -16.49 -11.79 32.50
C ASN A 437 -17.24 -12.98 32.00
N ASN A 438 -16.71 -14.14 32.33
CA ASN A 438 -17.38 -15.39 32.10
C ASN A 438 -16.75 -16.45 32.99
N ARG A 439 -17.59 -17.23 33.66
CA ARG A 439 -17.11 -18.10 34.73
C ARG A 439 -16.42 -19.33 34.21
N ARG A 440 -16.47 -19.52 32.89
CA ARG A 440 -15.68 -20.56 32.24
C ARG A 440 -14.40 -19.96 31.66
N ILE A 441 -14.05 -18.76 32.11
CA ILE A 441 -12.72 -18.25 31.87
C ILE A 441 -11.92 -18.39 33.16
N GLU A 442 -10.99 -19.33 33.14
CA GLU A 442 -10.15 -19.63 34.27
C GLU A 442 -9.36 -18.38 34.69
N ASP A 443 -9.37 -18.11 35.99
CA ASP A 443 -8.70 -16.99 36.61
C ASP A 443 -7.29 -16.74 36.11
N ILE A 444 -6.49 -17.79 35.99
CA ILE A 444 -5.11 -17.66 35.58
C ILE A 444 -4.99 -17.82 34.08
N HIS A 445 -4.42 -16.82 33.42
CA HIS A 445 -4.28 -16.80 31.99
C HIS A 445 -2.85 -16.52 31.59
N LEU A 446 -2.41 -17.16 30.51
CA LEU A 446 -1.10 -16.93 29.96
C LEU A 446 -1.25 -16.35 28.57
N LEU A 447 -0.84 -15.09 28.41
CA LEU A 447 -0.65 -14.50 27.08
C LEU A 447 0.64 -14.95 26.51
N VAL A 448 0.59 -15.68 25.42
CA VAL A 448 1.78 -16.24 24.84
C VAL A 448 2.33 -15.33 23.75
N GLU A 449 3.63 -15.14 23.79
CA GLU A 449 4.30 -14.43 22.72
C GLU A 449 4.05 -15.05 21.34
N ARG A 450 3.75 -14.19 20.39
CA ARG A 450 3.62 -14.55 18.98
CA ARG A 450 3.69 -14.45 18.95
C ARG A 450 4.77 -15.45 18.55
N ARG A 451 4.42 -16.44 17.75
CA ARG A 451 5.31 -17.55 17.29
C ARG A 451 5.55 -18.67 18.30
N TRP A 452 5.04 -18.55 19.51
CA TRP A 452 5.36 -19.53 20.53
C TRP A 452 4.14 -20.30 20.99
N HIS A 453 4.39 -21.43 21.66
CA HIS A 453 3.37 -22.28 22.30
C HIS A 453 3.65 -22.41 23.79
N VAL A 454 2.70 -22.96 24.53
CA VAL A 454 2.89 -23.24 25.93
C VAL A 454 2.28 -24.59 26.20
N ALA A 455 3.06 -25.46 26.83
CA ALA A 455 2.63 -26.79 27.22
C ALA A 455 2.87 -26.98 28.68
N ARG A 456 2.27 -28.03 29.25
CA ARG A 456 2.41 -28.32 30.67
C ARG A 456 3.81 -28.88 30.99
N LYS A 457 4.30 -29.76 30.10
CA LYS A 457 5.53 -30.52 30.32
C LYS A 457 5.84 -31.41 29.16
N PRO A 458 7.12 -31.68 28.87
CA PRO A 458 7.43 -32.60 27.77
C PRO A 458 7.25 -34.08 28.17
N CYS A 469 7.36 -32.16 13.17
CA CYS A 469 6.15 -32.65 13.83
C CYS A 469 4.89 -32.18 13.09
N PHE A 470 3.73 -32.42 13.70
CA PHE A 470 2.43 -32.15 13.06
C PHE A 470 2.40 -30.82 12.30
N PHE A 471 2.76 -29.73 12.97
CA PHE A 471 2.35 -28.41 12.57
C PHE A 471 3.50 -27.43 12.41
N GLN A 472 3.28 -26.43 11.58
CA GLN A 472 4.14 -25.26 11.51
C GLN A 472 3.35 -23.94 11.48
N GLY A 473 2.06 -23.98 11.79
CA GLY A 473 1.25 -22.76 11.82
C GLY A 473 0.23 -22.79 12.95
N ASP A 474 0.01 -21.67 13.61
CA ASP A 474 -1.08 -21.65 14.55
C ASP A 474 -1.55 -20.24 14.77
N HIS A 475 -2.59 -20.11 15.60
CA HIS A 475 -3.23 -18.85 15.91
C HIS A 475 -3.87 -19.02 17.30
N GLY A 476 -4.37 -17.89 17.84
CA GLY A 476 -5.02 -17.82 19.16
C GLY A 476 -4.39 -16.75 20.02
N PHE A 477 -3.34 -16.12 19.50
CA PHE A 477 -2.65 -15.01 20.16
C PHE A 477 -3.44 -13.70 20.26
N ASP A 478 -2.94 -12.82 21.13
CA ASP A 478 -3.33 -11.40 21.22
C ASP A 478 -3.82 -10.88 19.89
N ASN A 479 -5.03 -10.34 19.86
CA ASN A 479 -5.54 -9.92 18.58
C ASN A 479 -4.99 -8.59 18.03
N LYS A 480 -4.04 -7.95 18.71
CA LYS A 480 -3.39 -6.80 18.04
C LYS A 480 -2.21 -7.27 17.18
N VAL A 481 -1.78 -8.51 17.43
CA VAL A 481 -0.72 -9.14 16.62
C VAL A 481 -1.06 -9.11 15.14
N ASN A 482 -0.09 -8.87 14.28
CA ASN A 482 -0.35 -8.77 12.84
C ASN A 482 -0.68 -10.07 12.19
N SER A 483 0.05 -11.12 12.52
CA SER A 483 -0.18 -12.38 11.84
C SER A 483 -1.63 -12.80 12.06
N MET A 484 -2.23 -12.33 13.16
CA MET A 484 -3.63 -12.64 13.47
C MET A 484 -4.66 -11.81 12.70
N GLN A 485 -4.26 -10.71 12.05
CA GLN A 485 -5.26 -9.91 11.34
C GLN A 485 -5.89 -10.66 10.18
N THR A 486 -7.05 -10.23 9.71
CA THR A 486 -7.80 -11.01 8.76
C THR A 486 -8.44 -10.06 7.77
N VAL A 487 -9.24 -10.59 6.86
CA VAL A 487 -9.72 -9.84 5.68
C VAL A 487 -11.20 -9.54 5.76
N PHE A 488 -11.55 -8.50 5.01
CA PHE A 488 -12.92 -8.14 4.78
C PHE A 488 -13.02 -7.47 3.44
N VAL A 489 -13.90 -7.98 2.60
CA VAL A 489 -14.30 -7.33 1.36
C VAL A 489 -15.83 -7.30 1.28
N GLY A 490 -16.34 -6.15 0.87
CA GLY A 490 -17.77 -5.96 0.69
C GLY A 490 -18.08 -5.56 -0.75
N TYR A 491 -18.74 -6.44 -1.47
CA TYR A 491 -19.09 -6.18 -2.83
C TYR A 491 -20.59 -6.23 -3.01
N GLY A 492 -21.14 -5.31 -3.74
CA GLY A 492 -22.54 -5.41 -3.95
C GLY A 492 -23.14 -4.08 -4.15
N SER A 493 -24.45 -4.06 -4.18
CA SER A 493 -25.20 -2.90 -4.54
C SER A 493 -25.33 -1.94 -3.40
N THR A 494 -25.12 -2.42 -2.20
CA THR A 494 -25.34 -1.61 -1.04
C THR A 494 -24.03 -1.16 -0.51
N PHE A 495 -22.96 -1.73 -1.03
CA PHE A 495 -21.62 -1.34 -0.62
C PHE A 495 -21.11 -0.24 -1.54
N LYS A 496 -20.28 0.63 -0.98
CA LYS A 496 -19.59 1.62 -1.79
C LYS A 496 -18.75 1.00 -2.91
N TYR A 497 -18.51 1.80 -3.95
CA TYR A 497 -17.78 1.36 -5.13
C TYR A 497 -16.35 1.81 -5.08
N LYS A 498 -15.44 0.85 -5.29
CA LYS A 498 -14.01 1.10 -5.31
C LYS A 498 -13.53 1.94 -4.15
N THR A 499 -14.06 1.65 -2.96
CA THR A 499 -13.72 2.40 -1.77
C THR A 499 -12.88 1.61 -0.79
N LYS A 500 -11.92 2.29 -0.17
CA LYS A 500 -11.01 1.70 0.82
C LYS A 500 -11.35 2.32 2.15
N VAL A 501 -11.76 1.51 3.12
CA VAL A 501 -12.16 2.01 4.43
C VAL A 501 -11.08 1.59 5.35
N PRO A 502 -10.96 2.23 6.53
CA PRO A 502 -9.92 1.82 7.51
C PRO A 502 -10.23 0.50 8.20
N PRO A 503 -9.23 -0.09 8.86
CA PRO A 503 -9.47 -1.34 9.58
C PRO A 503 -10.45 -1.16 10.72
N PHE A 504 -11.33 -2.13 10.88
CA PHE A 504 -12.35 -2.16 11.92
C PHE A 504 -12.30 -3.52 12.64
N GLU A 505 -13.15 -3.70 13.65
CA GLU A 505 -13.21 -4.95 14.44
C GLU A 505 -14.42 -5.76 14.02
N ASN A 506 -14.23 -7.06 13.81
CA ASN A 506 -15.31 -7.95 13.39
C ASN A 506 -16.55 -7.96 14.26
N ILE A 507 -16.51 -7.38 15.47
CA ILE A 507 -17.75 -7.22 16.24
C ILE A 507 -18.69 -6.21 15.60
N GLU A 508 -18.21 -5.48 14.61
CA GLU A 508 -19.00 -4.42 13.99
C GLU A 508 -19.80 -4.98 12.83
N LEU A 509 -19.38 -6.09 12.28
CA LEU A 509 -20.12 -6.66 11.17
C LEU A 509 -21.60 -7.02 11.44
N TYR A 510 -21.93 -7.55 12.61
CA TYR A 510 -23.31 -8.00 12.85
C TYR A 510 -24.28 -6.84 12.55
N ASN A 511 -23.95 -5.67 13.08
CA ASN A 511 -24.73 -4.48 12.82
C ASN A 511 -24.86 -4.09 11.35
N VAL A 512 -23.81 -4.30 10.57
CA VAL A 512 -23.85 -3.98 9.17
C VAL A 512 -24.69 -4.99 8.40
N MET A 513 -24.51 -6.26 8.69
CA MET A 513 -25.30 -7.29 8.03
C MET A 513 -26.81 -7.11 8.28
N CYS A 514 -27.18 -6.65 9.46
CA CYS A 514 -28.57 -6.35 9.74
C CYS A 514 -29.04 -5.21 8.82
N ASP A 515 -28.22 -4.16 8.74
CA ASP A 515 -28.46 -3.06 7.80
C ASP A 515 -28.70 -3.53 6.37
N LEU A 516 -27.85 -4.40 5.85
CA LEU A 516 -28.06 -4.93 4.50
C LEU A 516 -29.34 -5.74 4.34
N LEU A 517 -29.94 -6.17 5.45
CA LEU A 517 -31.15 -7.01 5.40
C LEU A 517 -32.36 -6.29 5.99
N GLY A 518 -32.22 -5.02 6.31
CA GLY A 518 -33.34 -4.28 6.88
C GLY A 518 -33.80 -4.72 8.25
N LEU A 519 -32.88 -5.27 9.04
CA LEU A 519 -33.21 -5.80 10.35
C LEU A 519 -32.81 -4.85 11.44
N LYS A 520 -33.61 -4.83 12.53
CA LYS A 520 -33.22 -4.18 13.81
C LYS A 520 -32.28 -5.17 14.52
N PRO A 521 -30.98 -4.79 14.68
CA PRO A 521 -30.04 -5.71 15.29
C PRO A 521 -30.28 -5.89 16.77
N ALA A 522 -30.04 -7.09 17.28
CA ALA A 522 -30.19 -7.38 18.71
C ALA A 522 -29.05 -6.74 19.49
N PRO A 523 -29.22 -6.49 20.80
CA PRO A 523 -28.15 -5.78 21.48
C PRO A 523 -26.80 -6.52 21.42
N ASN A 524 -25.76 -5.85 20.94
CA ASN A 524 -24.45 -6.46 20.74
C ASN A 524 -23.34 -5.46 21.13
N ASN A 525 -22.07 -5.83 20.98
CA ASN A 525 -20.97 -4.93 21.34
C ASN A 525 -20.47 -4.08 20.19
N GLY A 526 -21.10 -4.25 19.04
CA GLY A 526 -20.91 -3.33 17.93
C GLY A 526 -21.27 -1.94 18.39
N THR A 527 -21.04 -0.99 17.48
CA THR A 527 -21.44 0.41 17.66
C THR A 527 -22.09 0.85 16.37
N HIS A 528 -23.41 0.90 16.41
CA HIS A 528 -24.22 1.07 15.20
C HIS A 528 -24.02 2.51 14.69
N GLY A 529 -23.55 2.63 13.46
CA GLY A 529 -23.24 3.93 12.89
C GLY A 529 -21.80 3.98 12.47
N SER A 530 -20.94 3.39 13.31
CA SER A 530 -19.46 3.39 13.12
C SER A 530 -18.98 2.83 11.80
N LEU A 531 -19.81 2.03 11.13
CA LEU A 531 -19.48 1.52 9.82
C LEU A 531 -20.42 2.02 8.71
N ASN A 532 -20.93 3.23 8.82
CA ASN A 532 -21.80 3.71 7.75
C ASN A 532 -21.02 4.10 6.47
N HIS A 533 -19.76 4.48 6.64
CA HIS A 533 -18.88 4.76 5.52
C HIS A 533 -18.54 3.57 4.64
N LEU A 534 -19.01 2.36 4.97
CA LEU A 534 -18.87 1.22 4.07
C LEU A 534 -20.01 1.15 3.05
N LEU A 535 -21.09 1.88 3.34
CA LEU A 535 -22.34 1.68 2.60
C LEU A 535 -22.79 2.85 1.76
N ARG A 536 -23.20 2.50 0.55
CA ARG A 536 -23.77 3.43 -0.40
C ARG A 536 -25.09 3.93 0.16
N THR A 537 -25.99 2.99 0.44
CA THR A 537 -27.35 3.28 0.95
C THR A 537 -27.49 2.60 2.31
N ASN A 538 -28.72 2.33 2.74
CA ASN A 538 -29.05 1.48 3.93
C ASN A 538 -28.38 1.88 5.27
N THR A 539 -27.78 3.06 5.30
CA THR A 539 -27.20 3.57 6.53
C THR A 539 -28.37 3.92 7.45
N PHE A 540 -28.18 3.63 8.74
CA PHE A 540 -29.17 3.94 9.77
C PHE A 540 -28.66 5.18 10.50
N ARG A 541 -29.58 5.96 11.04
CA ARG A 541 -29.25 7.28 11.58
C ARG A 541 -29.01 7.18 13.10
N PRO A 542 -27.74 7.10 13.52
CA PRO A 542 -27.51 6.93 14.96
C PRO A 542 -27.76 8.23 15.70
N THR A 543 -28.21 8.14 16.94
CA THR A 543 -28.41 9.35 17.75
C THR A 543 -27.61 9.33 19.05
N MET A 544 -26.91 10.41 19.30
CA MET A 544 -26.26 10.70 20.57
C MET A 544 -27.08 10.28 21.79
N PRO A 545 -26.50 9.53 22.75
CA PRO A 545 -27.29 9.26 23.95
C PRO A 545 -27.50 10.51 24.79
N GLU A 546 -28.55 10.47 25.61
CA GLU A 546 -28.97 11.61 26.41
C GLU A 546 -28.23 11.66 27.74
N GLU A 547 -27.86 12.85 28.20
CA GLU A 547 -27.32 12.99 29.55
C GLU A 547 -28.32 12.50 30.53
N VAL A 548 -27.87 11.77 31.53
CA VAL A 548 -28.75 11.28 32.59
C VAL A 548 -28.68 12.17 33.83
N THR A 549 -27.51 12.73 34.13
CA THR A 549 -27.35 13.64 35.26
C THR A 549 -26.79 14.97 34.83
N ARG A 550 -27.59 16.03 34.96
CA ARG A 550 -27.13 17.38 34.61
C ARG A 550 -26.08 17.78 35.69
N PRO A 551 -25.07 18.57 35.30
CA PRO A 551 -24.01 18.96 36.24
C PRO A 551 -24.38 20.05 37.20
N ASN A 552 -23.75 20.05 38.36
CA ASN A 552 -23.74 21.20 39.24
C ASN A 552 -22.61 22.16 38.95
N TYR A 553 -22.86 23.43 39.28
CA TYR A 553 -21.91 24.51 39.06
C TYR A 553 -21.68 25.34 40.33
N PRO A 554 -21.07 24.72 41.35
CA PRO A 554 -20.90 25.49 42.56
C PRO A 554 -20.01 26.68 42.31
N GLY A 555 -20.30 27.78 43.01
CA GLY A 555 -19.39 28.90 43.12
C GLY A 555 -18.58 28.80 44.40
N ILE A 556 -18.03 29.92 44.84
CA ILE A 556 -17.17 29.97 46.02
C ILE A 556 -18.03 29.83 47.29
N MET A 557 -18.20 28.59 47.74
CA MET A 557 -19.21 28.26 48.74
C MET A 557 -18.75 27.99 50.16
N TYR A 558 -17.44 27.89 50.37
CA TYR A 558 -16.91 27.53 51.67
C TYR A 558 -15.71 28.39 52.04
N LEU A 559 -15.40 28.38 53.33
CA LEU A 559 -14.24 29.06 53.83
C LEU A 559 -13.12 28.03 54.04
N GLN A 560 -11.90 28.42 53.68
CA GLN A 560 -10.70 27.67 54.07
C GLN A 560 -10.85 27.04 55.47
N SER A 561 -11.37 27.82 56.42
CA SER A 561 -11.51 27.39 57.82
C SER A 561 -12.55 26.29 58.07
N ASP A 562 -13.42 26.01 57.10
CA ASP A 562 -14.43 24.94 57.23
C ASP A 562 -13.85 23.54 57.01
N PHE A 563 -12.58 23.46 56.66
CA PHE A 563 -11.97 22.24 56.16
C PHE A 563 -11.00 21.66 57.14
N ASP A 564 -11.10 20.35 57.38
CA ASP A 564 -10.08 19.60 58.12
C ASP A 564 -9.31 18.59 57.23
N LEU A 565 -8.36 19.09 56.42
CA LEU A 565 -7.59 18.24 55.49
C LEU A 565 -6.25 17.77 56.13
N GLY A 566 -5.13 18.42 55.86
CA GLY A 566 -3.82 17.97 56.37
C GLY A 566 -2.66 18.38 55.47
N ARG A 595 -11.21 25.92 25.08
CA ARG A 595 -9.72 25.89 25.00
C ARG A 595 -9.13 24.61 25.60
N HIS A 596 -9.52 24.30 26.85
CA HIS A 596 -9.17 23.02 27.48
C HIS A 596 -10.30 22.01 27.39
N LEU A 597 -11.25 22.26 26.50
CA LEU A 597 -12.47 21.51 26.46
C LEU A 597 -13.01 21.54 25.01
N LEU A 598 -12.14 21.09 24.12
CA LEU A 598 -12.28 21.26 22.69
C LEU A 598 -13.45 20.53 22.05
N TYR A 599 -13.82 19.35 22.55
CA TYR A 599 -14.72 18.46 21.80
C TYR A 599 -16.10 18.31 22.45
N GLY A 600 -16.46 19.25 23.29
CA GLY A 600 -17.63 19.11 24.14
C GLY A 600 -17.23 18.66 25.54
N ARG A 601 -18.05 18.97 26.53
CA ARG A 601 -17.83 18.42 27.85
C ARG A 601 -18.44 17.03 27.77
N PRO A 602 -17.75 16.02 28.26
CA PRO A 602 -18.40 14.74 28.20
C PRO A 602 -19.69 14.70 29.03
N ALA A 603 -20.59 13.79 28.66
CA ALA A 603 -21.93 13.71 29.23
C ALA A 603 -22.04 12.53 30.17
N VAL A 604 -22.48 12.75 31.41
CA VAL A 604 -22.64 11.66 32.37
C VAL A 604 -23.92 10.87 32.12
N LEU A 605 -23.74 9.60 31.77
CA LEU A 605 -24.83 8.70 31.38
C LEU A 605 -25.41 7.82 32.50
N TYR A 606 -25.16 8.18 33.78
CA TYR A 606 -25.79 7.55 34.95
C TYR A 606 -26.20 8.55 36.04
N ARG A 607 -27.04 8.08 36.97
CA ARG A 607 -27.54 8.93 38.09
C ARG A 607 -26.45 9.10 39.14
N THR A 608 -26.06 10.33 39.41
CA THR A 608 -25.01 10.63 40.37
C THR A 608 -25.09 12.14 40.63
N ARG A 609 -24.11 12.70 41.33
CA ARG A 609 -24.03 14.14 41.56
C ARG A 609 -22.62 14.63 41.29
N TYR A 610 -22.46 15.49 40.29
CA TYR A 610 -21.14 16.00 39.99
C TYR A 610 -21.08 17.50 39.77
N ASP A 611 -19.98 18.09 40.24
CA ASP A 611 -19.70 19.50 40.06
C ASP A 611 -18.74 19.66 38.90
N ILE A 612 -19.06 20.54 37.94
CA ILE A 612 -18.07 20.92 36.93
C ILE A 612 -17.22 22.07 37.44
N LEU A 613 -15.90 21.87 37.40
CA LEU A 613 -14.90 22.80 37.91
C LEU A 613 -14.00 23.32 36.81
N TYR A 614 -13.70 24.62 36.85
CA TYR A 614 -12.91 25.33 35.84
C TYR A 614 -11.63 25.84 36.49
N HIS A 615 -10.53 25.81 35.75
CA HIS A 615 -9.28 26.42 36.17
C HIS A 615 -8.63 26.96 34.91
N THR A 616 -7.54 27.69 35.06
CA THR A 616 -6.92 28.26 33.88
C THR A 616 -6.48 27.16 32.91
N ASP A 617 -5.85 26.13 33.49
CA ASP A 617 -5.11 25.13 32.73
C ASP A 617 -5.88 23.85 32.43
N PHE A 618 -7.09 23.71 32.97
CA PHE A 618 -7.87 22.48 32.81
C PHE A 618 -9.27 22.58 33.36
N GLU A 619 -10.14 21.71 32.89
CA GLU A 619 -11.56 21.67 33.22
C GLU A 619 -11.87 20.25 33.71
N SER A 620 -12.72 20.12 34.73
CA SER A 620 -12.96 18.80 35.30
C SER A 620 -14.39 18.62 35.73
N GLY A 621 -14.83 17.36 35.77
CA GLY A 621 -16.13 16.97 36.32
C GLY A 621 -15.90 16.17 37.59
N TYR A 622 -16.20 16.76 38.73
CA TYR A 622 -15.90 16.16 40.05
C TYR A 622 -17.08 15.42 40.65
N SER A 623 -16.96 14.12 40.92
CA SER A 623 -18.06 13.33 41.47
C SER A 623 -18.06 13.55 42.96
N GLU A 624 -19.19 14.00 43.47
CA GLU A 624 -19.35 14.23 44.91
C GLU A 624 -19.64 12.88 45.56
N ILE A 625 -19.99 11.86 44.76
CA ILE A 625 -20.14 10.47 45.24
C ILE A 625 -18.81 9.69 45.41
N PHE A 626 -18.03 9.62 44.31
CA PHE A 626 -16.76 8.88 44.29
C PHE A 626 -15.59 9.69 44.86
N LEU A 627 -15.85 10.93 45.27
CA LEU A 627 -14.81 11.80 45.85
C LEU A 627 -13.59 12.08 44.97
N MET A 628 -13.79 12.14 43.65
CA MET A 628 -12.68 12.47 42.73
C MET A 628 -13.27 12.88 41.39
N PRO A 629 -12.42 13.26 40.42
CA PRO A 629 -13.01 13.54 39.11
C PRO A 629 -13.47 12.32 38.35
N LEU A 630 -14.48 12.51 37.53
CA LEU A 630 -14.87 11.52 36.57
C LEU A 630 -14.01 11.68 35.35
N TRP A 631 -13.56 12.92 35.15
CA TRP A 631 -12.83 13.31 33.99
C TRP A 631 -12.14 14.64 34.18
N THR A 632 -10.97 14.77 33.56
CA THR A 632 -10.18 15.99 33.62
C THR A 632 -9.63 16.26 32.24
N SER A 633 -10.02 17.40 31.65
CA SER A 633 -9.67 17.77 30.29
C SER A 633 -8.67 18.89 30.27
N TYR A 634 -7.58 18.74 29.50
CA TYR A 634 -6.64 19.84 29.28
C TYR A 634 -5.80 19.77 28.03
N THR A 635 -5.78 20.88 27.28
CA THR A 635 -4.97 21.03 26.09
C THR A 635 -3.55 21.51 26.39
N VAL A 636 -2.57 20.89 25.75
CA VAL A 636 -1.17 21.30 25.82
C VAL A 636 -0.72 21.63 24.40
N SER A 637 -0.20 22.85 24.23
CA SER A 637 0.28 23.31 22.92
C SER A 637 1.62 22.72 22.64
N LYS A 638 1.95 22.58 21.36
CA LYS A 638 3.28 22.11 20.96
C LYS A 638 4.45 22.72 21.78
N GLN A 639 4.31 24.01 22.10
CA GLN A 639 5.44 24.87 22.48
C GLN A 639 6.16 24.40 23.76
N PRO A 646 7.87 22.26 38.34
CA PRO A 646 8.65 21.60 39.40
C PRO A 646 8.33 22.15 40.84
N ASP A 647 9.21 22.96 41.43
CA ASP A 647 9.08 23.55 42.79
C ASP A 647 9.08 22.49 43.92
N HIS A 648 9.34 22.93 45.16
CA HIS A 648 9.31 22.04 46.33
C HIS A 648 8.02 22.23 47.14
N LEU A 649 6.89 21.89 46.49
CA LEU A 649 5.54 21.95 47.07
C LEU A 649 4.90 20.55 47.04
N THR A 650 5.72 19.50 47.08
CA THR A 650 5.25 18.12 46.83
C THR A 650 4.11 17.66 47.76
N SER A 651 4.25 17.88 49.07
CA SER A 651 3.31 17.38 50.07
C SER A 651 2.23 18.40 50.54
N CYS A 652 1.97 19.44 49.74
CA CYS A 652 0.91 20.42 50.05
C CYS A 652 -0.28 20.26 49.11
N VAL A 653 -1.47 20.34 49.69
CA VAL A 653 -2.73 20.25 48.97
C VAL A 653 -3.58 21.35 49.56
N ARG A 654 -4.50 21.90 48.79
CA ARG A 654 -5.33 22.99 49.28
C ARG A 654 -6.77 22.55 49.11
N PRO A 655 -7.67 22.95 50.02
CA PRO A 655 -9.09 22.59 49.81
C PRO A 655 -9.71 23.32 48.60
N ASP A 656 -10.71 22.70 47.99
CA ASP A 656 -11.40 23.38 46.93
C ASP A 656 -12.61 23.92 47.59
N VAL A 657 -12.65 25.24 47.56
CA VAL A 657 -13.63 26.01 48.24
C VAL A 657 -15.02 25.86 47.55
N ARG A 658 -15.06 25.34 46.33
CA ARG A 658 -16.32 25.16 45.64
C ARG A 658 -17.01 23.86 46.02
N VAL A 659 -16.38 23.06 46.87
CA VAL A 659 -16.90 21.74 47.18
C VAL A 659 -16.80 21.49 48.69
N SER A 660 -17.95 21.22 49.30
CA SER A 660 -18.07 20.92 50.71
C SER A 660 -17.06 19.90 51.19
N PRO A 661 -16.49 20.12 52.40
CA PRO A 661 -15.59 19.18 53.04
C PRO A 661 -16.18 17.76 53.24
N SER A 662 -17.51 17.63 53.30
CA SER A 662 -18.11 16.31 53.39
C SER A 662 -17.72 15.48 52.17
N PHE A 663 -17.79 16.11 50.99
CA PHE A 663 -17.55 15.41 49.75
C PHE A 663 -16.13 15.65 49.20
N SER A 664 -15.17 15.89 50.08
CA SER A 664 -13.78 16.03 49.67
C SER A 664 -12.93 14.98 50.36
N GLN A 665 -11.81 14.62 49.76
CA GLN A 665 -10.84 13.69 50.36
C GLN A 665 -10.00 14.45 51.35
N ASN A 666 -9.21 13.72 52.12
CA ASN A 666 -8.31 14.35 53.09
C ASN A 666 -6.94 13.68 53.06
N CYS A 667 -5.94 14.37 53.60
CA CYS A 667 -4.58 13.87 53.63
C CYS A 667 -4.31 12.95 54.81
N LEU A 668 -5.26 12.84 55.74
CA LEU A 668 -5.10 11.90 56.86
C LEU A 668 -5.15 10.48 56.33
N ALA A 669 -6.19 10.16 55.57
CA ALA A 669 -6.35 8.81 54.99
C ALA A 669 -5.10 8.34 54.21
N TYR A 670 -4.51 9.21 53.43
CA TYR A 670 -3.29 8.86 52.68
C TYR A 670 -2.01 8.74 53.54
N LYS A 671 -1.99 9.40 54.71
CA LYS A 671 -0.84 9.26 55.66
C LYS A 671 -0.94 7.92 56.39
N ASN A 672 -2.14 7.61 56.87
CA ASN A 672 -2.41 6.36 57.55
C ASN A 672 -2.57 5.13 56.63
N ASP A 673 -2.34 5.29 55.32
CA ASP A 673 -2.30 4.13 54.41
C ASP A 673 -0.88 3.90 53.94
N LYS A 674 -0.27 2.85 54.46
CA LYS A 674 1.12 2.53 54.13
C LYS A 674 1.25 1.96 52.69
N GLN A 675 0.14 1.52 52.11
CA GLN A 675 0.13 0.98 50.74
C GLN A 675 -0.10 2.07 49.68
N MET A 676 -1.01 2.98 49.99
CA MET A 676 -1.58 3.91 49.00
C MET A 676 -0.97 5.30 49.13
N SER A 677 -0.97 6.03 48.02
CA SER A 677 -0.46 7.39 47.97
C SER A 677 -1.44 8.17 47.12
N TYR A 678 -1.08 9.38 46.68
CA TYR A 678 -2.00 10.17 45.86
C TYR A 678 -1.25 10.82 44.74
N GLY A 679 -1.99 11.18 43.69
CA GLY A 679 -1.44 11.88 42.53
C GLY A 679 -2.47 12.79 41.90
N PHE A 680 -2.08 13.51 40.87
CA PHE A 680 -2.98 14.49 40.26
C PHE A 680 -3.32 14.12 38.84
N LEU A 681 -4.55 14.41 38.41
CA LEU A 681 -4.99 14.07 37.07
C LEU A 681 -4.52 15.12 36.12
N PHE A 682 -4.71 16.39 36.48
CA PHE A 682 -3.95 17.46 35.85
C PHE A 682 -2.63 17.60 36.57
N PRO A 683 -1.49 17.41 35.87
CA PRO A 683 -0.19 17.42 36.54
C PRO A 683 0.38 18.84 36.82
N PRO A 684 0.74 19.12 38.07
CA PRO A 684 1.40 20.38 38.38
C PRO A 684 2.52 20.72 37.39
N TYR A 685 3.27 19.72 36.96
CA TYR A 685 4.41 19.97 36.10
C TYR A 685 4.04 20.75 34.83
N LEU A 686 2.81 20.58 34.34
CA LEU A 686 2.42 21.24 33.10
C LEU A 686 1.70 22.58 33.28
N SER A 687 1.67 23.10 34.51
CA SER A 687 0.92 24.32 34.78
C SER A 687 1.59 25.52 34.08
N SER A 688 0.76 26.52 33.75
CA SER A 688 1.15 27.59 32.84
C SER A 688 1.89 28.73 33.52
N SER A 689 1.83 28.80 34.84
CA SER A 689 2.43 29.92 35.55
C SER A 689 2.47 29.66 37.05
N PRO A 690 3.39 30.32 37.77
CA PRO A 690 3.47 30.07 39.21
C PRO A 690 2.14 30.31 39.91
N GLU A 691 1.37 31.29 39.42
CA GLU A 691 0.05 31.63 40.00
C GLU A 691 -0.91 30.45 39.82
N ALA A 692 -0.95 29.92 38.60
CA ALA A 692 -1.82 28.80 38.26
C ALA A 692 -1.43 27.48 38.92
N LYS A 693 -0.19 27.35 39.37
CA LYS A 693 0.28 26.07 39.86
C LYS A 693 -0.58 25.64 41.04
N TYR A 694 -1.13 26.59 41.78
CA TYR A 694 -1.89 26.26 42.97
C TYR A 694 -3.20 25.56 42.64
N ASP A 695 -3.75 25.79 41.46
CA ASP A 695 -4.93 25.05 41.03
C ASP A 695 -4.67 23.54 40.91
N ALA A 696 -3.48 23.15 40.44
CA ALA A 696 -3.14 21.72 40.29
C ALA A 696 -3.04 21.01 41.64
N PHE A 697 -2.84 21.77 42.71
CA PHE A 697 -2.77 21.20 44.05
C PHE A 697 -4.10 21.24 44.81
N LEU A 698 -5.20 21.55 44.14
CA LEU A 698 -6.49 21.46 44.81
C LEU A 698 -6.80 20.00 45.11
N VAL A 699 -7.38 19.77 46.28
CA VAL A 699 -7.84 18.45 46.70
C VAL A 699 -8.85 17.79 45.72
N THR A 700 -9.50 18.61 44.89
CA THR A 700 -10.39 18.12 43.83
C THR A 700 -9.65 17.53 42.61
N ASN A 701 -8.34 17.65 42.61
CA ASN A 701 -7.52 17.08 41.57
C ASN A 701 -6.74 15.82 41.99
N MET A 702 -6.62 15.57 43.29
CA MET A 702 -6.05 14.33 43.80
C MET A 702 -6.82 13.09 43.37
N VAL A 703 -6.11 11.99 43.18
CA VAL A 703 -6.70 10.68 43.03
C VAL A 703 -5.85 9.66 43.82
N PRO A 704 -6.43 8.51 44.24
CA PRO A 704 -5.62 7.46 44.89
C PRO A 704 -4.67 6.82 43.90
N MET A 705 -3.41 6.62 44.28
CA MET A 705 -2.42 6.03 43.38
C MET A 705 -1.40 5.25 44.17
N TYR A 706 -1.25 3.96 43.89
CA TYR A 706 -0.20 3.19 44.52
C TYR A 706 1.13 3.83 44.10
N PRO A 707 2.16 3.74 44.96
CA PRO A 707 3.54 4.19 44.65
C PRO A 707 4.09 3.64 43.33
N ALA A 708 3.81 2.36 43.07
CA ALA A 708 4.18 1.70 41.82
C ALA A 708 3.49 2.33 40.60
N PHE A 709 2.19 2.63 40.72
CA PHE A 709 1.48 3.27 39.62
C PHE A 709 1.98 4.68 39.34
N LYS A 710 2.35 5.42 40.39
CA LYS A 710 2.91 6.77 40.22
C LYS A 710 4.10 6.79 39.26
N ARG A 711 5.00 5.82 39.37
CA ARG A 711 6.18 5.80 38.52
C ARG A 711 5.78 5.81 37.05
N VAL A 712 4.76 5.04 36.70
CA VAL A 712 4.15 5.11 35.36
C VAL A 712 3.53 6.48 35.13
N TRP A 713 2.72 6.92 36.08
CA TRP A 713 1.89 8.10 35.89
C TRP A 713 2.66 9.40 35.82
N ASN A 714 3.65 9.57 36.70
CA ASN A 714 4.56 10.70 36.62
C ASN A 714 5.35 10.73 35.33
N TYR A 715 5.84 9.57 34.89
CA TYR A 715 6.60 9.51 33.64
C TYR A 715 5.70 10.09 32.57
N PHE A 716 4.45 9.61 32.56
CA PHE A 716 3.46 9.98 31.54
C PHE A 716 3.20 11.48 31.50
N GLN A 717 2.93 12.06 32.66
CA GLN A 717 2.58 13.49 32.74
C GLN A 717 3.78 14.42 32.53
N ARG A 718 4.87 14.16 33.21
CA ARG A 718 6.14 14.86 32.98
C ARG A 718 6.78 14.68 31.61
N VAL A 719 6.83 13.46 31.04
CA VAL A 719 7.64 13.26 29.80
C VAL A 719 6.88 12.99 28.48
N LEU A 720 5.92 12.07 28.50
CA LEU A 720 5.25 11.66 27.29
C LEU A 720 4.26 12.70 26.74
N VAL A 721 3.50 13.35 27.59
CA VAL A 721 2.57 14.35 27.09
C VAL A 721 3.26 15.44 26.28
N LYS A 722 4.33 16.05 26.82
CA LYS A 722 5.03 17.11 26.03
C LYS A 722 5.66 16.54 24.74
N LYS A 723 6.04 15.26 24.75
CA LYS A 723 6.57 14.62 23.54
C LYS A 723 5.46 14.44 22.53
N TYR A 724 4.31 14.02 23.05
CA TYR A 724 3.13 13.81 22.24
C TYR A 724 2.70 15.14 21.64
N ALA A 725 2.87 16.21 22.42
CA ALA A 725 2.44 17.52 21.95
C ALA A 725 3.36 17.97 20.83
N SER A 726 4.66 17.98 21.05
CA SER A 726 5.67 18.15 19.95
C SER A 726 5.31 17.35 18.71
N GLU A 727 5.13 16.04 18.91
CA GLU A 727 4.93 15.11 17.79
C GLU A 727 3.67 15.37 16.98
N ARG A 728 2.56 15.69 17.66
CA ARG A 728 1.21 15.77 17.05
C ARG A 728 0.67 17.18 16.84
N ASN A 729 1.44 18.16 17.30
CA ASN A 729 1.16 19.58 17.17
C ASN A 729 0.10 20.07 18.14
N GLY A 730 0.33 19.80 19.41
CA GLY A 730 -0.68 19.97 20.44
C GLY A 730 -1.35 18.65 20.77
N VAL A 731 -1.86 18.53 21.99
CA VAL A 731 -2.76 17.44 22.30
C VAL A 731 -3.84 17.92 23.25
N ASN A 732 -5.04 17.38 23.12
CA ASN A 732 -6.00 17.49 24.20
C ASN A 732 -5.86 16.20 24.95
N VAL A 733 -5.92 16.30 26.27
CA VAL A 733 -5.80 15.14 27.11
C VAL A 733 -6.95 15.11 28.09
N ILE A 734 -7.79 14.08 28.00
CA ILE A 734 -8.78 13.77 29.04
C ILE A 734 -8.35 12.54 29.82
N SER A 735 -8.21 12.65 31.13
CA SER A 735 -7.86 11.54 31.96
C SER A 735 -8.94 11.40 33.03
N GLY A 736 -9.20 10.17 33.46
CA GLY A 736 -9.97 9.92 34.67
C GLY A 736 -9.72 8.55 35.27
N PRO A 737 -10.38 8.23 36.38
CA PRO A 737 -10.37 6.92 36.97
C PRO A 737 -11.48 6.04 36.42
N ILE A 738 -11.29 4.74 36.59
CA ILE A 738 -12.26 3.75 36.21
C ILE A 738 -12.41 2.82 37.40
N PHE A 739 -13.66 2.41 37.64
CA PHE A 739 -13.96 1.43 38.65
C PHE A 739 -14.63 0.22 37.99
N ASP A 740 -13.94 -0.94 37.94
CA ASP A 740 -14.47 -2.20 37.37
C ASP A 740 -14.07 -3.46 38.16
N TYR A 741 -14.37 -3.47 39.46
CA TYR A 741 -14.00 -4.57 40.34
C TYR A 741 -14.62 -5.90 39.93
N ASP A 742 -15.84 -5.89 39.38
CA ASP A 742 -16.46 -7.12 38.85
C ASP A 742 -16.00 -7.55 37.45
N TYR A 743 -14.99 -6.85 36.92
CA TYR A 743 -14.40 -7.10 35.60
C TYR A 743 -15.40 -7.42 34.47
N ASP A 744 -16.46 -6.64 34.35
CA ASP A 744 -17.45 -6.88 33.28
C ASP A 744 -17.38 -5.79 32.22
N GLY A 745 -16.38 -4.93 32.32
CA GLY A 745 -16.16 -3.92 31.31
C GLY A 745 -17.04 -2.69 31.43
N LEU A 746 -17.77 -2.59 32.55
CA LEU A 746 -18.75 -1.51 32.75
C LEU A 746 -18.54 -0.78 34.06
N HIS A 747 -18.74 0.52 34.02
CA HIS A 747 -18.82 1.32 35.23
C HIS A 747 -19.50 0.55 36.38
N ASP A 748 -18.75 0.36 37.46
CA ASP A 748 -19.27 -0.18 38.70
C ASP A 748 -20.30 0.76 39.36
N THR A 749 -21.22 0.18 40.12
CA THR A 749 -22.08 0.90 41.08
C THR A 749 -21.38 0.89 42.43
N GLU A 750 -21.84 1.62 43.42
CA GLU A 750 -21.15 1.66 44.73
C GLU A 750 -21.13 0.33 45.49
N ASP A 751 -22.18 -0.45 45.24
CA ASP A 751 -22.30 -1.86 45.57
C ASP A 751 -20.99 -2.65 45.30
N LYS A 752 -20.40 -2.46 44.12
CA LYS A 752 -19.32 -3.30 43.59
C LYS A 752 -17.91 -2.92 44.06
N ILE A 753 -17.78 -1.81 44.77
CA ILE A 753 -16.46 -1.31 45.16
C ILE A 753 -15.89 -2.15 46.30
N LYS A 754 -14.74 -2.77 46.08
CA LYS A 754 -14.19 -3.68 47.09
C LYS A 754 -13.21 -2.98 48.03
N GLN A 755 -12.42 -2.05 47.51
CA GLN A 755 -11.34 -1.41 48.27
C GLN A 755 -11.39 0.15 48.35
N TYR A 756 -11.00 0.68 49.53
CA TYR A 756 -11.00 2.12 49.86
C TYR A 756 -9.71 2.60 50.55
N VAL A 757 -9.38 3.88 50.43
CA VAL A 757 -8.20 4.39 51.11
C VAL A 757 -8.47 4.24 52.60
N GLU A 758 -7.41 3.92 53.36
CA GLU A 758 -7.54 3.52 54.79
C GLU A 758 -8.52 4.32 55.63
N GLY A 759 -9.61 3.67 56.02
CA GLY A 759 -10.63 4.25 56.90
C GLY A 759 -11.19 5.54 56.35
N SER A 760 -11.76 5.47 55.15
CA SER A 760 -12.39 6.61 54.51
C SER A 760 -13.40 6.06 53.53
N SER A 761 -14.07 6.94 52.80
CA SER A 761 -15.01 6.50 51.76
C SER A 761 -14.44 6.64 50.35
N ILE A 762 -13.15 6.91 50.27
CA ILE A 762 -12.51 7.18 49.01
C ILE A 762 -12.33 5.83 48.34
N PRO A 763 -13.02 5.59 47.23
CA PRO A 763 -12.89 4.32 46.54
C PRO A 763 -11.62 4.34 45.71
N VAL A 764 -10.95 3.19 45.61
CA VAL A 764 -9.71 3.09 44.86
C VAL A 764 -9.99 2.61 43.43
N PRO A 765 -9.57 3.38 42.42
CA PRO A 765 -9.85 2.91 41.07
C PRO A 765 -9.05 1.66 40.66
N THR A 766 -9.67 0.83 39.84
CA THR A 766 -8.98 -0.31 39.27
C THR A 766 -8.11 0.06 38.05
N HIS A 767 -8.43 1.16 37.38
CA HIS A 767 -7.66 1.58 36.22
C HIS A 767 -7.66 3.09 36.15
N TYR A 768 -6.87 3.61 35.24
CA TYR A 768 -6.87 5.02 34.91
C TYR A 768 -6.80 5.18 33.41
N TYR A 769 -7.69 5.99 32.84
CA TYR A 769 -7.71 6.18 31.41
C TYR A 769 -7.13 7.50 30.97
N SER A 770 -6.70 7.54 29.72
CA SER A 770 -6.46 8.80 29.03
C SER A 770 -6.79 8.73 27.58
N ILE A 771 -7.27 9.85 27.06
CA ILE A 771 -7.72 9.96 25.69
C ILE A 771 -6.94 11.14 25.19
N ILE A 772 -6.12 10.91 24.16
CA ILE A 772 -5.20 11.92 23.66
C ILE A 772 -5.55 12.23 22.23
N THR A 773 -5.91 13.49 21.99
CA THR A 773 -6.61 13.88 20.77
C THR A 773 -5.91 15.06 20.08
N SER A 774 -5.89 15.04 18.75
CA SER A 774 -5.17 16.05 17.98
C SER A 774 -5.79 16.16 16.60
N CYS A 775 -5.23 17.01 15.73
CA CYS A 775 -5.72 17.15 14.35
C CYS A 775 -5.10 16.13 13.46
N LEU A 776 -5.89 15.57 12.55
CA LEU A 776 -5.35 14.61 11.59
C LEU A 776 -4.30 15.32 10.72
N ASP A 777 -4.66 16.55 10.31
CA ASP A 777 -3.76 17.53 9.69
C ASP A 777 -2.85 18.17 10.76
N PHE A 778 -1.71 17.55 11.00
CA PHE A 778 -0.78 18.05 12.00
C PHE A 778 -0.15 19.43 11.70
N THR A 779 -0.43 20.03 10.55
CA THR A 779 -0.04 21.43 10.31
C THR A 779 -0.96 22.42 11.02
N GLN A 780 -2.14 21.98 11.46
CA GLN A 780 -3.00 22.81 12.32
C GLN A 780 -2.87 22.36 13.76
N PRO A 781 -2.68 23.32 14.68
CA PRO A 781 -2.53 22.91 16.06
C PRO A 781 -3.81 22.27 16.62
N ALA A 782 -3.67 21.64 17.78
CA ALA A 782 -4.72 20.83 18.37
C ALA A 782 -5.95 21.66 18.69
N ASP A 783 -5.73 22.90 19.09
CA ASP A 783 -6.80 23.81 19.43
C ASP A 783 -7.25 24.73 18.26
N LYS A 784 -7.10 24.27 17.02
CA LYS A 784 -7.61 25.03 15.88
C LYS A 784 -7.80 24.12 14.65
N CYS A 785 -8.46 22.97 14.84
CA CYS A 785 -8.80 22.04 13.74
C CYS A 785 -9.91 22.52 12.85
N ASP A 786 -9.87 22.09 11.60
CA ASP A 786 -10.96 22.30 10.66
C ASP A 786 -11.45 20.99 10.10
N GLY A 787 -10.74 19.91 10.38
CA GLY A 787 -11.02 18.64 9.75
C GLY A 787 -11.09 17.48 10.72
N PRO A 788 -10.99 16.26 10.20
CA PRO A 788 -10.93 15.04 10.99
C PRO A 788 -9.97 15.10 12.17
N LEU A 789 -10.25 14.26 13.17
CA LEU A 789 -9.45 14.24 14.40
C LEU A 789 -8.54 13.02 14.39
N SER A 790 -7.52 13.10 15.22
CA SER A 790 -6.63 11.98 15.45
C SER A 790 -6.71 11.71 16.94
N VAL A 791 -6.80 10.43 17.30
CA VAL A 791 -6.93 10.03 18.70
C VAL A 791 -6.29 8.67 19.04
N SER A 792 -5.68 8.63 20.23
CA SER A 792 -5.17 7.40 20.84
C SER A 792 -5.50 7.43 22.34
N SER A 793 -5.89 6.28 22.87
CA SER A 793 -6.35 6.21 24.25
C SER A 793 -5.75 5.00 24.94
N PHE A 794 -5.74 4.98 26.26
CA PHE A 794 -5.32 3.80 26.97
C PHE A 794 -6.03 3.63 28.31
N ILE A 795 -6.07 2.40 28.79
CA ILE A 795 -6.64 2.09 30.08
C ILE A 795 -5.61 1.32 30.87
N LEU A 796 -4.93 2.02 31.78
CA LEU A 796 -3.83 1.44 32.55
C LEU A 796 -4.34 0.81 33.82
N PRO A 797 -3.99 -0.47 34.08
CA PRO A 797 -4.37 -1.05 35.35
C PRO A 797 -3.64 -0.42 36.51
N HIS A 798 -4.33 -0.39 37.63
CA HIS A 798 -3.91 0.28 38.85
C HIS A 798 -3.55 -0.77 39.88
N ARG A 799 -2.24 -1.03 39.95
CA ARG A 799 -1.69 -2.22 40.60
C ARG A 799 -0.65 -1.82 41.63
N PRO A 800 -0.57 -2.54 42.78
CA PRO A 800 0.36 -2.18 43.86
C PRO A 800 1.81 -2.31 43.46
N ASP A 801 2.06 -3.12 42.44
CA ASP A 801 3.40 -3.40 41.95
C ASP A 801 3.46 -3.42 40.42
N ASN A 802 4.68 -3.48 39.92
CA ASN A 802 4.92 -3.52 38.51
C ASN A 802 5.41 -4.90 38.07
N GLU A 803 4.80 -5.96 38.60
CA GLU A 803 5.11 -7.33 38.20
C GLU A 803 4.91 -7.55 36.70
N GLU A 804 3.89 -6.93 36.14
CA GLU A 804 3.62 -7.06 34.72
C GLU A 804 4.76 -6.63 33.81
N SER A 805 5.54 -5.61 34.20
CA SER A 805 6.60 -5.08 33.34
C SER A 805 7.93 -5.62 33.85
N CYS A 806 8.60 -6.42 33.02
CA CYS A 806 9.82 -7.13 33.42
C CYS A 806 11.07 -6.26 33.70
N ASN A 807 11.14 -5.08 33.08
CA ASN A 807 12.22 -4.15 33.33
C ASN A 807 11.83 -2.96 34.21
N SER A 808 10.92 -3.15 35.14
CA SER A 808 10.51 -2.04 35.99
C SER A 808 11.59 -1.59 36.96
N SER A 809 12.66 -2.36 37.12
CA SER A 809 13.75 -1.92 37.99
C SER A 809 14.64 -0.90 37.30
N GLU A 810 14.52 -0.79 36.00
CA GLU A 810 15.29 0.20 35.23
C GLU A 810 14.62 1.61 35.17
N ASP A 811 15.22 2.50 34.40
CA ASP A 811 14.63 3.82 34.20
C ASP A 811 13.34 3.70 33.37
N GLU A 812 12.36 4.51 33.73
CA GLU A 812 11.07 4.50 33.10
C GLU A 812 11.18 4.64 31.57
N SER A 813 12.26 5.25 31.08
CA SER A 813 12.50 5.32 29.62
C SER A 813 12.62 3.95 28.94
N LYS A 814 12.77 2.90 29.74
CA LYS A 814 13.08 1.59 29.24
C LYS A 814 11.93 0.59 29.47
N TRP A 815 10.76 1.07 29.92
CA TRP A 815 9.64 0.16 30.23
C TRP A 815 8.22 0.73 30.35
N VAL A 816 8.08 1.99 30.75
CA VAL A 816 6.73 2.57 30.96
C VAL A 816 5.96 2.60 29.64
N GLU A 817 6.61 3.11 28.61
CA GLU A 817 5.98 3.28 27.31
C GLU A 817 5.58 1.93 26.65
N GLU A 818 6.27 0.85 26.99
CA GLU A 818 5.91 -0.49 26.49
C GLU A 818 4.59 -1.00 27.10
N LEU A 819 4.42 -0.81 28.42
CA LEU A 819 3.19 -1.12 29.16
C LEU A 819 1.98 -0.38 28.63
N MET A 820 2.20 0.89 28.29
CA MET A 820 1.17 1.72 27.73
C MET A 820 0.71 1.25 26.38
N LYS A 821 1.66 0.95 25.50
CA LYS A 821 1.29 0.38 24.22
C LYS A 821 0.44 -0.90 24.41
N MET A 822 0.64 -1.59 25.52
CA MET A 822 0.05 -2.88 25.70
C MET A 822 -1.39 -2.74 26.09
N HIS A 823 -1.72 -1.62 26.72
CA HIS A 823 -3.04 -1.34 27.27
C HIS A 823 -3.76 -0.24 26.50
N THR A 824 -3.35 -0.06 25.24
CA THR A 824 -4.04 0.82 24.30
C THR A 824 -5.52 0.44 24.33
N ALA A 825 -6.40 1.43 24.16
CA ALA A 825 -7.85 1.19 24.20
C ALA A 825 -8.60 2.10 23.26
N ARG A 826 -9.73 1.61 22.78
CA ARG A 826 -10.66 2.41 22.01
C ARG A 826 -11.31 3.44 22.93
N VAL A 827 -11.75 4.56 22.40
CA VAL A 827 -12.48 5.50 23.24
C VAL A 827 -13.74 4.82 23.78
N ARG A 828 -14.46 4.13 22.90
CA ARG A 828 -15.69 3.40 23.23
C ARG A 828 -15.54 2.51 24.46
N ASP A 829 -14.35 1.92 24.63
CA ASP A 829 -14.06 1.06 25.77
C ASP A 829 -14.17 1.85 27.05
N ILE A 830 -13.69 3.07 27.03
CA ILE A 830 -13.68 3.91 28.21
C ILE A 830 -15.09 4.42 28.51
N GLU A 831 -15.90 4.62 27.46
CA GLU A 831 -17.27 5.08 27.65
C GLU A 831 -18.07 4.02 28.39
N HIS A 832 -17.84 2.76 28.03
CA HIS A 832 -18.48 1.66 28.72
C HIS A 832 -18.06 1.53 30.15
N LEU A 833 -16.79 1.77 30.41
CA LEU A 833 -16.24 1.54 31.71
C LEU A 833 -16.48 2.73 32.65
N THR A 834 -16.73 3.90 32.10
CA THR A 834 -16.97 5.11 32.93
C THR A 834 -18.40 5.62 32.89
N SER A 835 -19.21 5.11 31.97
CA SER A 835 -20.54 5.66 31.69
C SER A 835 -20.58 7.13 31.29
N LEU A 836 -19.57 7.55 30.53
CA LEU A 836 -19.49 8.89 29.94
C LEU A 836 -19.70 8.80 28.45
N ASP A 837 -19.82 9.95 27.82
CA ASP A 837 -19.88 10.03 26.36
C ASP A 837 -19.10 11.24 25.89
N PHE A 838 -18.03 11.02 25.13
CA PHE A 838 -17.10 12.09 24.73
C PHE A 838 -17.40 12.49 23.29
N PHE A 839 -16.78 13.59 22.87
CA PHE A 839 -16.94 14.12 21.51
C PHE A 839 -18.36 14.52 21.10
N ARG A 840 -19.11 15.17 21.98
CA ARG A 840 -20.51 15.54 21.66
C ARG A 840 -20.68 16.85 20.84
N LYS A 841 -19.68 17.72 20.90
CA LYS A 841 -19.74 19.01 20.24
C LYS A 841 -18.42 19.16 19.45
N THR A 842 -18.34 18.42 18.35
CA THR A 842 -17.31 18.57 17.30
C THR A 842 -17.97 19.16 16.04
N SER A 843 -17.16 19.39 15.00
CA SER A 843 -17.68 19.87 13.72
C SER A 843 -17.80 18.76 12.67
N ARG A 844 -17.81 17.51 13.14
CA ARG A 844 -17.78 16.32 12.29
C ARG A 844 -19.11 15.60 12.43
N SER A 845 -19.43 14.72 11.51
CA SER A 845 -20.73 14.06 11.58
C SER A 845 -20.72 13.01 12.68
N TYR A 846 -21.89 12.67 13.23
CA TYR A 846 -21.90 11.69 14.31
C TYR A 846 -21.39 10.29 13.88
N PRO A 847 -21.72 9.82 12.66
CA PRO A 847 -21.10 8.57 12.21
C PRO A 847 -19.58 8.61 12.10
N GLU A 848 -19.01 9.73 11.65
CA GLU A 848 -17.56 9.85 11.60
C GLU A 848 -16.98 9.71 13.04
N ILE A 849 -17.61 10.42 13.99
CA ILE A 849 -17.19 10.37 15.37
C ILE A 849 -17.32 8.98 16.01
N LEU A 850 -18.33 8.21 15.62
CA LEU A 850 -18.41 6.84 16.08
C LEU A 850 -17.21 6.03 15.58
N THR A 851 -16.84 6.21 14.31
CA THR A 851 -15.64 5.56 13.76
C THR A 851 -14.37 5.93 14.53
N LEU A 852 -14.27 7.19 14.93
CA LEU A 852 -13.11 7.67 15.64
C LEU A 852 -13.06 6.93 16.96
N LYS A 853 -14.24 6.78 17.57
CA LYS A 853 -14.34 6.15 18.88
C LYS A 853 -14.05 4.65 18.90
N THR A 854 -14.37 3.96 17.81
CA THR A 854 -14.03 2.56 17.68
C THR A 854 -12.56 2.33 17.31
N TYR A 855 -11.85 3.34 16.82
CA TYR A 855 -10.39 3.24 16.57
C TYR A 855 -9.60 2.84 17.82
N LEU A 856 -8.74 1.86 17.64
CA LEU A 856 -7.71 1.50 18.60
C LEU A 856 -6.32 1.69 17.95
N HIS A 857 -5.45 2.46 18.60
CA HIS A 857 -4.15 2.74 18.06
C HIS A 857 -3.27 1.59 18.47
N THR A 858 -2.98 0.71 17.52
CA THR A 858 -2.06 -0.40 17.73
C THR A 858 -0.70 0.11 17.34
N TYR A 859 0.34 -0.47 17.96
CA TYR A 859 1.71 0.00 17.74
C TYR A 859 2.54 -1.06 17.02
N GLU A 860 2.18 -1.36 15.78
CA GLU A 860 2.80 -2.45 15.00
C GLU A 860 3.20 -2.00 13.59
N SER B 58 2.18 50.90 -22.11
CA SER B 58 0.72 50.76 -21.80
C SER B 58 0.25 49.27 -21.69
N CYS B 59 -0.10 48.84 -20.48
CA CYS B 59 -0.51 47.44 -20.21
C CYS B 59 -2.03 47.27 -20.01
N LYS B 60 -2.79 48.37 -20.06
CA LYS B 60 -4.25 48.35 -19.85
C LYS B 60 -4.97 47.44 -20.88
N GLY B 61 -5.78 46.50 -20.36
CA GLY B 61 -6.52 45.55 -21.19
C GLY B 61 -5.64 44.57 -21.95
N ARG B 62 -4.45 44.31 -21.42
CA ARG B 62 -3.50 43.37 -22.03
C ARG B 62 -2.88 42.41 -21.03
N CYS B 63 -3.13 42.60 -19.73
CA CYS B 63 -2.48 41.81 -18.68
C CYS B 63 -2.52 40.33 -19.04
N PHE B 64 -1.34 39.76 -19.24
CA PHE B 64 -1.18 38.37 -19.70
C PHE B 64 -1.92 38.13 -21.02
N GLU B 65 -1.59 38.94 -22.01
CA GLU B 65 -1.90 38.64 -23.40
C GLU B 65 -1.20 37.32 -23.72
N LEU B 66 -1.58 36.68 -24.82
CA LEU B 66 -0.99 35.38 -25.19
C LEU B 66 0.27 35.52 -26.05
N GLN B 67 0.16 36.35 -27.09
CA GLN B 67 1.30 36.77 -27.96
C GLN B 67 2.48 37.51 -27.27
N GLU B 68 3.67 37.39 -27.85
CA GLU B 68 4.85 38.16 -27.42
C GLU B 68 5.07 39.39 -28.31
N ALA B 69 4.87 40.58 -27.76
CA ALA B 69 5.11 41.84 -28.48
C ALA B 69 6.51 42.37 -28.17
N ASP B 73 6.28 46.67 -29.52
CA ASP B 73 7.12 47.76 -28.99
C ASP B 73 7.34 47.64 -27.48
N CYS B 74 6.51 46.83 -26.81
CA CYS B 74 6.56 46.67 -25.34
C CYS B 74 5.71 45.48 -24.86
N ARG B 75 6.30 44.61 -24.03
CA ARG B 75 5.66 43.33 -23.66
C ARG B 75 4.80 43.36 -22.38
N CYS B 76 3.59 42.81 -22.46
CA CYS B 76 2.70 42.62 -21.28
C CYS B 76 2.36 41.14 -21.12
N ASP B 77 3.14 40.28 -21.74
CA ASP B 77 2.89 38.85 -21.66
C ASP B 77 3.62 38.28 -20.46
N ASN B 78 2.94 37.40 -19.74
CA ASN B 78 3.55 36.49 -18.77
C ASN B 78 5.07 36.56 -18.59
N LEU B 79 5.82 36.15 -19.60
CA LEU B 79 7.29 36.00 -19.48
C LEU B 79 8.11 37.32 -19.50
N CYS B 80 7.43 38.45 -19.66
CA CYS B 80 8.10 39.73 -19.85
C CYS B 80 9.12 40.02 -18.76
N LYS B 81 8.83 39.63 -17.51
CA LYS B 81 9.70 39.92 -16.35
C LYS B 81 11.02 39.18 -16.39
N SER B 82 11.00 37.92 -16.81
CA SER B 82 12.23 37.15 -16.96
C SER B 82 13.16 37.81 -18.01
N TYR B 83 12.61 38.72 -18.82
CA TYR B 83 13.36 39.57 -19.75
C TYR B 83 13.59 41.03 -19.31
N THR B 84 12.72 41.48 -18.41
CA THR B 84 12.67 42.85 -17.96
C THR B 84 12.22 43.84 -19.02
N SER B 85 11.44 43.36 -19.99
CA SER B 85 10.81 44.23 -21.01
C SER B 85 9.30 44.50 -20.78
N CYS B 86 8.84 44.28 -19.55
CA CYS B 86 7.47 44.60 -19.20
C CYS B 86 7.27 46.10 -19.29
N CYS B 87 6.09 46.54 -19.72
CA CYS B 87 5.76 47.95 -19.75
C CYS B 87 5.79 48.54 -18.34
N HIS B 88 6.03 49.84 -18.26
CA HIS B 88 6.16 50.56 -16.98
C HIS B 88 5.12 50.13 -15.94
N ASP B 89 3.88 49.87 -16.39
CA ASP B 89 2.72 49.66 -15.51
C ASP B 89 2.32 48.19 -15.23
N PHE B 90 3.14 47.24 -15.67
CA PHE B 90 2.84 45.82 -15.49
C PHE B 90 2.58 45.47 -14.02
N ASP B 91 3.55 45.74 -13.15
CA ASP B 91 3.39 45.48 -11.72
C ASP B 91 2.04 46.00 -11.19
N GLU B 92 1.79 47.29 -11.44
CA GLU B 92 0.59 47.98 -10.93
C GLU B 92 -0.72 47.24 -11.26
N LEU B 93 -0.86 46.78 -12.51
CA LEU B 93 -2.11 46.16 -13.02
C LEU B 93 -2.15 44.62 -12.97
N CYS B 94 -1.09 43.98 -13.46
CA CYS B 94 -1.06 42.53 -13.59
C CYS B 94 -0.73 41.80 -12.28
N LEU B 95 0.25 42.29 -11.55
CA LEU B 95 0.66 41.67 -10.28
C LEU B 95 -0.03 42.28 -9.08
N LYS B 96 -1.35 42.51 -9.16
CA LYS B 96 -2.09 43.02 -8.01
C LYS B 96 -2.03 41.98 -6.90
N THR B 97 -1.86 42.44 -5.65
CA THR B 97 -1.70 41.57 -4.46
C THR B 97 -2.69 41.83 -3.33
N ALA B 98 -3.42 42.95 -3.39
CA ALA B 98 -4.20 43.46 -2.26
C ALA B 98 -5.23 42.45 -1.73
N ARG B 99 -5.37 42.42 -0.40
CA ARG B 99 -6.37 41.58 0.28
C ARG B 99 -6.26 40.06 0.02
N GLY B 100 -5.07 39.61 -0.41
CA GLY B 100 -4.80 38.18 -0.60
C GLY B 100 -5.55 37.47 -1.73
N TRP B 101 -5.58 36.14 -1.63
CA TRP B 101 -6.16 35.27 -2.68
C TRP B 101 -7.44 34.53 -2.24
N GLU B 102 -8.01 34.91 -1.10
CA GLU B 102 -9.21 34.29 -0.56
C GLU B 102 -10.31 35.33 -0.40
N CYS B 103 -11.55 34.96 -0.70
CA CYS B 103 -12.69 35.76 -0.24
C CYS B 103 -12.98 35.43 1.24
N THR B 104 -13.49 36.43 1.94
CA THR B 104 -13.95 36.27 3.32
C THR B 104 -15.45 36.61 3.35
N LYS B 105 -16.13 36.25 4.45
CA LYS B 105 -17.58 36.41 4.56
C LYS B 105 -18.01 37.87 4.31
N ASP B 106 -17.36 38.78 5.05
CA ASP B 106 -17.59 40.23 4.94
C ASP B 106 -17.39 40.80 3.55
N ARG B 107 -16.62 40.12 2.72
CA ARG B 107 -16.28 40.65 1.42
C ARG B 107 -17.39 40.45 0.36
N CYS B 108 -18.43 39.70 0.70
CA CYS B 108 -19.42 39.33 -0.32
C CYS B 108 -20.30 40.51 -0.74
N GLY B 109 -20.58 40.56 -2.05
CA GLY B 109 -21.36 41.64 -2.64
C GLY B 109 -20.66 42.99 -2.68
N GLU B 110 -19.35 43.02 -2.37
CA GLU B 110 -18.54 44.24 -2.25
C GLU B 110 -18.53 45.15 -3.50
N VAL B 111 -18.12 46.40 -3.29
CA VAL B 111 -17.95 47.34 -4.40
C VAL B 111 -16.66 46.99 -5.16
N ARG B 112 -16.82 46.39 -6.35
CA ARG B 112 -15.66 45.98 -7.18
C ARG B 112 -14.57 47.05 -7.24
N ASN B 113 -13.50 46.85 -6.47
CA ASN B 113 -12.36 47.78 -6.37
C ASN B 113 -11.15 47.31 -7.20
N GLU B 114 -10.79 48.05 -8.25
CA GLU B 114 -9.73 47.61 -9.18
C GLU B 114 -8.31 47.54 -8.59
N GLU B 115 -8.14 47.87 -7.30
CA GLU B 115 -6.82 47.80 -6.64
C GLU B 115 -6.50 46.41 -6.07
N ASN B 116 -7.42 45.46 -6.21
CA ASN B 116 -7.30 44.16 -5.55
C ASN B 116 -6.64 43.07 -6.38
N ALA B 117 -6.34 41.94 -5.73
CA ALA B 117 -5.79 40.75 -6.39
C ALA B 117 -6.88 39.93 -7.07
N CYS B 118 -8.06 39.90 -6.47
CA CYS B 118 -9.24 39.28 -7.07
C CYS B 118 -10.46 39.88 -6.39
N HIS B 119 -11.63 39.60 -6.96
CA HIS B 119 -12.83 40.29 -6.55
C HIS B 119 -13.87 39.31 -6.01
N CYS B 120 -14.79 39.82 -5.18
CA CYS B 120 -15.89 39.02 -4.62
C CYS B 120 -17.23 39.76 -4.77
N SER B 121 -17.53 40.25 -5.98
CA SER B 121 -18.75 41.04 -6.25
C SER B 121 -19.60 40.40 -7.35
N GLU B 122 -20.84 40.87 -7.50
CA GLU B 122 -21.71 40.38 -8.58
C GLU B 122 -21.11 40.64 -9.99
N ASP B 123 -20.34 41.73 -10.11
CA ASP B 123 -19.59 42.04 -11.35
C ASP B 123 -18.72 40.86 -11.80
N CYS B 124 -17.83 40.44 -10.90
CA CYS B 124 -16.84 39.37 -11.12
C CYS B 124 -16.95 38.45 -12.35
N LEU B 125 -17.96 37.55 -12.37
CA LEU B 125 -17.93 36.36 -13.25
C LEU B 125 -17.75 36.61 -14.76
N ALA B 126 -17.96 37.85 -15.18
CA ALA B 126 -17.43 38.37 -16.45
C ALA B 126 -16.21 39.25 -16.17
N ASP B 129 -12.85 37.15 -13.52
CA ASP B 129 -11.89 37.78 -12.61
C ASP B 129 -12.22 37.47 -11.15
N CYS B 130 -12.93 36.37 -10.91
CA CYS B 130 -13.31 36.00 -9.54
C CYS B 130 -12.18 35.45 -8.70
N CYS B 131 -12.42 35.29 -7.41
CA CYS B 131 -11.46 34.60 -6.59
C CYS B 131 -11.91 33.16 -6.47
N THR B 132 -10.98 32.22 -6.38
CA THR B 132 -11.31 30.83 -6.68
C THR B 132 -12.33 30.23 -5.73
N ASN B 133 -12.44 30.77 -4.53
CA ASN B 133 -13.39 30.23 -3.54
C ASN B 133 -14.66 31.09 -3.38
N TYR B 134 -14.84 32.08 -4.24
CA TYR B 134 -15.99 32.98 -4.20
C TYR B 134 -17.32 32.22 -4.03
N GLN B 135 -17.75 31.52 -5.08
CA GLN B 135 -18.95 30.68 -5.02
C GLN B 135 -19.11 29.95 -3.69
N VAL B 136 -18.02 29.42 -3.15
CA VAL B 136 -18.09 28.63 -1.92
C VAL B 136 -18.49 29.52 -0.78
N VAL B 137 -17.73 30.60 -0.62
CA VAL B 137 -17.93 31.57 0.46
C VAL B 137 -19.27 32.33 0.35
N CYS B 138 -19.49 33.03 -0.76
CA CYS B 138 -20.71 33.83 -0.99
C CYS B 138 -21.97 33.04 -1.43
N LYS B 139 -21.97 32.44 -2.62
CA LYS B 139 -23.14 31.66 -3.07
C LYS B 139 -23.33 30.29 -2.38
N GLY B 140 -22.54 29.98 -1.35
CA GLY B 140 -22.77 28.79 -0.52
C GLY B 140 -22.56 27.42 -1.18
N GLU B 141 -21.79 27.38 -2.25
CA GLU B 141 -21.43 26.11 -2.87
C GLU B 141 -20.40 25.42 -1.98
N SER B 142 -19.93 24.25 -2.40
CA SER B 142 -18.92 23.54 -1.62
C SER B 142 -17.58 23.45 -2.34
N HIS B 143 -16.51 23.41 -1.56
CA HIS B 143 -15.18 23.16 -2.10
C HIS B 143 -15.16 21.88 -2.93
N TRP B 144 -14.56 21.95 -4.12
CA TRP B 144 -14.35 20.77 -4.95
C TRP B 144 -13.87 19.61 -4.05
N VAL B 145 -12.93 19.88 -3.15
CA VAL B 145 -12.40 18.81 -2.28
C VAL B 145 -13.48 18.10 -1.42
N ASP B 146 -14.52 18.83 -1.03
CA ASP B 146 -15.58 18.25 -0.19
C ASP B 146 -16.60 17.37 -0.92
N ASP B 147 -16.74 17.54 -2.23
CA ASP B 147 -17.68 16.75 -3.02
C ASP B 147 -17.23 15.29 -3.17
N ASP B 148 -18.20 14.40 -3.34
CA ASP B 148 -17.93 12.99 -3.54
C ASP B 148 -17.41 12.71 -4.92
N CYS B 149 -16.48 11.77 -5.05
CA CYS B 149 -16.08 11.27 -6.37
C CYS B 149 -17.33 10.99 -7.20
N GLU B 150 -17.46 11.64 -8.35
CA GLU B 150 -18.54 11.39 -9.27
C GLU B 150 -17.88 11.09 -10.60
N GLU B 151 -18.08 9.88 -11.10
CA GLU B 151 -17.52 9.44 -12.40
C GLU B 151 -17.91 10.39 -13.51
N ILE B 152 -16.97 10.61 -14.43
CA ILE B 152 -17.18 11.39 -15.64
C ILE B 152 -17.31 10.43 -16.82
N LYS B 153 -18.54 10.09 -17.19
CA LYS B 153 -18.73 9.11 -18.24
C LYS B 153 -18.26 9.69 -19.56
N ALA B 154 -18.47 11.00 -19.69
CA ALA B 154 -18.18 11.73 -20.91
C ALA B 154 -17.87 13.18 -20.53
N ALA B 155 -17.10 13.89 -21.35
CA ALA B 155 -16.72 15.26 -21.00
C ALA B 155 -17.91 16.20 -21.08
N GLU B 156 -18.19 16.88 -19.96
CA GLU B 156 -19.28 17.85 -19.86
C GLU B 156 -18.76 19.26 -20.09
N CYS B 157 -18.31 19.51 -21.32
CA CYS B 157 -17.76 20.80 -21.69
C CYS B 157 -18.86 21.79 -22.09
N PRO B 158 -18.67 23.11 -21.83
CA PRO B 158 -19.60 24.09 -22.40
C PRO B 158 -19.58 24.10 -23.93
N ALA B 159 -20.58 24.75 -24.50
CA ALA B 159 -20.62 24.98 -25.95
C ALA B 159 -19.47 25.91 -26.31
N GLY B 160 -18.66 25.51 -27.28
CA GLY B 160 -17.53 26.30 -27.72
C GLY B 160 -16.23 25.55 -27.59
N PHE B 161 -16.21 24.64 -26.62
CA PHE B 161 -15.05 23.80 -26.42
C PHE B 161 -15.04 22.67 -27.44
N VAL B 162 -13.98 22.58 -28.23
CA VAL B 162 -13.85 21.51 -29.23
C VAL B 162 -13.27 20.20 -28.64
N ARG B 163 -12.64 20.31 -27.49
CA ARG B 163 -12.02 19.17 -26.85
C ARG B 163 -11.82 19.55 -25.39
N PRO B 164 -11.57 18.55 -24.53
CA PRO B 164 -11.23 18.89 -23.15
C PRO B 164 -9.81 19.47 -23.06
N PRO B 165 -9.66 20.65 -22.47
CA PRO B 165 -8.32 21.17 -22.21
C PRO B 165 -7.47 20.26 -21.29
N LEU B 166 -6.16 20.36 -21.45
CA LEU B 166 -5.23 19.68 -20.55
C LEU B 166 -4.53 20.71 -19.68
N ILE B 167 -4.46 20.44 -18.39
CA ILE B 167 -3.62 21.21 -17.48
C ILE B 167 -2.56 20.30 -16.84
N ILE B 168 -1.29 20.58 -17.15
CA ILE B 168 -0.18 19.88 -16.52
C ILE B 168 0.28 20.67 -15.30
N PHE B 169 0.37 19.99 -14.18
CA PHE B 169 0.75 20.62 -12.95
C PHE B 169 2.05 19.93 -12.55
N SER B 170 3.20 20.44 -13.04
CA SER B 170 4.49 19.87 -12.65
C SER B 170 4.91 20.40 -11.29
N VAL B 171 5.48 19.52 -10.48
CA VAL B 171 6.00 19.89 -9.18
C VAL B 171 7.39 19.32 -9.04
N ASP B 172 8.35 20.22 -8.88
CA ASP B 172 9.71 19.84 -8.71
C ASP B 172 9.99 18.98 -7.50
N GLY B 173 10.70 17.89 -7.70
CA GLY B 173 11.26 17.14 -6.59
C GLY B 173 10.21 16.64 -5.62
N PHE B 174 9.09 16.19 -6.18
CA PHE B 174 8.03 15.56 -5.42
C PHE B 174 8.22 14.05 -5.39
N ARG B 175 8.98 13.59 -4.42
CA ARG B 175 9.09 12.16 -4.10
C ARG B 175 7.74 11.41 -4.06
N ALA B 176 7.68 10.22 -4.64
CA ALA B 176 6.46 9.38 -4.59
C ALA B 176 5.99 9.16 -3.16
N SER B 177 6.95 8.89 -2.29
CA SER B 177 6.66 8.50 -0.94
C SER B 177 5.87 9.59 -0.21
N TYR B 178 6.08 10.87 -0.55
CA TYR B 178 5.31 11.95 0.08
C TYR B 178 3.80 11.70 0.00
N MET B 179 3.33 11.04 -1.05
CA MET B 179 1.89 10.76 -1.20
C MET B 179 1.33 9.93 -0.06
N LYS B 180 2.09 8.92 0.36
CA LYS B 180 1.71 8.11 1.53
C LYS B 180 1.77 8.99 2.79
N LYS B 181 2.99 9.29 3.26
CA LYS B 181 3.23 10.19 4.41
C LYS B 181 2.76 11.62 4.12
N GLY B 182 1.46 11.83 4.05
CA GLY B 182 0.91 13.08 3.57
C GLY B 182 -0.55 13.08 3.11
N SER B 183 -1.19 11.91 2.99
CA SER B 183 -2.65 11.86 2.77
C SER B 183 -3.39 12.92 3.61
N LYS B 184 -2.94 13.03 4.86
CA LYS B 184 -3.57 13.80 5.94
C LYS B 184 -3.38 15.30 5.74
N VAL B 185 -2.29 15.66 5.07
CA VAL B 185 -1.85 17.03 4.87
C VAL B 185 -2.11 17.53 3.42
N MET B 186 -2.51 16.63 2.53
CA MET B 186 -2.71 16.98 1.12
C MET B 186 -4.05 16.44 0.63
N PRO B 187 -5.14 17.07 1.08
CA PRO B 187 -6.47 16.53 0.76
C PRO B 187 -6.98 16.75 -0.67
N ASN B 188 -6.56 17.80 -1.36
CA ASN B 188 -6.94 17.96 -2.80
C ASN B 188 -6.19 17.02 -3.71
N ILE B 189 -4.89 16.88 -3.46
CA ILE B 189 -4.07 16.00 -4.24
C ILE B 189 -4.53 14.59 -3.94
N GLU B 190 -4.89 14.34 -2.69
CA GLU B 190 -5.38 13.00 -2.35
C GLU B 190 -6.73 12.68 -2.96
N LYS B 191 -7.60 13.69 -3.14
CA LYS B 191 -8.83 13.47 -3.85
C LYS B 191 -8.56 13.14 -5.30
N LEU B 192 -7.69 13.94 -5.95
CA LEU B 192 -7.31 13.69 -7.33
C LEU B 192 -6.83 12.27 -7.52
N ARG B 193 -5.94 11.84 -6.62
CA ARG B 193 -5.26 10.54 -6.69
C ARG B 193 -6.29 9.42 -6.61
N SER B 194 -7.23 9.57 -5.69
CA SER B 194 -8.18 8.50 -5.45
C SER B 194 -9.32 8.54 -6.46
N CYS B 195 -9.86 9.70 -6.81
CA CYS B 195 -10.92 9.71 -7.84
C CYS B 195 -10.40 9.45 -9.29
N GLY B 196 -9.10 9.66 -9.52
CA GLY B 196 -8.58 9.61 -10.88
C GLY B 196 -7.87 8.32 -11.19
N THR B 197 -6.93 8.42 -12.11
CA THR B 197 -6.02 7.34 -12.43
C THR B 197 -4.69 7.72 -11.80
N HIS B 198 -4.02 6.81 -11.13
CA HIS B 198 -2.75 7.11 -10.50
C HIS B 198 -1.91 5.87 -10.51
N SER B 199 -0.59 6.02 -10.36
CA SER B 199 0.28 4.86 -10.20
C SER B 199 0.92 4.98 -8.84
N PRO B 200 1.58 3.92 -8.35
CA PRO B 200 2.29 4.03 -7.09
C PRO B 200 3.45 4.98 -7.19
N TYR B 201 4.00 5.11 -8.40
CA TYR B 201 5.12 6.01 -8.66
C TYR B 201 5.46 6.05 -10.16
N MET B 202 6.11 7.10 -10.58
CA MET B 202 6.61 7.23 -11.94
C MET B 202 8.11 7.20 -11.81
N ARG B 203 8.79 6.54 -12.71
CA ARG B 203 10.26 6.49 -12.72
C ARG B 203 10.82 7.60 -13.63
N PRO B 204 11.69 8.47 -13.11
CA PRO B 204 12.32 9.48 -13.95
C PRO B 204 13.47 8.92 -14.74
N VAL B 205 13.96 9.70 -15.69
CA VAL B 205 15.14 9.33 -16.48
C VAL B 205 16.42 9.67 -15.73
N TYR B 206 17.48 8.94 -15.99
CA TYR B 206 18.80 9.36 -15.55
C TYR B 206 19.35 10.39 -16.54
N PRO B 207 20.12 11.38 -16.03
CA PRO B 207 20.37 11.70 -14.63
C PRO B 207 19.12 12.36 -14.01
N THR B 208 18.83 12.05 -12.75
CA THR B 208 17.57 12.41 -12.14
C THR B 208 17.62 13.87 -11.73
N LYS B 209 17.75 14.75 -12.71
CA LYS B 209 17.80 16.18 -12.46
C LYS B 209 16.59 16.87 -13.08
N THR B 210 16.44 18.14 -12.77
CA THR B 210 15.22 18.86 -13.11
C THR B 210 15.05 19.07 -14.60
N PHE B 211 16.11 19.52 -15.28
CA PHE B 211 15.93 19.94 -16.66
C PHE B 211 15.88 18.78 -17.60
N PRO B 212 16.75 17.79 -17.41
CA PRO B 212 16.58 16.55 -18.19
C PRO B 212 15.20 15.96 -18.04
N ASN B 213 14.64 15.91 -16.84
CA ASN B 213 13.32 15.30 -16.71
C ASN B 213 12.20 16.17 -17.23
N LEU B 214 12.24 17.46 -16.95
CA LEU B 214 11.19 18.30 -17.49
C LEU B 214 11.14 18.18 -19.00
N TYR B 215 12.28 18.13 -19.65
CA TYR B 215 12.27 18.19 -21.12
C TYR B 215 11.92 16.80 -21.67
N THR B 216 12.42 15.75 -21.03
CA THR B 216 11.91 14.41 -21.26
C THR B 216 10.37 14.34 -21.09
N LEU B 217 9.84 14.91 -20.03
CA LEU B 217 8.40 15.04 -19.90
C LEU B 217 7.76 15.62 -21.15
N ALA B 218 8.41 16.58 -21.78
CA ALA B 218 7.79 17.39 -22.82
C ALA B 218 7.97 16.81 -24.22
N THR B 219 8.90 15.86 -24.35
CA THR B 219 9.39 15.40 -25.66
C THR B 219 9.28 13.88 -25.81
N GLY B 220 9.29 13.16 -24.69
CA GLY B 220 9.31 11.74 -24.68
C GLY B 220 10.66 11.18 -25.03
N LEU B 221 11.70 11.99 -24.93
CA LEU B 221 13.07 11.54 -25.28
C LEU B 221 14.01 11.30 -24.10
N TYR B 222 14.96 10.39 -24.28
CA TYR B 222 16.01 10.18 -23.28
C TYR B 222 16.90 11.40 -23.34
N PRO B 223 17.52 11.76 -22.25
CA PRO B 223 18.33 12.96 -22.43
C PRO B 223 19.47 12.82 -23.45
N GLU B 224 20.11 11.65 -23.58
CA GLU B 224 21.10 11.50 -24.67
C GLU B 224 20.56 12.05 -26.00
N SER B 225 19.24 12.10 -26.18
CA SER B 225 18.65 12.44 -27.48
C SER B 225 18.09 13.84 -27.59
N HIS B 226 17.50 14.39 -26.53
CA HIS B 226 17.03 15.78 -26.58
C HIS B 226 18.17 16.75 -26.29
N GLY B 227 19.24 16.27 -25.69
CA GLY B 227 20.48 17.07 -25.54
C GLY B 227 20.73 17.71 -24.18
N ILE B 228 19.69 17.85 -23.38
CA ILE B 228 19.83 18.40 -22.04
C ILE B 228 20.23 17.25 -21.12
N VAL B 229 21.53 16.97 -21.13
CA VAL B 229 22.12 15.86 -20.42
C VAL B 229 22.69 16.25 -19.07
N GLY B 230 22.67 17.55 -18.78
CA GLY B 230 23.18 18.13 -17.51
C GLY B 230 22.94 19.64 -17.48
N ASN B 231 23.03 20.25 -16.29
CA ASN B 231 22.73 21.67 -16.15
C ASN B 231 23.91 22.54 -16.61
N SER B 232 25.08 21.93 -16.77
CA SER B 232 26.28 22.57 -17.30
C SER B 232 27.06 21.55 -18.11
N MET B 233 27.11 21.70 -19.43
CA MET B 233 27.67 20.62 -20.26
C MET B 233 28.80 21.08 -21.18
N TYR B 234 29.85 20.26 -21.23
CA TYR B 234 31.03 20.57 -21.93
C TYR B 234 31.00 19.91 -23.29
N ASP B 235 31.12 20.72 -24.35
CA ASP B 235 31.33 20.20 -25.72
C ASP B 235 32.82 20.09 -26.06
N PRO B 236 33.30 18.88 -26.35
CA PRO B 236 34.72 18.73 -26.65
C PRO B 236 35.15 19.21 -28.05
N VAL B 237 34.22 19.38 -29.00
CA VAL B 237 34.56 19.70 -30.41
C VAL B 237 34.93 21.19 -30.52
N PHE B 238 34.12 22.03 -29.90
CA PHE B 238 34.50 23.37 -29.47
C PHE B 238 35.20 23.10 -28.13
N ASP B 239 35.77 24.08 -27.46
CA ASP B 239 36.44 23.75 -26.16
C ASP B 239 35.70 24.56 -25.11
N ALA B 240 34.41 24.28 -24.96
CA ALA B 240 33.52 25.20 -24.31
C ALA B 240 32.52 24.50 -23.45
N THR B 241 32.01 25.23 -22.49
CA THR B 241 30.98 24.73 -21.60
C THR B 241 29.79 25.68 -21.57
N PHE B 242 28.67 25.16 -22.09
CA PHE B 242 27.37 25.81 -22.06
C PHE B 242 26.64 25.59 -20.72
N HIS B 243 26.08 26.65 -20.13
CA HIS B 243 25.20 26.48 -18.94
C HIS B 243 23.76 26.92 -19.19
N LEU B 244 22.85 26.18 -18.58
CA LEU B 244 21.44 26.44 -18.74
C LEU B 244 20.90 27.32 -17.63
N ARG B 245 20.46 28.51 -18.02
CA ARG B 245 19.49 29.28 -17.23
C ARG B 245 18.17 29.27 -18.05
N GLY B 246 17.72 28.05 -18.37
CA GLY B 246 16.50 27.80 -19.17
C GLY B 246 15.23 27.87 -18.31
N ARG B 247 15.46 27.96 -17.00
CA ARG B 247 14.52 28.54 -16.04
C ARG B 247 13.80 29.75 -16.66
N GLU B 248 14.60 30.71 -17.14
CA GLU B 248 14.15 31.84 -17.96
C GLU B 248 13.96 31.39 -19.43
N LYS B 249 14.78 31.90 -20.37
CA LYS B 249 14.48 31.71 -21.79
C LYS B 249 15.05 30.47 -22.48
N PHE B 250 14.15 29.53 -22.72
CA PHE B 250 14.40 28.31 -23.45
C PHE B 250 14.02 28.56 -24.89
N ASN B 251 14.75 27.96 -25.82
CA ASN B 251 14.36 27.89 -27.24
C ASN B 251 14.53 26.45 -27.70
N HIS B 252 13.45 25.82 -28.11
CA HIS B 252 13.48 24.39 -28.37
C HIS B 252 14.35 23.94 -29.55
N ARG B 253 14.50 24.74 -30.60
CA ARG B 253 15.16 24.21 -31.83
C ARG B 253 16.69 24.20 -31.76
N TRP B 254 17.22 24.70 -30.65
CA TRP B 254 18.62 24.43 -30.30
C TRP B 254 18.83 23.03 -29.71
N TRP B 255 17.75 22.30 -29.48
CA TRP B 255 17.83 20.98 -28.88
C TRP B 255 17.07 19.97 -29.72
N GLY B 256 17.20 18.70 -29.32
CA GLY B 256 16.56 17.59 -29.98
C GLY B 256 15.10 17.47 -29.66
N GLY B 257 14.43 16.61 -30.41
CA GLY B 257 13.01 16.33 -30.21
C GLY B 257 12.12 17.45 -30.64
N GLN B 258 10.85 17.36 -30.25
CA GLN B 258 9.81 18.34 -30.56
C GLN B 258 8.90 18.34 -29.33
N PRO B 259 8.99 19.37 -28.48
CA PRO B 259 8.17 19.34 -27.27
C PRO B 259 6.67 19.47 -27.53
N LEU B 260 5.89 19.16 -26.51
CA LEU B 260 4.43 19.10 -26.61
C LEU B 260 3.84 20.37 -27.17
N TRP B 261 4.27 21.53 -26.69
CA TRP B 261 3.67 22.81 -27.08
C TRP B 261 3.94 23.11 -28.56
N ILE B 262 5.00 22.53 -29.11
CA ILE B 262 5.26 22.68 -30.53
C ILE B 262 4.35 21.73 -31.30
N THR B 263 4.43 20.45 -30.97
CA THR B 263 3.60 19.40 -31.57
C THR B 263 2.15 19.87 -31.67
N ALA B 264 1.60 20.39 -30.58
CA ALA B 264 0.26 20.94 -30.63
C ALA B 264 0.15 22.01 -31.73
N THR B 265 0.92 23.07 -31.58
CA THR B 265 0.91 24.17 -32.54
C THR B 265 0.98 23.72 -34.02
N LYS B 266 1.83 22.75 -34.34
CA LYS B 266 1.97 22.30 -35.73
C LYS B 266 0.75 21.55 -36.22
N GLN B 267 -0.15 21.21 -35.32
CA GLN B 267 -1.30 20.39 -35.66
C GLN B 267 -2.58 21.16 -35.40
N GLY B 268 -2.45 22.49 -35.38
CA GLY B 268 -3.60 23.33 -35.27
C GLY B 268 -4.09 23.59 -33.87
N VAL B 269 -3.53 22.92 -32.86
CA VAL B 269 -4.00 23.10 -31.49
C VAL B 269 -3.16 24.17 -30.81
N LYS B 270 -3.82 25.19 -30.25
CA LYS B 270 -3.11 26.30 -29.65
C LYS B 270 -2.61 25.95 -28.25
N ALA B 271 -1.34 26.24 -28.01
CA ALA B 271 -0.70 25.92 -26.75
C ALA B 271 -0.56 27.16 -25.93
N GLY B 272 -0.87 27.09 -24.65
CA GLY B 272 -0.60 28.17 -23.71
C GLY B 272 0.80 27.97 -23.24
N THR B 273 1.32 28.89 -22.46
CA THR B 273 2.71 28.81 -22.03
C THR B 273 3.00 27.67 -21.05
N PHE B 274 4.25 27.19 -21.13
CA PHE B 274 4.76 26.16 -20.25
C PHE B 274 5.78 26.71 -19.27
N PHE B 275 6.12 27.98 -19.40
CA PHE B 275 7.12 28.59 -18.55
C PHE B 275 6.53 29.80 -17.87
N TRP B 276 7.04 30.09 -16.69
CA TRP B 276 6.60 31.21 -15.90
C TRP B 276 7.79 31.98 -15.35
N SER B 277 7.60 33.27 -15.15
CA SER B 277 8.61 34.11 -14.50
C SER B 277 8.60 33.81 -13.02
N VAL B 278 9.78 33.68 -12.43
CA VAL B 278 9.87 33.20 -11.06
C VAL B 278 9.06 34.08 -10.12
N VAL B 279 9.15 35.39 -10.36
CA VAL B 279 8.48 36.44 -9.58
C VAL B 279 6.96 36.25 -9.42
N ILE B 280 6.31 35.78 -10.49
CA ILE B 280 4.87 35.56 -10.51
C ILE B 280 4.51 34.50 -9.47
N PRO B 281 3.73 34.85 -8.45
CA PRO B 281 3.42 33.86 -7.45
C PRO B 281 2.37 32.87 -7.93
N HIS B 282 2.47 31.66 -7.39
CA HIS B 282 1.62 30.53 -7.79
C HIS B 282 0.12 30.85 -7.97
N GLU B 283 -0.45 31.50 -6.97
CA GLU B 283 -1.83 31.90 -7.00
C GLU B 283 -2.15 32.71 -8.24
N ARG B 284 -1.25 33.61 -8.64
CA ARG B 284 -1.48 34.43 -9.82
C ARG B 284 -1.45 33.56 -11.05
N ARG B 285 -0.53 32.57 -11.07
CA ARG B 285 -0.38 31.64 -12.19
C ARG B 285 -1.67 30.86 -12.42
N ILE B 286 -2.26 30.42 -11.31
CA ILE B 286 -3.56 29.76 -11.34
C ILE B 286 -4.66 30.71 -11.79
N LEU B 287 -4.71 31.90 -11.21
CA LEU B 287 -5.72 32.88 -11.60
C LEU B 287 -5.60 33.23 -13.05
N THR B 288 -4.37 33.18 -13.55
CA THR B 288 -4.09 33.50 -14.94
C THR B 288 -4.56 32.39 -15.88
N ILE B 289 -4.32 31.15 -15.49
CA ILE B 289 -4.78 30.04 -16.30
C ILE B 289 -6.31 30.04 -16.38
N LEU B 290 -6.97 30.29 -15.26
CA LEU B 290 -8.43 30.30 -15.27
C LEU B 290 -8.97 31.40 -16.19
N GLN B 291 -8.38 32.61 -16.14
CA GLN B 291 -8.71 33.69 -17.09
C GLN B 291 -8.63 33.23 -18.53
N TRP B 292 -7.48 32.66 -18.90
CA TRP B 292 -7.29 32.21 -20.27
C TRP B 292 -8.41 31.25 -20.70
N LEU B 293 -8.89 30.44 -19.75
CA LEU B 293 -9.97 29.52 -20.03
C LEU B 293 -11.31 30.23 -20.19
N THR B 294 -11.38 31.54 -19.94
CA THR B 294 -12.62 32.31 -20.25
C THR B 294 -12.53 33.08 -21.57
N LEU B 295 -11.34 33.16 -22.16
CA LEU B 295 -11.19 33.75 -23.48
C LEU B 295 -12.20 33.17 -24.48
N PRO B 296 -12.33 33.83 -25.61
CA PRO B 296 -13.18 33.36 -26.69
C PRO B 296 -12.62 32.15 -27.38
N ASP B 297 -13.48 31.45 -28.08
CA ASP B 297 -13.13 30.16 -28.60
C ASP B 297 -12.04 30.22 -29.62
N HIS B 298 -11.82 31.33 -30.27
CA HIS B 298 -10.80 31.29 -31.29
C HIS B 298 -9.47 31.76 -30.80
N GLU B 299 -9.45 32.30 -29.59
CA GLU B 299 -8.19 32.65 -28.92
C GLU B 299 -7.72 31.67 -27.84
N ARG B 300 -8.66 31.10 -27.10
CA ARG B 300 -8.38 30.25 -25.94
C ARG B 300 -7.49 29.04 -26.24
N PRO B 301 -6.38 28.87 -25.48
CA PRO B 301 -5.53 27.68 -25.61
C PRO B 301 -6.14 26.43 -25.03
N SER B 302 -5.72 25.27 -25.54
CA SER B 302 -6.28 23.97 -25.11
C SER B 302 -5.36 23.20 -24.19
N VAL B 303 -4.11 23.65 -24.03
CA VAL B 303 -3.16 23.04 -23.10
C VAL B 303 -2.31 24.09 -22.39
N TYR B 304 -2.19 23.90 -21.08
CA TYR B 304 -1.56 24.83 -20.19
C TYR B 304 -0.66 24.06 -19.23
N ALA B 305 0.40 24.71 -18.76
CA ALA B 305 1.21 24.04 -17.79
C ALA B 305 1.57 25.02 -16.68
N PHE B 306 1.55 24.49 -15.46
CA PHE B 306 1.92 25.20 -14.26
C PHE B 306 3.18 24.48 -13.75
N TYR B 307 4.09 25.22 -13.13
CA TYR B 307 5.34 24.64 -12.64
C TYR B 307 5.62 25.17 -11.27
N SER B 308 5.88 24.30 -10.32
CA SER B 308 6.23 24.74 -8.98
C SER B 308 7.64 24.33 -8.65
N GLU B 309 8.49 25.29 -8.23
CA GLU B 309 9.78 24.92 -7.70
C GLU B 309 9.68 24.24 -6.34
N GLN B 310 8.51 24.23 -5.73
CA GLN B 310 8.30 23.41 -4.54
C GLN B 310 7.68 22.08 -4.90
N PRO B 311 8.04 21.01 -4.15
CA PRO B 311 8.86 20.96 -2.94
C PRO B 311 10.39 20.80 -3.04
N ASP B 312 10.97 20.83 -4.25
CA ASP B 312 12.42 20.60 -4.41
C ASP B 312 13.20 21.63 -3.60
N PHE B 313 12.82 22.90 -3.66
CA PHE B 313 13.56 23.96 -2.94
C PHE B 313 13.73 23.64 -1.47
N SER B 314 12.63 23.52 -0.76
CA SER B 314 12.71 23.20 0.64
C SER B 314 13.42 21.86 0.89
N GLY B 315 13.20 20.87 0.03
CA GLY B 315 13.78 19.54 0.22
C GLY B 315 15.31 19.49 0.16
N HIS B 316 15.95 20.47 -0.47
CA HIS B 316 17.40 20.57 -0.35
C HIS B 316 17.74 21.05 1.04
N LYS B 317 17.11 22.13 1.47
CA LYS B 317 17.35 22.71 2.79
C LYS B 317 17.15 21.69 3.95
N TYR B 318 16.04 20.95 3.95
CA TYR B 318 15.73 20.12 5.13
C TYR B 318 15.65 18.64 4.85
N GLY B 319 15.78 18.23 3.61
CA GLY B 319 15.72 16.82 3.29
C GLY B 319 14.30 16.28 3.28
N PRO B 320 14.10 15.10 2.64
CA PRO B 320 12.76 14.56 2.41
C PRO B 320 11.96 14.25 3.68
N PHE B 321 12.66 13.84 4.74
CA PHE B 321 11.98 13.41 5.94
C PHE B 321 12.15 14.38 7.09
N GLY B 322 12.77 15.52 6.80
CA GLY B 322 12.75 16.66 7.71
C GLY B 322 11.33 17.11 8.06
N PRO B 323 11.11 17.52 9.32
CA PRO B 323 9.76 17.96 9.65
C PRO B 323 9.33 19.27 8.97
N GLU B 324 10.27 20.04 8.46
CA GLU B 324 9.92 21.28 7.77
C GLU B 324 9.27 21.04 6.41
N MET B 325 9.26 19.78 5.95
CA MET B 325 8.65 19.42 4.64
C MET B 325 7.15 19.51 4.60
N THR B 326 6.53 19.33 5.78
CA THR B 326 5.09 19.25 5.89
C THR B 326 4.40 20.51 5.42
N ASN B 327 4.96 21.67 5.74
CA ASN B 327 4.37 22.93 5.29
C ASN B 327 4.35 23.06 3.79
N PRO B 328 5.53 22.97 3.12
CA PRO B 328 5.51 23.20 1.67
C PRO B 328 4.63 22.21 0.88
N LEU B 329 4.38 21.03 1.43
CA LEU B 329 3.43 20.12 0.78
C LEU B 329 1.98 20.56 0.95
N ARG B 330 1.66 21.18 2.10
CA ARG B 330 0.33 21.75 2.34
C ARG B 330 0.10 22.91 1.40
N GLU B 331 1.11 23.75 1.26
CA GLU B 331 0.98 24.98 0.48
C GLU B 331 0.80 24.68 -0.98
N ILE B 332 1.35 23.57 -1.42
CA ILE B 332 1.15 23.15 -2.80
C ILE B 332 -0.25 22.53 -2.93
N ASP B 333 -0.61 21.65 -1.99
CA ASP B 333 -1.99 21.14 -1.96
C ASP B 333 -3.01 22.27 -1.95
N LYS B 334 -2.67 23.42 -1.37
CA LYS B 334 -3.54 24.57 -1.47
C LYS B 334 -3.69 25.04 -2.90
N ILE B 335 -2.59 25.15 -3.65
CA ILE B 335 -2.67 25.70 -5.01
C ILE B 335 -3.45 24.76 -5.90
N VAL B 336 -3.33 23.46 -5.67
CA VAL B 336 -4.22 22.50 -6.32
C VAL B 336 -5.67 22.77 -5.98
N GLY B 337 -5.95 22.93 -4.69
CA GLY B 337 -7.31 23.22 -4.24
C GLY B 337 -7.90 24.46 -4.89
N GLN B 338 -7.09 25.52 -4.99
CA GLN B 338 -7.49 26.75 -5.64
C GLN B 338 -7.78 26.46 -7.11
N LEU B 339 -7.03 25.55 -7.73
CA LEU B 339 -7.24 25.31 -9.15
C LEU B 339 -8.55 24.57 -9.37
N MET B 340 -8.78 23.51 -8.61
CA MET B 340 -10.03 22.76 -8.75
C MET B 340 -11.28 23.57 -8.36
N ASP B 341 -11.18 24.42 -7.34
CA ASP B 341 -12.32 25.27 -6.99
C ASP B 341 -12.67 26.13 -8.20
N GLY B 342 -11.68 26.83 -8.72
CA GLY B 342 -11.91 27.74 -9.83
C GLY B 342 -12.39 27.07 -11.11
N LEU B 343 -12.13 25.78 -11.29
CA LEU B 343 -12.60 25.09 -12.48
C LEU B 343 -14.05 24.73 -12.30
N LYS B 344 -14.38 24.27 -11.09
CA LYS B 344 -15.77 24.10 -10.68
C LYS B 344 -16.53 25.40 -10.90
N GLN B 345 -16.04 26.49 -10.31
CA GLN B 345 -16.61 27.81 -10.52
C GLN B 345 -16.96 28.07 -11.97
N LEU B 346 -16.08 27.71 -12.89
CA LEU B 346 -16.32 27.91 -14.32
C LEU B 346 -17.06 26.76 -14.98
N LYS B 347 -17.63 25.83 -14.21
CA LYS B 347 -18.36 24.67 -14.74
C LYS B 347 -17.44 23.85 -15.68
N LEU B 348 -16.20 23.64 -15.23
CA LEU B 348 -15.18 22.94 -16.02
C LEU B 348 -14.49 21.79 -15.32
N HIS B 349 -14.66 21.68 -14.01
CA HIS B 349 -14.16 20.55 -13.24
C HIS B 349 -14.47 19.20 -13.85
N ARG B 350 -15.58 19.08 -14.55
CA ARG B 350 -15.89 17.81 -15.23
C ARG B 350 -15.63 17.87 -16.76
N CYS B 351 -14.80 18.81 -17.18
CA CYS B 351 -14.47 19.00 -18.59
C CYS B 351 -12.95 18.94 -18.88
N VAL B 352 -12.11 19.31 -17.92
CA VAL B 352 -10.67 19.46 -18.13
C VAL B 352 -9.83 18.31 -17.54
N ASN B 353 -8.97 17.71 -18.37
CA ASN B 353 -7.98 16.74 -17.87
C ASN B 353 -6.83 17.42 -17.14
N VAL B 354 -6.66 17.10 -15.86
CA VAL B 354 -5.52 17.55 -15.12
C VAL B 354 -4.58 16.38 -14.88
N ILE B 355 -3.29 16.65 -15.06
CA ILE B 355 -2.23 15.72 -14.84
C ILE B 355 -1.35 16.33 -13.76
N PHE B 356 -1.13 15.59 -12.68
CA PHE B 356 -0.29 16.04 -11.61
C PHE B 356 0.94 15.20 -11.68
N VAL B 357 2.09 15.83 -11.88
CA VAL B 357 3.29 15.12 -12.26
C VAL B 357 4.52 15.81 -11.68
N GLY B 358 5.51 15.01 -11.30
CA GLY B 358 6.76 15.53 -10.79
C GLY B 358 7.88 15.01 -11.63
N ASP B 359 9.02 15.66 -11.51
CA ASP B 359 10.15 15.30 -12.35
C ASP B 359 11.18 14.37 -11.67
N HIS B 360 11.16 14.30 -10.34
CA HIS B 360 11.98 13.31 -9.63
C HIS B 360 11.74 13.41 -8.14
N GLY B 361 12.49 12.63 -7.38
CA GLY B 361 12.39 12.68 -5.91
C GLY B 361 13.52 13.41 -5.22
N MET B 362 13.80 12.98 -3.99
CA MET B 362 14.76 13.65 -3.14
C MET B 362 15.29 12.63 -2.15
N GLU B 363 16.60 12.68 -1.87
CA GLU B 363 17.24 11.74 -0.96
C GLU B 363 17.88 12.50 0.19
N ASP B 364 18.13 11.81 1.30
CA ASP B 364 18.93 12.36 2.43
C ASP B 364 20.43 12.45 2.08
N VAL B 365 20.95 13.66 1.97
CA VAL B 365 22.31 13.85 1.49
C VAL B 365 22.94 15.01 2.22
N THR B 366 24.04 14.75 2.92
CA THR B 366 24.72 15.77 3.75
C THR B 366 26.21 15.83 3.42
N CYS B 367 26.80 17.03 3.53
CA CYS B 367 28.20 17.27 3.08
C CYS B 367 29.23 16.58 3.95
N ASP B 368 28.79 16.03 5.07
CA ASP B 368 29.55 15.03 5.79
C ASP B 368 29.79 13.76 4.95
N ARG B 369 28.76 13.27 4.24
CA ARG B 369 28.86 12.05 3.38
C ARG B 369 29.37 12.38 1.99
N THR B 370 30.65 12.72 1.89
CA THR B 370 31.26 13.20 0.63
C THR B 370 32.61 12.51 0.42
N GLU B 371 32.80 11.87 -0.71
CA GLU B 371 34.06 11.25 -1.06
C GLU B 371 34.80 12.15 -2.00
N PHE B 372 36.11 12.10 -1.94
CA PHE B 372 36.97 13.05 -2.66
C PHE B 372 38.01 12.35 -3.53
N LEU B 373 38.15 12.76 -4.78
CA LEU B 373 39.08 12.07 -5.66
C LEU B 373 40.49 12.24 -5.13
N SER B 374 40.81 13.43 -4.62
CA SER B 374 41.95 13.65 -3.70
C SER B 374 42.46 12.38 -3.03
N ASN B 375 41.58 11.67 -2.31
CA ASN B 375 41.99 10.48 -1.58
C ASN B 375 42.16 9.22 -2.45
N TYR B 376 42.20 9.36 -3.77
CA TYR B 376 42.33 8.22 -4.65
C TYR B 376 43.35 8.45 -5.74
N LEU B 377 43.40 9.68 -6.27
CA LEU B 377 44.36 10.06 -7.30
C LEU B 377 45.31 11.12 -6.76
N THR B 378 46.51 11.14 -7.32
CA THR B 378 47.50 12.15 -7.02
C THR B 378 47.74 13.07 -8.23
N ASN B 379 46.95 12.91 -9.30
CA ASN B 379 47.01 13.86 -10.41
C ASN B 379 45.72 14.71 -10.45
N VAL B 380 45.13 14.93 -9.27
CA VAL B 380 43.84 15.58 -9.18
C VAL B 380 43.80 16.99 -9.78
N ASP B 381 44.95 17.63 -9.93
CA ASP B 381 44.98 18.98 -10.49
C ASP B 381 44.74 18.98 -11.99
N ASP B 382 44.87 17.81 -12.64
CA ASP B 382 44.79 17.70 -14.10
C ASP B 382 43.42 17.26 -14.63
N ILE B 383 42.44 17.07 -13.73
CA ILE B 383 41.06 16.71 -14.14
C ILE B 383 39.97 17.72 -13.74
N THR B 384 38.87 17.66 -14.46
CA THR B 384 37.70 18.45 -14.12
C THR B 384 36.62 17.51 -13.69
N LEU B 385 35.84 17.92 -12.71
CA LEU B 385 34.75 17.09 -12.21
C LEU B 385 33.50 17.88 -12.09
N VAL B 386 32.53 17.51 -12.89
CA VAL B 386 31.13 17.84 -12.64
C VAL B 386 30.74 17.06 -11.39
N PRO B 387 30.65 17.71 -10.21
CA PRO B 387 30.48 17.04 -8.93
C PRO B 387 29.00 16.67 -8.54
N GLY B 388 28.78 16.34 -7.26
CA GLY B 388 27.46 15.99 -6.74
C GLY B 388 27.16 14.50 -6.79
N THR B 389 25.95 14.19 -7.24
CA THR B 389 25.36 12.86 -7.17
C THR B 389 25.59 12.04 -8.43
N LEU B 390 26.27 12.64 -9.39
CA LEU B 390 26.90 11.89 -10.47
C LEU B 390 28.22 12.55 -10.77
N GLY B 391 29.18 11.75 -11.22
CA GLY B 391 30.50 12.26 -11.50
C GLY B 391 30.70 12.19 -12.98
N ARG B 392 31.08 13.32 -13.57
CA ARG B 392 31.52 13.31 -14.95
C ARG B 392 32.92 13.84 -14.94
N ILE B 393 33.87 13.04 -15.39
CA ILE B 393 35.29 13.38 -15.33
C ILE B 393 35.90 13.55 -16.72
N ARG B 394 36.79 14.53 -16.82
CA ARG B 394 37.33 15.02 -18.08
C ARG B 394 38.78 15.50 -17.85
N SER B 395 39.66 15.47 -18.87
CA SER B 395 41.00 16.14 -18.73
C SER B 395 40.84 17.63 -18.59
N LYS B 396 41.46 18.24 -17.56
CA LYS B 396 41.34 19.70 -17.41
C LYS B 396 41.98 20.47 -18.57
N PHE B 397 43.01 19.90 -19.18
CA PHE B 397 43.81 20.58 -20.20
C PHE B 397 43.76 19.79 -21.50
N SER B 398 43.46 20.49 -22.60
CA SER B 398 43.24 19.88 -23.94
C SER B 398 44.49 19.28 -24.60
N ASN B 399 45.69 19.71 -24.20
CA ASN B 399 46.95 19.14 -24.72
C ASN B 399 47.83 18.62 -23.59
N ASN B 400 47.32 17.65 -22.83
CA ASN B 400 48.04 17.01 -21.71
C ASN B 400 48.35 15.54 -21.99
N ALA B 401 49.58 15.28 -22.40
CA ALA B 401 50.06 13.92 -22.58
C ALA B 401 50.10 13.15 -21.25
N LYS B 402 50.39 13.83 -20.15
CA LYS B 402 50.44 13.19 -18.83
C LYS B 402 49.09 12.53 -18.38
N TYR B 403 47.98 12.91 -19.04
CA TYR B 403 46.62 12.44 -18.70
C TYR B 403 46.24 11.09 -19.33
N ASP B 404 45.85 10.13 -18.51
CA ASP B 404 45.50 8.79 -19.00
C ASP B 404 44.19 8.29 -18.42
N PRO B 405 43.14 8.13 -19.26
CA PRO B 405 41.84 7.69 -18.75
C PRO B 405 41.83 6.36 -17.99
N LYS B 406 42.72 5.45 -18.32
CA LYS B 406 42.63 4.08 -17.83
C LYS B 406 43.27 4.00 -16.44
N ALA B 407 44.31 4.81 -16.20
CA ALA B 407 44.86 4.99 -14.85
C ALA B 407 43.90 5.71 -13.89
N ILE B 408 43.02 6.54 -14.44
CA ILE B 408 42.01 7.20 -13.64
C ILE B 408 40.99 6.16 -13.17
N ILE B 409 40.39 5.43 -14.09
CA ILE B 409 39.43 4.37 -13.74
C ILE B 409 40.09 3.42 -12.77
N ALA B 410 41.19 2.79 -13.19
CA ALA B 410 41.96 1.86 -12.33
C ALA B 410 42.15 2.34 -10.91
N ASN B 411 42.47 3.62 -10.76
CA ASN B 411 42.71 4.21 -9.44
C ASN B 411 41.45 4.45 -8.62
N LEU B 412 40.28 4.40 -9.25
CA LEU B 412 39.02 4.67 -8.57
C LEU B 412 38.24 3.39 -8.34
N THR B 413 38.81 2.27 -8.75
CA THR B 413 38.11 1.00 -8.80
C THR B 413 38.40 0.17 -7.54
N CYS B 414 37.34 -0.22 -6.82
CA CYS B 414 37.43 -1.00 -5.57
C CYS B 414 38.73 -0.77 -4.79
N LYS B 415 38.86 0.41 -4.19
CA LYS B 415 40.05 0.77 -3.41
C LYS B 415 39.77 0.90 -1.91
N LYS B 416 38.62 1.45 -1.53
CA LYS B 416 38.19 1.40 -0.13
C LYS B 416 37.16 0.28 -0.08
N PRO B 417 37.00 -0.36 1.08
CA PRO B 417 36.11 -1.53 1.07
C PRO B 417 34.63 -1.13 1.07
N ASP B 418 34.34 0.09 1.50
CA ASP B 418 32.97 0.58 1.55
C ASP B 418 32.85 1.81 0.64
N GLN B 419 33.75 1.89 -0.33
CA GLN B 419 33.74 2.92 -1.38
C GLN B 419 32.32 3.19 -1.82
N HIS B 420 31.97 4.47 -1.97
CA HIS B 420 30.59 4.91 -2.12
C HIS B 420 30.28 5.44 -3.52
N PHE B 421 31.03 4.97 -4.50
CA PHE B 421 30.77 5.30 -5.89
C PHE B 421 31.51 4.26 -6.70
N LYS B 422 30.99 3.95 -7.90
CA LYS B 422 31.63 3.06 -8.87
C LYS B 422 31.86 3.84 -10.16
N PRO B 423 33.06 3.74 -10.73
CA PRO B 423 33.36 4.42 -11.99
C PRO B 423 33.08 3.54 -13.19
N TYR B 424 32.81 4.20 -14.29
CA TYR B 424 32.44 3.56 -15.53
C TYR B 424 32.95 4.39 -16.70
N LEU B 425 33.55 3.73 -17.68
CA LEU B 425 33.44 4.29 -19.02
C LEU B 425 31.94 4.26 -19.35
N LYS B 426 31.48 5.27 -20.07
CA LYS B 426 30.04 5.47 -20.22
C LYS B 426 29.36 4.30 -20.94
N GLN B 427 30.07 3.65 -21.85
CA GLN B 427 29.48 2.55 -22.59
C GLN B 427 29.26 1.31 -21.72
N HIS B 428 29.82 1.35 -20.52
CA HIS B 428 29.72 0.23 -19.59
C HIS B 428 28.67 0.45 -18.54
N LEU B 429 28.12 1.66 -18.49
CA LEU B 429 26.98 1.90 -17.65
C LEU B 429 25.90 0.97 -18.12
N PRO B 430 25.04 0.56 -17.20
CA PRO B 430 23.85 -0.21 -17.49
C PRO B 430 23.04 0.38 -18.65
N LYS B 431 22.75 -0.45 -19.63
CA LYS B 431 21.98 0.01 -20.73
C LYS B 431 20.70 0.71 -20.33
N ARG B 432 20.08 0.34 -19.21
CA ARG B 432 18.77 0.92 -18.84
C ARG B 432 18.86 2.42 -18.61
N LEU B 433 20.04 2.92 -18.27
CA LEU B 433 20.20 4.32 -17.98
C LEU B 433 20.11 5.20 -19.22
N HIS B 434 20.55 4.65 -20.36
CA HIS B 434 20.48 5.33 -21.65
C HIS B 434 21.28 6.61 -21.65
N TYR B 435 22.50 6.54 -21.11
CA TYR B 435 23.27 7.74 -20.86
C TYR B 435 24.69 7.58 -21.42
N ALA B 436 24.76 7.61 -22.74
CA ALA B 436 26.04 7.51 -23.40
C ALA B 436 26.10 8.23 -24.75
N ASN B 437 25.06 8.14 -25.58
CA ASN B 437 25.15 8.63 -26.94
C ASN B 437 24.99 10.11 -27.11
N ASN B 438 25.79 10.89 -26.40
CA ASN B 438 25.85 12.29 -26.67
C ASN B 438 27.30 12.67 -26.37
N ARG B 439 27.87 13.53 -27.22
CA ARG B 439 29.29 13.78 -27.13
C ARG B 439 29.60 14.72 -25.98
N ARG B 440 28.55 15.22 -25.31
CA ARG B 440 28.71 16.11 -24.17
C ARG B 440 28.49 15.34 -22.88
N ILE B 441 28.41 14.04 -22.97
CA ILE B 441 28.53 13.16 -21.81
C ILE B 441 29.99 12.70 -21.81
N GLU B 442 30.72 13.14 -20.79
CA GLU B 442 32.10 12.76 -20.61
C GLU B 442 32.23 11.23 -20.54
N ASP B 443 33.29 10.70 -21.17
CA ASP B 443 33.54 9.26 -21.24
C ASP B 443 33.50 8.65 -19.88
N ILE B 444 34.24 9.23 -18.97
CA ILE B 444 34.31 8.66 -17.65
C ILE B 444 33.15 9.20 -16.88
N HIS B 445 32.49 8.28 -16.18
CA HIS B 445 31.32 8.57 -15.37
C HIS B 445 31.41 7.88 -14.02
N LEU B 446 30.96 8.55 -12.96
CA LEU B 446 30.88 7.93 -11.64
C LEU B 446 29.44 7.73 -11.21
N LEU B 447 29.01 6.47 -11.05
CA LEU B 447 27.74 6.19 -10.37
C LEU B 447 27.93 6.36 -8.86
N VAL B 448 27.25 7.32 -8.26
CA VAL B 448 27.40 7.60 -6.84
C VAL B 448 26.36 6.84 -6.05
N GLU B 449 26.71 6.36 -4.88
CA GLU B 449 25.75 5.64 -4.05
C GLU B 449 24.71 6.57 -3.47
N ARG B 450 23.46 6.12 -3.43
CA ARG B 450 22.38 6.88 -2.81
C ARG B 450 22.81 7.41 -1.43
N ARG B 451 22.48 8.66 -1.16
CA ARG B 451 22.86 9.38 0.09
C ARG B 451 24.25 10.04 0.05
N TRP B 452 25.06 9.73 -0.94
CA TRP B 452 26.40 10.27 -0.99
C TRP B 452 26.59 11.34 -2.05
N HIS B 453 27.68 12.08 -1.91
CA HIS B 453 28.15 13.03 -2.89
C HIS B 453 29.56 12.65 -3.28
N VAL B 454 29.99 13.21 -4.40
CA VAL B 454 31.33 13.05 -4.91
C VAL B 454 31.86 14.40 -5.31
N ALA B 455 33.01 14.77 -4.78
CA ALA B 455 33.65 16.02 -5.12
C ALA B 455 35.09 15.69 -5.41
N ARG B 456 35.83 16.68 -5.92
CA ARG B 456 37.20 16.46 -6.38
C ARG B 456 38.24 16.72 -5.27
N LYS B 457 38.26 17.95 -4.77
CA LYS B 457 39.09 18.39 -3.66
C LYS B 457 38.20 19.00 -2.58
N PRO B 458 38.71 19.09 -1.35
CA PRO B 458 38.09 19.95 -0.36
C PRO B 458 37.91 21.43 -0.72
N LEU B 459 38.68 22.03 -1.64
CA LEU B 459 38.37 23.45 -1.98
C LEU B 459 37.05 23.62 -2.67
N ASP B 460 36.56 22.55 -3.30
CA ASP B 460 35.38 22.65 -4.17
C ASP B 460 34.08 22.68 -3.37
N VAL B 461 34.03 21.96 -2.25
CA VAL B 461 32.90 22.01 -1.31
C VAL B 461 33.04 23.20 -0.35
N TYR B 462 31.90 23.74 0.09
CA TYR B 462 31.84 24.86 1.06
C TYR B 462 30.71 24.58 2.07
N LYS B 463 30.95 24.84 3.37
CA LYS B 463 29.86 24.82 4.37
C LYS B 463 29.62 26.24 4.90
N LYS B 464 28.46 26.43 5.57
CA LYS B 464 28.16 27.71 6.26
C LYS B 464 29.19 27.93 7.41
N PRO B 465 29.37 29.18 7.89
CA PRO B 465 30.46 29.43 8.87
C PRO B 465 30.40 28.56 10.15
N SER B 466 29.21 28.44 10.76
CA SER B 466 28.95 27.51 11.89
C SER B 466 29.40 26.05 11.63
N GLY B 467 29.23 25.61 10.39
CA GLY B 467 29.54 24.25 9.98
C GLY B 467 28.31 23.46 9.58
N LYS B 468 27.10 24.02 9.77
CA LYS B 468 25.87 23.39 9.26
C LYS B 468 25.90 23.45 7.72
N CYS B 469 25.52 22.34 7.12
CA CYS B 469 25.49 22.22 5.68
C CYS B 469 24.43 23.14 5.05
N PHE B 470 24.71 23.67 3.86
CA PHE B 470 23.70 24.42 3.11
C PHE B 470 22.49 23.54 2.72
N PHE B 471 22.76 22.27 2.43
CA PHE B 471 21.77 21.36 1.87
C PHE B 471 21.70 20.11 2.71
N GLN B 472 20.56 19.43 2.63
CA GLN B 472 20.29 18.19 3.38
C GLN B 472 19.56 17.09 2.58
N GLY B 473 19.30 17.35 1.29
CA GLY B 473 18.76 16.34 0.39
C GLY B 473 19.19 16.69 -1.01
N ASP B 474 19.15 15.74 -1.93
CA ASP B 474 19.59 16.01 -3.32
C ASP B 474 19.15 14.91 -4.29
N HIS B 475 19.04 15.27 -5.55
CA HIS B 475 18.74 14.31 -6.58
C HIS B 475 19.96 14.19 -7.48
N GLY B 476 19.88 13.18 -8.37
CA GLY B 476 20.81 12.94 -9.48
C GLY B 476 21.16 11.49 -9.60
N PHE B 477 20.73 10.70 -8.63
CA PHE B 477 21.16 9.31 -8.51
C PHE B 477 20.47 8.42 -9.51
N ASP B 478 21.04 7.22 -9.65
CA ASP B 478 20.51 6.15 -10.50
C ASP B 478 19.01 6.15 -10.38
N ASN B 479 18.33 6.03 -11.50
CA ASN B 479 16.90 6.20 -11.47
C ASN B 479 16.07 5.01 -10.97
N LYS B 480 16.69 3.92 -10.50
CA LYS B 480 15.92 2.82 -9.91
C LYS B 480 15.84 2.98 -8.40
N VAL B 481 16.73 3.80 -7.85
CA VAL B 481 16.71 4.16 -6.43
C VAL B 481 15.35 4.70 -5.96
N ASN B 482 14.81 4.15 -4.88
CA ASN B 482 13.46 4.51 -4.42
C ASN B 482 13.22 5.98 -4.12
N SER B 483 14.21 6.66 -3.56
CA SER B 483 13.99 8.05 -3.20
C SER B 483 13.84 8.99 -4.41
N MET B 484 14.24 8.51 -5.59
CA MET B 484 14.19 9.32 -6.82
C MET B 484 12.90 9.21 -7.59
N GLN B 485 12.12 8.15 -7.36
CA GLN B 485 10.81 8.01 -7.98
C GLN B 485 9.91 9.19 -7.63
N THR B 486 8.95 9.47 -8.47
CA THR B 486 8.13 10.66 -8.38
C THR B 486 6.69 10.23 -8.66
N VAL B 487 5.79 11.20 -8.78
CA VAL B 487 4.37 10.93 -8.80
C VAL B 487 3.74 11.20 -10.14
N PHE B 488 2.72 10.41 -10.44
CA PHE B 488 1.77 10.68 -11.51
C PHE B 488 0.34 10.45 -11.03
N VAL B 489 -0.54 11.34 -11.47
CA VAL B 489 -1.98 11.24 -11.28
C VAL B 489 -2.69 11.91 -12.44
N GLY B 490 -3.56 11.18 -13.11
CA GLY B 490 -4.38 11.74 -14.16
C GLY B 490 -5.81 11.86 -13.70
N TYR B 491 -6.43 13.00 -13.97
CA TYR B 491 -7.80 13.21 -13.58
C TYR B 491 -8.57 13.94 -14.68
N GLY B 492 -9.85 13.77 -14.75
CA GLY B 492 -10.57 14.49 -15.74
C GLY B 492 -11.28 13.46 -16.52
N SER B 493 -11.76 13.83 -17.69
CA SER B 493 -12.72 13.06 -18.37
C SER B 493 -12.21 11.97 -19.28
N THR B 494 -10.94 11.99 -19.59
CA THR B 494 -10.40 11.02 -20.50
C THR B 494 -9.64 10.00 -19.77
N PHE B 495 -9.31 10.29 -18.53
CA PHE B 495 -8.62 9.30 -17.72
C PHE B 495 -9.68 8.40 -17.11
N LYS B 496 -9.24 7.19 -16.75
CA LYS B 496 -10.11 6.20 -16.11
C LYS B 496 -10.52 6.71 -14.75
N TYR B 497 -11.57 6.08 -14.22
CA TYR B 497 -12.17 6.54 -12.95
C TYR B 497 -11.69 5.66 -11.81
N LYS B 498 -11.08 6.29 -10.79
CA LYS B 498 -10.69 5.59 -9.58
C LYS B 498 -9.90 4.34 -9.92
N THR B 499 -8.87 4.45 -10.73
CA THR B 499 -8.13 3.29 -11.17
C THR B 499 -6.65 3.39 -10.85
N LYS B 500 -6.08 2.29 -10.39
CA LYS B 500 -4.66 2.23 -10.13
C LYS B 500 -4.01 1.52 -11.30
N VAL B 501 -2.92 2.08 -11.78
CA VAL B 501 -2.16 1.46 -12.85
C VAL B 501 -0.80 1.17 -12.26
N PRO B 502 -0.07 0.22 -12.83
CA PRO B 502 1.29 0.01 -12.28
C PRO B 502 2.25 1.17 -12.59
N PRO B 503 3.38 1.23 -11.88
CA PRO B 503 4.34 2.27 -12.19
C PRO B 503 4.95 2.14 -13.60
N PHE B 504 5.35 3.30 -14.10
CA PHE B 504 5.81 3.46 -15.49
C PHE B 504 6.88 4.56 -15.62
N GLU B 505 7.59 4.56 -16.74
CA GLU B 505 8.67 5.55 -16.98
C GLU B 505 8.11 6.86 -17.54
N ASN B 506 8.68 8.00 -17.14
CA ASN B 506 8.19 9.32 -17.62
C ASN B 506 8.35 9.63 -19.13
N ILE B 507 9.16 8.85 -19.83
CA ILE B 507 9.20 8.95 -21.28
C ILE B 507 7.89 8.55 -21.97
N GLU B 508 6.97 7.94 -21.25
CA GLU B 508 5.79 7.41 -21.90
C GLU B 508 4.68 8.44 -21.93
N LEU B 509 4.71 9.43 -21.04
CA LEU B 509 3.67 10.47 -21.00
C LEU B 509 3.51 11.40 -22.24
N TYR B 510 4.61 11.77 -22.92
CA TYR B 510 4.50 12.68 -24.08
C TYR B 510 3.46 12.15 -25.01
N ASN B 511 3.54 10.84 -25.26
CA ASN B 511 2.57 10.11 -26.08
C ASN B 511 1.15 10.21 -25.58
N VAL B 512 0.98 10.10 -24.26
CA VAL B 512 -0.35 10.17 -23.68
C VAL B 512 -0.90 11.58 -23.72
N MET B 513 -0.07 12.57 -23.46
CA MET B 513 -0.53 13.95 -23.56
C MET B 513 -0.89 14.24 -25.01
N CYS B 514 -0.19 13.63 -25.96
CA CYS B 514 -0.62 13.76 -27.35
C CYS B 514 -1.99 13.14 -27.55
N ASP B 515 -2.22 11.93 -27.08
CA ASP B 515 -3.54 11.30 -27.21
C ASP B 515 -4.67 12.14 -26.60
N LEU B 516 -4.45 12.71 -25.44
CA LEU B 516 -5.42 13.60 -24.85
C LEU B 516 -5.73 14.85 -25.66
N LEU B 517 -4.91 15.23 -26.60
CA LEU B 517 -5.17 16.45 -27.38
C LEU B 517 -5.52 16.15 -28.84
N GLY B 518 -5.67 14.86 -29.16
CA GLY B 518 -5.84 14.40 -30.53
C GLY B 518 -4.66 14.74 -31.42
N LEU B 519 -3.47 14.68 -30.85
CA LEU B 519 -2.26 15.02 -31.57
C LEU B 519 -1.59 13.73 -31.94
N LYS B 520 -0.81 13.82 -33.00
CA LYS B 520 -0.02 12.74 -33.52
C LYS B 520 1.40 12.97 -32.95
N PRO B 521 1.87 12.08 -32.07
CA PRO B 521 3.11 12.44 -31.41
C PRO B 521 4.29 12.29 -32.36
N ALA B 522 5.32 13.09 -32.16
CA ALA B 522 6.55 13.04 -32.97
C ALA B 522 7.34 11.88 -32.51
N PRO B 523 8.36 11.48 -33.28
CA PRO B 523 9.12 10.29 -32.82
C PRO B 523 9.70 10.50 -31.43
N ASN B 524 9.33 9.65 -30.48
CA ASN B 524 9.90 9.69 -29.14
C ASN B 524 10.41 8.30 -28.69
N ASN B 525 10.81 8.14 -27.43
CA ASN B 525 11.33 6.87 -26.92
C ASN B 525 10.34 6.18 -26.05
N GLY B 526 9.18 6.79 -25.92
CA GLY B 526 8.02 6.08 -25.39
C GLY B 526 7.60 5.00 -26.36
N THR B 527 6.72 4.15 -25.89
CA THR B 527 6.18 3.05 -26.65
C THR B 527 4.67 3.22 -26.71
N HIS B 528 4.19 3.75 -27.82
CA HIS B 528 2.82 4.24 -27.92
C HIS B 528 1.79 3.10 -27.86
N GLY B 529 0.87 3.21 -26.89
CA GLY B 529 -0.07 2.14 -26.54
C GLY B 529 0.21 1.51 -25.19
N SER B 530 1.44 1.64 -24.70
CA SER B 530 1.84 1.06 -23.41
C SER B 530 1.08 1.65 -22.21
N LEU B 531 0.63 2.91 -22.32
CA LEU B 531 -0.19 3.58 -21.29
C LEU B 531 -1.66 3.70 -21.69
N ASN B 532 -2.13 2.87 -22.62
CA ASN B 532 -3.53 2.96 -23.02
C ASN B 532 -4.47 2.66 -21.88
N HIS B 533 -4.02 1.84 -20.92
CA HIS B 533 -4.81 1.50 -19.74
C HIS B 533 -5.03 2.61 -18.71
N LEU B 534 -4.58 3.82 -19.00
CA LEU B 534 -4.83 4.95 -18.12
C LEU B 534 -6.07 5.70 -18.58
N LEU B 535 -6.56 5.34 -19.77
CA LEU B 535 -7.59 6.12 -20.47
C LEU B 535 -8.89 5.36 -20.65
N ARG B 536 -10.00 6.10 -20.62
CA ARG B 536 -11.32 5.61 -21.02
C ARG B 536 -11.43 5.61 -22.57
N THR B 537 -10.84 6.61 -23.25
CA THR B 537 -10.95 6.69 -24.73
C THR B 537 -9.66 7.04 -25.48
N ASN B 538 -9.01 5.99 -25.99
CA ASN B 538 -7.89 6.14 -26.91
C ASN B 538 -8.38 5.99 -28.35
N THR B 539 -8.11 7.01 -29.15
CA THR B 539 -8.17 6.93 -30.61
C THR B 539 -6.94 6.21 -31.20
N PHE B 540 -5.91 5.93 -30.36
CA PHE B 540 -4.70 5.23 -30.83
C PHE B 540 -4.73 3.72 -30.64
N ARG B 541 -4.89 3.00 -31.74
CA ARG B 541 -4.77 1.55 -31.78
C ARG B 541 -3.38 1.22 -32.34
N PRO B 542 -2.48 0.69 -31.49
CA PRO B 542 -1.14 0.35 -31.99
C PRO B 542 -1.17 -0.91 -32.85
N THR B 543 -0.21 -1.02 -33.77
CA THR B 543 -0.03 -2.24 -34.58
C THR B 543 1.43 -2.68 -34.54
N MET B 544 1.62 -3.99 -34.46
CA MET B 544 2.95 -4.58 -34.42
C MET B 544 3.75 -4.14 -35.62
N PRO B 545 5.07 -3.96 -35.43
CA PRO B 545 5.90 -3.64 -36.59
C PRO B 545 5.87 -4.76 -37.62
N GLU B 546 6.08 -4.43 -38.89
CA GLU B 546 6.03 -5.46 -39.93
C GLU B 546 7.34 -6.22 -39.96
N GLU B 547 7.26 -7.55 -39.96
CA GLU B 547 8.46 -8.31 -40.22
C GLU B 547 9.15 -7.83 -41.52
N VAL B 548 10.46 -7.77 -41.51
CA VAL B 548 11.23 -7.27 -42.64
C VAL B 548 11.97 -8.44 -43.24
N THR B 549 12.49 -9.35 -42.42
CA THR B 549 13.15 -10.54 -42.97
C THR B 549 12.50 -11.83 -42.49
N ARG B 550 11.91 -12.56 -43.42
CA ARG B 550 11.34 -13.87 -43.12
C ARG B 550 12.48 -14.86 -42.93
N PRO B 551 12.24 -15.86 -42.09
CA PRO B 551 13.24 -16.87 -41.86
C PRO B 551 13.21 -17.95 -42.91
N ASN B 552 14.39 -18.47 -43.24
CA ASN B 552 14.51 -19.74 -43.90
C ASN B 552 14.31 -20.86 -42.85
N TYR B 553 13.95 -22.04 -43.33
CA TYR B 553 13.81 -23.22 -42.48
C TYR B 553 14.61 -24.37 -43.09
N PRO B 554 15.95 -24.30 -42.98
CA PRO B 554 16.75 -25.27 -43.70
C PRO B 554 16.57 -26.68 -43.15
N GLY B 555 16.49 -27.64 -44.06
CA GLY B 555 16.65 -29.06 -43.74
C GLY B 555 18.12 -29.37 -43.83
N ILE B 556 18.47 -30.61 -44.15
CA ILE B 556 19.88 -30.93 -44.36
C ILE B 556 20.34 -30.29 -45.65
N MET B 557 21.39 -29.49 -45.57
CA MET B 557 21.95 -28.80 -46.73
C MET B 557 23.48 -29.00 -46.90
N TYR B 558 24.11 -29.71 -45.96
CA TYR B 558 25.56 -29.92 -45.97
C TYR B 558 25.91 -31.30 -45.42
N LEU B 559 27.17 -31.68 -45.57
CA LEU B 559 27.67 -32.97 -45.08
C LEU B 559 28.70 -32.70 -43.97
N GLN B 560 28.86 -33.67 -43.07
CA GLN B 560 29.94 -33.60 -42.07
C GLN B 560 31.32 -33.35 -42.71
N SER B 561 31.52 -33.89 -43.91
CA SER B 561 32.82 -33.82 -44.60
C SER B 561 33.15 -32.37 -45.00
N ASP B 562 32.10 -31.58 -45.22
CA ASP B 562 32.22 -30.17 -45.62
C ASP B 562 32.81 -29.22 -44.55
N PHE B 563 32.77 -29.61 -43.27
CA PHE B 563 33.21 -28.79 -42.14
C PHE B 563 34.57 -29.18 -41.65
N ASP B 564 35.39 -28.19 -41.28
CA ASP B 564 36.60 -28.50 -40.56
C ASP B 564 36.89 -27.46 -39.50
N LEU B 565 36.28 -27.69 -38.36
CA LEU B 565 36.28 -26.75 -37.25
C LEU B 565 37.59 -26.82 -36.46
N GLY B 566 38.26 -27.96 -36.54
CA GLY B 566 39.37 -28.25 -35.66
C GLY B 566 38.97 -28.22 -34.20
N CYS B 567 37.95 -29.00 -33.82
CA CYS B 567 37.34 -28.97 -32.47
C CYS B 567 37.56 -30.24 -31.67
N SER B 591 6.49 -30.18 -32.90
CA SER B 591 5.98 -29.90 -31.56
C SER B 591 7.11 -29.51 -30.61
N THR B 592 8.02 -28.70 -31.15
CA THR B 592 9.08 -28.05 -30.38
C THR B 592 8.64 -26.59 -30.13
N GLU B 593 8.16 -25.90 -31.19
CA GLU B 593 7.55 -24.57 -31.07
C GLU B 593 6.46 -24.61 -29.97
N GLU B 594 5.72 -25.71 -29.97
CA GLU B 594 4.72 -26.01 -28.95
C GLU B 594 5.20 -25.79 -27.52
N ARG B 595 6.41 -26.27 -27.22
CA ARG B 595 6.91 -26.34 -25.86
C ARG B 595 7.98 -25.30 -25.56
N HIS B 596 8.85 -24.98 -26.53
CA HIS B 596 9.99 -24.08 -26.33
C HIS B 596 9.88 -22.68 -26.95
N LEU B 597 8.86 -22.45 -27.76
CA LEU B 597 8.61 -21.13 -28.34
C LEU B 597 7.18 -20.72 -28.01
N LEU B 598 6.98 -20.23 -26.80
CA LEU B 598 5.65 -19.97 -26.26
C LEU B 598 4.93 -18.75 -26.80
N TYR B 599 5.65 -17.71 -27.22
CA TYR B 599 4.96 -16.43 -27.45
C TYR B 599 5.03 -16.05 -28.90
N GLY B 600 5.42 -17.01 -29.72
CA GLY B 600 5.55 -16.79 -31.14
C GLY B 600 7.00 -16.55 -31.43
N ARG B 601 7.34 -16.56 -32.71
CA ARG B 601 8.72 -16.38 -33.12
C ARG B 601 8.99 -14.89 -33.03
N PRO B 602 10.20 -14.51 -32.61
CA PRO B 602 10.54 -13.08 -32.71
C PRO B 602 10.72 -12.65 -34.16
N ALA B 603 10.14 -11.51 -34.50
CA ALA B 603 10.23 -10.98 -35.84
C ALA B 603 11.48 -10.14 -36.04
N VAL B 604 12.18 -10.34 -37.15
CA VAL B 604 13.44 -9.67 -37.40
C VAL B 604 13.17 -8.42 -38.23
N LEU B 605 13.59 -7.25 -37.73
CA LEU B 605 13.14 -5.96 -38.27
C LEU B 605 14.21 -5.21 -39.07
N TYR B 606 15.27 -5.91 -39.45
CA TYR B 606 16.21 -5.41 -40.43
C TYR B 606 16.42 -6.40 -41.58
N ARG B 607 16.90 -5.88 -42.73
CA ARG B 607 17.27 -6.72 -43.88
C ARG B 607 18.52 -7.55 -43.52
N THR B 608 18.42 -8.89 -43.64
CA THR B 608 19.53 -9.81 -43.32
C THR B 608 19.19 -11.26 -43.75
N ARG B 609 19.95 -12.25 -43.29
CA ARG B 609 19.66 -13.68 -43.59
C ARG B 609 19.69 -14.51 -42.33
N TYR B 610 18.54 -15.12 -41.96
CA TYR B 610 18.54 -16.11 -40.88
C TYR B 610 17.73 -17.38 -41.11
N ASP B 611 18.03 -18.37 -40.26
CA ASP B 611 17.42 -19.69 -40.28
C ASP B 611 16.73 -19.91 -38.95
N ILE B 612 15.58 -20.58 -38.95
CA ILE B 612 15.03 -21.08 -37.70
C ILE B 612 15.59 -22.50 -37.54
N LEU B 613 16.04 -22.84 -36.34
CA LEU B 613 16.58 -24.18 -36.09
C LEU B 613 15.84 -24.84 -34.94
N TYR B 614 15.13 -25.93 -35.21
CA TYR B 614 14.44 -26.69 -34.15
C TYR B 614 15.32 -27.72 -33.49
N HIS B 615 15.08 -27.97 -32.21
CA HIS B 615 15.74 -29.05 -31.52
C HIS B 615 14.82 -29.58 -30.42
N THR B 616 15.18 -30.75 -29.90
CA THR B 616 14.38 -31.37 -28.85
C THR B 616 14.19 -30.35 -27.72
N ASP B 617 15.30 -29.80 -27.24
CA ASP B 617 15.35 -28.94 -26.04
C ASP B 617 15.24 -27.40 -26.21
N PHE B 618 15.40 -26.90 -27.43
CA PHE B 618 15.43 -25.47 -27.66
C PHE B 618 15.34 -25.11 -29.12
N GLU B 619 14.77 -23.94 -29.39
CA GLU B 619 14.62 -23.45 -30.74
C GLU B 619 15.50 -22.19 -30.90
N SER B 620 16.05 -21.97 -32.11
CA SER B 620 16.94 -20.82 -32.31
C SER B 620 16.74 -20.10 -33.63
N GLY B 621 17.36 -18.92 -33.71
CA GLY B 621 17.25 -18.01 -34.84
C GLY B 621 18.65 -17.58 -35.22
N TYR B 622 19.26 -18.30 -36.16
CA TYR B 622 20.69 -18.19 -36.48
C TYR B 622 20.90 -17.18 -37.57
N SER B 623 21.66 -16.13 -37.25
CA SER B 623 22.05 -15.14 -38.21
C SER B 623 23.22 -15.71 -38.99
N GLU B 624 23.02 -15.92 -40.28
CA GLU B 624 24.13 -16.28 -41.17
C GLU B 624 25.09 -15.12 -41.41
N ILE B 625 24.66 -13.88 -41.15
CA ILE B 625 25.53 -12.71 -41.29
C ILE B 625 26.37 -12.46 -40.05
N PHE B 626 25.91 -12.87 -38.87
CA PHE B 626 26.68 -12.70 -37.61
C PHE B 626 27.32 -14.00 -37.08
N LEU B 627 26.99 -15.13 -37.72
CA LEU B 627 27.56 -16.44 -37.40
C LEU B 627 27.27 -16.89 -35.97
N MET B 628 26.10 -16.54 -35.46
CA MET B 628 25.62 -17.00 -34.19
C MET B 628 24.12 -16.73 -34.18
N PRO B 629 23.39 -17.29 -33.20
CA PRO B 629 21.95 -16.99 -33.11
C PRO B 629 21.69 -15.55 -32.74
N LEU B 630 20.54 -15.04 -33.14
CA LEU B 630 20.08 -13.75 -32.66
C LEU B 630 19.28 -14.00 -31.41
N TRP B 631 18.59 -15.14 -31.39
CA TRP B 631 17.86 -15.52 -30.23
C TRP B 631 17.83 -17.02 -30.06
N THR B 632 17.71 -17.44 -28.80
CA THR B 632 17.57 -18.84 -28.43
C THR B 632 16.46 -18.94 -27.39
N SER B 633 15.56 -19.91 -27.57
CA SER B 633 14.34 -20.02 -26.76
C SER B 633 14.22 -21.40 -26.18
N TYR B 634 13.89 -21.51 -24.91
CA TYR B 634 13.72 -22.80 -24.28
C TYR B 634 13.01 -22.66 -22.96
N THR B 635 12.03 -23.53 -22.72
CA THR B 635 11.41 -23.66 -21.42
C THR B 635 12.09 -24.68 -20.50
N VAL B 636 11.99 -24.43 -19.21
CA VAL B 636 12.54 -25.28 -18.18
C VAL B 636 11.45 -25.39 -17.16
N SER B 637 11.03 -26.60 -16.82
CA SER B 637 9.85 -26.76 -15.98
C SER B 637 10.22 -26.82 -14.52
N LYS B 638 9.27 -26.55 -13.64
CA LYS B 638 9.52 -26.56 -12.16
C LYS B 638 10.33 -27.77 -11.69
N GLN B 639 10.22 -28.86 -12.44
CA GLN B 639 10.69 -30.21 -12.10
C GLN B 639 12.21 -30.31 -11.97
N CYS B 652 32.70 -32.10 -26.94
CA CYS B 652 33.27 -31.33 -28.07
C CYS B 652 32.22 -30.84 -29.10
N VAL B 653 32.51 -29.69 -29.71
CA VAL B 653 31.62 -28.99 -30.67
C VAL B 653 31.50 -29.68 -32.04
N ARG B 654 30.28 -29.87 -32.54
CA ARG B 654 30.05 -30.61 -33.78
C ARG B 654 29.31 -29.76 -34.81
N PRO B 655 29.58 -29.98 -36.10
CA PRO B 655 28.90 -29.27 -37.20
C PRO B 655 27.40 -29.38 -37.22
N ASP B 656 26.75 -28.33 -37.69
CA ASP B 656 25.30 -28.33 -37.90
C ASP B 656 25.11 -28.34 -39.39
N VAL B 657 24.65 -29.48 -39.87
CA VAL B 657 24.46 -29.67 -41.28
C VAL B 657 23.28 -28.90 -41.90
N ARG B 658 22.62 -28.04 -41.13
CA ARG B 658 21.64 -27.10 -41.67
C ARG B 658 22.28 -25.77 -42.10
N VAL B 659 23.53 -25.55 -41.69
CA VAL B 659 24.16 -24.26 -41.92
C VAL B 659 25.54 -24.41 -42.54
N SER B 660 25.80 -23.64 -43.60
CA SER B 660 27.08 -23.70 -44.29
C SER B 660 28.25 -23.48 -43.34
N PRO B 661 29.36 -24.20 -43.56
CA PRO B 661 30.65 -23.92 -42.92
C PRO B 661 31.11 -22.49 -43.14
N SER B 662 30.79 -21.93 -44.30
CA SER B 662 31.05 -20.52 -44.55
C SER B 662 30.36 -19.59 -43.53
N PHE B 663 29.24 -20.02 -42.95
CA PHE B 663 28.48 -19.18 -42.00
C PHE B 663 28.44 -19.74 -40.62
N SER B 664 29.51 -20.44 -40.24
CA SER B 664 29.57 -21.14 -38.97
C SER B 664 30.89 -20.78 -38.33
N GLN B 665 30.95 -20.87 -37.02
CA GLN B 665 32.19 -20.56 -36.33
C GLN B 665 33.13 -21.76 -36.44
N ASN B 666 34.18 -21.79 -35.60
CA ASN B 666 35.17 -22.86 -35.60
C ASN B 666 36.06 -22.73 -34.37
N CYS B 667 36.53 -23.85 -33.84
CA CYS B 667 37.29 -23.82 -32.59
C CYS B 667 38.72 -23.36 -32.77
N LEU B 668 39.18 -23.32 -34.03
CA LEU B 668 40.53 -22.86 -34.33
C LEU B 668 40.69 -21.37 -33.98
N ALA B 669 39.65 -20.58 -34.24
CA ALA B 669 39.69 -19.15 -33.93
C ALA B 669 39.81 -18.89 -32.42
N TYR B 670 39.09 -19.68 -31.63
CA TYR B 670 39.16 -19.56 -30.18
C TYR B 670 40.49 -20.06 -29.56
N LYS B 671 41.10 -21.10 -30.15
CA LYS B 671 42.41 -21.58 -29.66
C LYS B 671 43.49 -20.53 -29.94
N ASN B 672 43.44 -19.90 -31.11
CA ASN B 672 44.33 -18.78 -31.42
C ASN B 672 44.03 -17.50 -30.63
N ASP B 673 42.76 -17.15 -30.42
CA ASP B 673 42.42 -15.93 -29.65
C ASP B 673 42.67 -16.18 -28.17
N LYS B 674 43.76 -15.58 -27.70
CA LYS B 674 44.23 -15.79 -26.33
C LYS B 674 43.32 -15.21 -25.25
N GLN B 675 42.63 -14.11 -25.54
CA GLN B 675 41.77 -13.50 -24.54
C GLN B 675 40.32 -14.05 -24.51
N MET B 676 39.96 -14.81 -25.55
CA MET B 676 38.58 -15.16 -25.83
C MET B 676 38.36 -16.68 -25.84
N SER B 677 37.20 -17.06 -25.32
CA SER B 677 36.78 -18.45 -25.20
C SER B 677 35.42 -18.53 -25.89
N TYR B 678 34.61 -19.54 -25.59
CA TYR B 678 33.22 -19.51 -26.04
C TYR B 678 32.23 -20.07 -25.00
N GLY B 679 30.95 -19.99 -25.31
CA GLY B 679 29.93 -20.56 -24.45
C GLY B 679 28.73 -20.94 -25.28
N PHE B 680 27.60 -21.20 -24.62
CA PHE B 680 26.40 -21.63 -25.32
C PHE B 680 25.16 -20.87 -24.86
N LEU B 681 24.26 -20.56 -25.77
CA LEU B 681 23.03 -19.87 -25.40
C LEU B 681 22.12 -20.85 -24.69
N PHE B 682 21.98 -22.02 -25.33
CA PHE B 682 21.30 -23.11 -24.66
C PHE B 682 22.33 -23.94 -23.94
N PRO B 683 22.27 -23.95 -22.61
CA PRO B 683 23.36 -24.62 -21.92
C PRO B 683 23.23 -26.15 -22.01
N PRO B 684 24.33 -26.84 -22.33
CA PRO B 684 24.31 -28.30 -22.34
C PRO B 684 23.79 -28.87 -21.03
N TYR B 685 24.22 -28.28 -19.93
CA TYR B 685 23.84 -28.69 -18.58
C TYR B 685 22.33 -28.97 -18.37
N LEU B 686 21.45 -28.31 -19.12
CA LEU B 686 20.02 -28.54 -18.93
C LEU B 686 19.46 -29.40 -20.01
N SER B 687 20.32 -30.17 -20.68
CA SER B 687 19.84 -31.06 -21.73
C SER B 687 18.93 -32.06 -21.09
N SER B 688 17.83 -32.38 -21.77
CA SER B 688 16.77 -33.24 -21.24
C SER B 688 17.14 -34.72 -21.19
N SER B 689 18.20 -35.09 -21.89
CA SER B 689 18.68 -36.46 -21.93
C SER B 689 20.03 -36.51 -22.65
N PRO B 690 20.81 -37.57 -22.41
CA PRO B 690 22.04 -37.83 -23.15
C PRO B 690 21.95 -37.63 -24.67
N GLU B 691 20.96 -38.23 -25.32
CA GLU B 691 20.81 -38.12 -26.80
C GLU B 691 20.80 -36.65 -27.24
N ALA B 692 19.92 -35.86 -26.62
CA ALA B 692 19.68 -34.46 -26.98
C ALA B 692 20.65 -33.46 -26.34
N LYS B 693 21.67 -33.98 -25.69
CA LYS B 693 22.77 -33.14 -25.28
C LYS B 693 23.70 -32.97 -26.48
N TYR B 694 23.61 -33.86 -27.45
CA TYR B 694 24.42 -33.77 -28.66
C TYR B 694 24.02 -32.50 -29.44
N ASP B 695 22.73 -32.16 -29.39
CA ASP B 695 22.22 -30.88 -29.95
C ASP B 695 22.90 -29.60 -29.40
N ALA B 696 23.14 -29.61 -28.08
CA ALA B 696 23.62 -28.42 -27.37
C ALA B 696 25.05 -28.05 -27.76
N PHE B 697 25.81 -29.02 -28.23
CA PHE B 697 27.18 -28.76 -28.65
C PHE B 697 27.30 -28.41 -30.14
N LEU B 698 26.17 -28.17 -30.81
CA LEU B 698 26.25 -27.75 -32.20
C LEU B 698 26.92 -26.40 -32.28
N VAL B 699 27.80 -26.22 -33.25
CA VAL B 699 28.47 -24.95 -33.49
C VAL B 699 27.49 -23.77 -33.67
N THR B 700 26.28 -24.07 -34.10
CA THR B 700 25.23 -23.08 -34.21
C THR B 700 24.67 -22.58 -32.84
N ASN B 701 25.06 -23.22 -31.75
CA ASN B 701 24.63 -22.82 -30.40
C ASN B 701 25.74 -22.10 -29.65
N MET B 702 26.89 -22.01 -30.29
CA MET B 702 28.13 -21.54 -29.68
C MET B 702 28.22 -20.04 -29.90
N VAL B 703 28.73 -19.31 -28.91
CA VAL B 703 28.92 -17.85 -29.04
C VAL B 703 30.17 -17.35 -28.35
N PRO B 704 30.81 -16.28 -28.87
CA PRO B 704 32.07 -15.82 -28.27
C PRO B 704 31.89 -15.25 -26.87
N MET B 705 32.65 -15.72 -25.88
CA MET B 705 32.58 -15.19 -24.53
C MET B 705 33.94 -15.14 -23.88
N TYR B 706 34.29 -14.02 -23.26
CA TYR B 706 35.48 -13.93 -22.42
C TYR B 706 35.36 -14.94 -21.26
N PRO B 707 36.48 -15.39 -20.69
CA PRO B 707 36.49 -16.18 -19.44
C PRO B 707 35.79 -15.50 -18.28
N ALA B 708 35.89 -14.17 -18.22
CA ALA B 708 35.34 -13.42 -17.10
C ALA B 708 33.83 -13.46 -17.18
N PHE B 709 33.35 -13.45 -18.41
CA PHE B 709 31.93 -13.49 -18.65
C PHE B 709 31.40 -14.88 -18.41
N LYS B 710 32.21 -15.90 -18.67
CA LYS B 710 31.74 -17.26 -18.42
C LYS B 710 31.48 -17.49 -16.93
N ARG B 711 32.28 -16.91 -16.05
CA ARG B 711 31.96 -17.04 -14.61
C ARG B 711 30.52 -16.59 -14.32
N VAL B 712 30.16 -15.43 -14.84
CA VAL B 712 28.81 -14.89 -14.72
C VAL B 712 27.79 -15.82 -15.39
N TRP B 713 28.07 -16.19 -16.64
CA TRP B 713 27.11 -16.85 -17.52
C TRP B 713 26.87 -18.31 -17.12
N ASN B 714 27.92 -19.01 -16.72
CA ASN B 714 27.75 -20.34 -16.13
C ASN B 714 26.90 -20.29 -14.88
N TYR B 715 27.17 -19.36 -13.99
CA TYR B 715 26.37 -19.30 -12.78
C TYR B 715 24.90 -19.10 -13.13
N PHE B 716 24.62 -18.31 -14.16
CA PHE B 716 23.27 -17.98 -14.51
C PHE B 716 22.57 -19.21 -15.03
N GLN B 717 23.29 -20.00 -15.84
CA GLN B 717 22.68 -21.12 -16.59
C GLN B 717 22.61 -22.36 -15.72
N ARG B 718 23.68 -22.61 -14.98
CA ARG B 718 23.76 -23.80 -14.16
C ARG B 718 22.99 -23.69 -12.86
N VAL B 719 23.13 -22.57 -12.15
CA VAL B 719 22.42 -22.36 -10.86
C VAL B 719 21.09 -21.58 -10.98
N LEU B 720 21.13 -20.35 -11.47
CA LEU B 720 19.96 -19.46 -11.43
C LEU B 720 18.71 -19.86 -12.26
N VAL B 721 18.88 -20.39 -13.46
CA VAL B 721 17.72 -20.74 -14.27
C VAL B 721 16.89 -21.87 -13.64
N LYS B 722 17.53 -22.87 -13.05
CA LYS B 722 16.75 -23.91 -12.35
C LYS B 722 16.03 -23.24 -11.17
N LYS B 723 16.72 -22.32 -10.47
CA LYS B 723 16.13 -21.69 -9.30
C LYS B 723 14.95 -20.82 -9.67
N TYR B 724 15.08 -20.06 -10.77
CA TYR B 724 13.99 -19.21 -11.24
C TYR B 724 12.79 -20.07 -11.61
N ALA B 725 13.05 -21.27 -12.12
CA ALA B 725 11.97 -22.16 -12.52
C ALA B 725 11.21 -22.75 -11.33
N SER B 726 11.90 -22.95 -10.19
CA SER B 726 11.23 -23.40 -8.96
C SER B 726 10.36 -22.31 -8.38
N GLU B 727 10.95 -21.13 -8.24
CA GLU B 727 10.23 -19.98 -7.75
C GLU B 727 9.00 -19.65 -8.61
N ARG B 728 9.09 -19.82 -9.93
CA ARG B 728 8.03 -19.35 -10.81
C ARG B 728 7.26 -20.45 -11.53
N ASN B 729 7.41 -21.68 -11.08
CA ASN B 729 6.74 -22.81 -11.70
C ASN B 729 7.06 -22.81 -13.19
N GLY B 730 8.33 -23.05 -13.50
CA GLY B 730 8.83 -23.03 -14.86
C GLY B 730 9.10 -21.63 -15.42
N VAL B 731 10.10 -21.54 -16.27
CA VAL B 731 10.41 -20.29 -16.94
C VAL B 731 10.70 -20.58 -18.38
N ASN B 732 10.23 -19.71 -19.27
CA ASN B 732 10.69 -19.70 -20.64
C ASN B 732 11.82 -18.67 -20.74
N VAL B 733 12.98 -19.13 -21.18
CA VAL B 733 14.11 -18.25 -21.37
C VAL B 733 14.25 -17.92 -22.86
N ILE B 734 14.74 -16.71 -23.16
CA ILE B 734 15.24 -16.36 -24.50
C ILE B 734 16.53 -15.60 -24.31
N SER B 735 17.66 -16.17 -24.71
CA SER B 735 18.96 -15.48 -24.59
C SER B 735 19.45 -15.09 -25.96
N GLY B 736 20.26 -14.05 -26.03
CA GLY B 736 21.04 -13.78 -27.24
C GLY B 736 22.17 -12.74 -27.12
N PRO B 737 22.86 -12.48 -28.23
CA PRO B 737 23.92 -11.52 -28.29
C PRO B 737 23.39 -10.17 -28.71
N ILE B 738 24.16 -9.14 -28.34
CA ILE B 738 23.87 -7.76 -28.75
C ILE B 738 25.13 -7.06 -29.17
N PHE B 739 25.03 -6.29 -30.24
CA PHE B 739 26.16 -5.53 -30.72
C PHE B 739 25.80 -4.07 -30.67
N ASP B 740 26.43 -3.35 -29.74
CA ASP B 740 26.27 -1.88 -29.64
C ASP B 740 27.60 -1.20 -29.39
N TYR B 741 28.47 -1.30 -30.39
CA TYR B 741 29.80 -0.74 -30.29
C TYR B 741 29.77 0.78 -30.28
N ASP B 742 28.78 1.39 -30.94
CA ASP B 742 28.66 2.85 -30.91
C ASP B 742 27.81 3.39 -29.77
N TYR B 743 27.42 2.53 -28.82
CA TYR B 743 26.49 2.84 -27.72
C TYR B 743 25.30 3.73 -28.07
N ASP B 744 24.77 3.52 -29.26
CA ASP B 744 23.55 4.10 -29.78
C ASP B 744 22.31 3.88 -28.93
N GLY B 745 22.22 2.70 -28.31
CA GLY B 745 20.96 2.10 -27.90
C GLY B 745 20.43 1.05 -28.89
N LEU B 746 21.01 1.03 -30.08
CA LEU B 746 20.42 0.42 -31.26
C LEU B 746 21.33 -0.63 -31.83
N HIS B 747 20.74 -1.71 -32.27
CA HIS B 747 21.47 -2.76 -32.97
C HIS B 747 22.43 -2.20 -34.02
N ASP B 748 23.68 -2.65 -34.01
CA ASP B 748 24.69 -2.21 -34.98
C ASP B 748 24.60 -2.88 -36.39
N THR B 749 25.04 -2.13 -37.41
CA THR B 749 25.35 -2.66 -38.76
C THR B 749 26.81 -3.10 -38.85
N GLU B 750 27.14 -4.00 -39.77
CA GLU B 750 28.50 -4.61 -39.81
C GLU B 750 29.59 -3.56 -39.86
N ASP B 751 29.24 -2.49 -40.55
CA ASP B 751 29.92 -1.19 -40.55
C ASP B 751 30.60 -0.82 -39.23
N LYS B 752 29.93 -1.15 -38.11
CA LYS B 752 30.27 -0.62 -36.76
C LYS B 752 30.92 -1.59 -35.80
N ILE B 753 31.01 -2.86 -36.18
CA ILE B 753 31.60 -3.84 -35.29
C ILE B 753 33.10 -3.61 -35.24
N LYS B 754 33.63 -3.40 -34.04
CA LYS B 754 35.02 -3.03 -33.89
C LYS B 754 35.84 -4.15 -33.31
N GLN B 755 35.32 -5.36 -33.28
CA GLN B 755 36.09 -6.45 -32.71
C GLN B 755 35.60 -7.83 -33.14
N TYR B 756 36.56 -8.67 -33.55
CA TYR B 756 36.30 -10.03 -33.98
C TYR B 756 37.14 -11.02 -33.21
N VAL B 757 36.75 -12.29 -33.25
CA VAL B 757 37.58 -13.29 -32.60
C VAL B 757 38.84 -13.44 -33.47
N GLU B 758 40.02 -13.49 -32.83
CA GLU B 758 41.31 -13.50 -33.54
C GLU B 758 41.27 -14.16 -34.93
N GLY B 759 41.53 -13.36 -35.96
CA GLY B 759 41.67 -13.86 -37.33
C GLY B 759 40.43 -14.50 -37.92
N SER B 760 39.26 -13.94 -37.66
CA SER B 760 38.02 -14.48 -38.17
C SER B 760 37.04 -13.38 -38.44
N SER B 761 35.88 -13.76 -38.97
CA SER B 761 34.77 -12.85 -39.18
C SER B 761 33.70 -13.03 -38.09
N ILE B 762 34.12 -13.53 -36.93
CA ILE B 762 33.22 -13.77 -35.83
C ILE B 762 33.21 -12.53 -34.93
N PRO B 763 32.10 -11.78 -34.96
CA PRO B 763 32.03 -10.54 -34.26
C PRO B 763 31.73 -10.77 -32.80
N VAL B 764 32.44 -10.07 -31.95
CA VAL B 764 32.25 -10.20 -30.53
C VAL B 764 31.12 -9.28 -30.11
N PRO B 765 30.12 -9.84 -29.38
CA PRO B 765 29.08 -8.96 -28.87
C PRO B 765 29.55 -8.12 -27.71
N THR B 766 28.87 -6.99 -27.51
CA THR B 766 29.17 -6.04 -26.45
C THR B 766 28.41 -6.40 -25.16
N HIS B 767 27.34 -7.18 -25.35
CA HIS B 767 26.41 -7.52 -24.31
C HIS B 767 25.74 -8.86 -24.60
N TYR B 768 25.16 -9.46 -23.58
CA TYR B 768 24.29 -10.59 -23.77
C TYR B 768 23.00 -10.38 -23.02
N TYR B 769 21.87 -10.55 -23.68
CA TYR B 769 20.57 -10.42 -22.98
C TYR B 769 19.91 -11.77 -22.65
N SER B 770 19.13 -11.80 -21.57
CA SER B 770 18.12 -12.86 -21.44
C SER B 770 16.75 -12.33 -21.10
N ILE B 771 15.74 -13.05 -21.49
CA ILE B 771 14.40 -12.68 -21.15
C ILE B 771 13.76 -13.88 -20.48
N ILE B 772 13.48 -13.77 -19.19
CA ILE B 772 12.78 -14.82 -18.47
C ILE B 772 11.30 -14.50 -18.37
N THR B 773 10.44 -15.36 -18.93
CA THR B 773 8.99 -15.23 -18.87
C THR B 773 8.30 -16.44 -18.19
N SER B 774 7.13 -16.18 -17.60
CA SER B 774 6.36 -17.19 -16.86
C SER B 774 4.91 -16.75 -16.64
N CYS B 775 4.12 -17.60 -15.98
CA CYS B 775 2.74 -17.24 -15.67
C CYS B 775 2.67 -16.38 -14.46
N LEU B 776 1.82 -15.35 -14.53
CA LEU B 776 1.66 -14.39 -13.46
C LEU B 776 1.05 -15.14 -12.29
N ASP B 777 0.03 -15.92 -12.61
CA ASP B 777 -0.51 -16.90 -11.72
C ASP B 777 0.43 -18.12 -11.74
N PHE B 778 1.34 -18.16 -10.78
CA PHE B 778 2.36 -19.20 -10.78
C PHE B 778 1.87 -20.62 -10.36
N THR B 779 0.58 -20.79 -10.11
CA THR B 779 0.02 -22.14 -10.00
C THR B 779 -0.01 -22.81 -11.38
N GLN B 780 -0.11 -22.00 -12.45
CA GLN B 780 -0.02 -22.50 -13.83
C GLN B 780 1.43 -22.49 -14.32
N PRO B 781 1.89 -23.64 -14.83
CA PRO B 781 3.27 -23.67 -15.27
C PRO B 781 3.48 -22.77 -16.53
N ALA B 782 4.73 -22.39 -16.75
CA ALA B 782 5.08 -21.50 -17.84
C ALA B 782 4.59 -21.99 -19.18
N ASP B 783 4.71 -23.30 -19.44
CA ASP B 783 4.32 -23.86 -20.76
C ASP B 783 2.82 -23.89 -21.02
N LYS B 784 1.99 -23.58 -20.02
CA LYS B 784 0.52 -23.55 -20.21
C LYS B 784 -0.16 -22.45 -19.38
N CYS B 785 -0.08 -21.20 -19.85
CA CYS B 785 -0.74 -20.05 -19.21
C CYS B 785 -2.08 -19.80 -19.80
N ASP B 786 -2.97 -19.19 -19.03
CA ASP B 786 -4.16 -18.60 -19.62
C ASP B 786 -4.03 -17.11 -19.59
N GLY B 787 -3.77 -16.59 -18.39
CA GLY B 787 -3.84 -15.16 -18.17
C GLY B 787 -2.60 -14.33 -18.47
N PRO B 788 -2.46 -13.23 -17.74
CA PRO B 788 -1.30 -12.36 -17.88
C PRO B 788 0.02 -13.06 -17.64
N LEU B 789 1.08 -12.52 -18.24
CA LEU B 789 2.44 -13.04 -18.08
C LEU B 789 3.29 -12.26 -17.05
N SER B 790 4.44 -12.81 -16.72
CA SER B 790 5.31 -12.19 -15.75
C SER B 790 6.66 -12.29 -16.37
N VAL B 791 7.27 -11.15 -16.69
CA VAL B 791 8.56 -11.15 -17.39
C VAL B 791 9.62 -10.46 -16.55
N SER B 792 10.85 -10.89 -16.74
CA SER B 792 12.00 -10.13 -16.28
C SER B 792 13.13 -10.37 -17.27
N SER B 793 14.01 -9.39 -17.40
CA SER B 793 15.03 -9.44 -18.43
C SER B 793 16.22 -8.62 -18.01
N PHE B 794 17.37 -8.91 -18.61
CA PHE B 794 18.57 -8.12 -18.37
C PHE B 794 19.51 -8.06 -19.54
N ILE B 795 20.40 -7.07 -19.54
CA ILE B 795 21.46 -6.93 -20.56
C ILE B 795 22.81 -6.83 -19.86
N LEU B 796 23.59 -7.92 -19.88
CA LEU B 796 24.86 -7.96 -19.17
C LEU B 796 25.94 -7.51 -20.08
N PRO B 797 26.81 -6.61 -19.59
CA PRO B 797 27.94 -6.17 -20.37
C PRO B 797 28.97 -7.25 -20.50
N HIS B 798 29.43 -7.44 -21.73
CA HIS B 798 30.35 -8.49 -22.08
C HIS B 798 31.77 -7.99 -21.93
N ARG B 799 32.29 -8.12 -20.72
CA ARG B 799 33.55 -7.47 -20.39
C ARG B 799 34.66 -8.47 -20.12
N PRO B 800 35.89 -8.15 -20.54
CA PRO B 800 37.04 -9.06 -20.39
C PRO B 800 37.47 -9.30 -18.93
N ASP B 801 36.95 -8.51 -18.00
CA ASP B 801 37.21 -8.73 -16.56
C ASP B 801 35.98 -8.39 -15.72
N ASN B 802 36.08 -8.58 -14.40
CA ASN B 802 34.97 -8.27 -13.50
C ASN B 802 35.36 -7.15 -12.58
N GLU B 803 36.02 -6.15 -13.18
CA GLU B 803 36.59 -5.06 -12.41
C GLU B 803 35.41 -4.26 -11.85
N GLU B 804 34.26 -4.37 -12.52
CA GLU B 804 33.00 -3.83 -12.01
C GLU B 804 32.54 -4.46 -10.69
N SER B 805 32.63 -5.78 -10.54
CA SER B 805 32.10 -6.44 -9.35
C SER B 805 33.25 -6.57 -8.34
N CYS B 806 33.05 -6.01 -7.15
CA CYS B 806 34.19 -5.84 -6.19
C CYS B 806 34.53 -7.13 -5.47
N ASN B 807 33.52 -7.96 -5.24
CA ASN B 807 33.73 -9.25 -4.61
C ASN B 807 33.79 -10.40 -5.61
N SER B 808 34.25 -10.14 -6.83
CA SER B 808 34.36 -11.16 -7.86
C SER B 808 35.40 -12.22 -7.60
N SER B 809 36.35 -11.95 -6.71
CA SER B 809 37.33 -12.97 -6.32
C SER B 809 36.68 -14.00 -5.39
N GLU B 810 35.50 -13.69 -4.87
CA GLU B 810 34.76 -14.67 -4.08
C GLU B 810 34.02 -15.62 -5.02
N ASP B 811 33.40 -16.63 -4.44
CA ASP B 811 32.54 -17.51 -5.21
C ASP B 811 31.39 -16.72 -5.85
N GLU B 812 30.95 -17.19 -7.02
CA GLU B 812 29.87 -16.54 -7.81
C GLU B 812 28.57 -16.26 -7.00
N SER B 813 28.23 -17.15 -6.08
CA SER B 813 27.09 -16.95 -5.19
C SER B 813 27.15 -15.67 -4.36
N LYS B 814 28.30 -15.04 -4.25
CA LYS B 814 28.38 -13.80 -3.47
C LYS B 814 28.34 -12.56 -4.37
N TRP B 815 28.18 -12.71 -5.68
CA TRP B 815 28.33 -11.51 -6.51
C TRP B 815 27.68 -11.44 -7.86
N VAL B 816 27.38 -12.55 -8.51
CA VAL B 816 26.76 -12.48 -9.82
C VAL B 816 25.37 -11.84 -9.76
N GLU B 817 24.47 -12.43 -8.98
CA GLU B 817 23.13 -11.87 -8.79
C GLU B 817 23.16 -10.33 -8.64
N GLU B 818 24.08 -9.83 -7.82
CA GLU B 818 24.24 -8.39 -7.60
C GLU B 818 24.51 -7.61 -8.91
N LEU B 819 25.30 -8.24 -9.80
CA LEU B 819 25.63 -7.65 -11.08
C LEU B 819 24.44 -7.66 -12.03
N MET B 820 23.61 -8.69 -11.90
CA MET B 820 22.50 -8.90 -12.81
C MET B 820 21.35 -7.94 -12.50
N LYS B 821 21.12 -7.72 -11.23
CA LYS B 821 20.11 -6.79 -10.82
C LYS B 821 20.53 -5.38 -11.25
N MET B 822 21.82 -5.17 -11.39
CA MET B 822 22.29 -3.86 -11.71
C MET B 822 22.02 -3.61 -13.20
N HIS B 823 22.09 -4.68 -13.99
CA HIS B 823 21.83 -4.65 -15.44
C HIS B 823 20.48 -5.17 -15.90
N THR B 824 19.50 -5.20 -15.01
CA THR B 824 18.11 -5.36 -15.43
C THR B 824 17.77 -4.45 -16.64
N ALA B 825 16.94 -4.96 -17.53
CA ALA B 825 16.46 -4.18 -18.65
C ALA B 825 14.98 -4.49 -18.92
N ARG B 826 14.33 -3.62 -19.67
CA ARG B 826 13.01 -3.87 -20.19
C ARG B 826 13.15 -4.64 -21.50
N VAL B 827 12.20 -5.50 -21.79
CA VAL B 827 12.19 -6.19 -23.07
C VAL B 827 12.36 -5.15 -24.19
N ARG B 828 11.63 -4.06 -24.14
CA ARG B 828 11.83 -2.94 -25.08
C ARG B 828 13.30 -2.50 -25.32
N ASP B 829 14.16 -2.60 -24.30
CA ASP B 829 15.57 -2.20 -24.42
C ASP B 829 16.29 -3.16 -25.34
N ILE B 830 15.95 -4.43 -25.14
CA ILE B 830 16.48 -5.50 -25.93
C ILE B 830 15.95 -5.39 -27.37
N GLU B 831 14.66 -5.12 -27.52
CA GLU B 831 14.11 -4.91 -28.84
C GLU B 831 14.93 -3.86 -29.63
N HIS B 832 15.32 -2.77 -28.98
CA HIS B 832 16.04 -1.71 -29.66
C HIS B 832 17.43 -2.16 -30.02
N LEU B 833 18.04 -2.92 -29.13
CA LEU B 833 19.41 -3.33 -29.32
C LEU B 833 19.64 -4.51 -30.27
N THR B 834 18.58 -5.19 -30.66
CA THR B 834 18.70 -6.40 -31.46
C THR B 834 17.89 -6.32 -32.76
N SER B 835 17.00 -5.33 -32.82
CA SER B 835 16.00 -5.17 -33.87
C SER B 835 15.02 -6.32 -34.01
N LEU B 836 14.79 -7.01 -32.90
CA LEU B 836 13.73 -8.01 -32.80
C LEU B 836 12.43 -7.40 -32.22
N ASP B 837 11.32 -8.12 -32.37
CA ASP B 837 10.07 -7.82 -31.71
C ASP B 837 9.56 -9.07 -31.08
N PHE B 838 9.24 -9.04 -29.80
CA PHE B 838 8.97 -10.28 -29.09
C PHE B 838 7.50 -10.36 -28.76
N PHE B 839 7.08 -11.51 -28.26
CA PHE B 839 5.72 -11.67 -27.77
C PHE B 839 4.67 -11.30 -28.81
N ARG B 840 4.84 -11.81 -30.03
CA ARG B 840 3.93 -11.47 -31.12
C ARG B 840 2.73 -12.39 -31.24
N LYS B 841 2.85 -13.63 -30.77
CA LYS B 841 1.72 -14.57 -30.76
C LYS B 841 1.39 -15.02 -29.32
N THR B 842 0.67 -14.18 -28.59
CA THR B 842 0.14 -14.51 -27.26
C THR B 842 -1.41 -14.43 -27.24
N SER B 843 -2.00 -15.01 -26.20
CA SER B 843 -3.45 -14.89 -25.99
C SER B 843 -3.85 -13.51 -25.42
N ARG B 844 -2.88 -12.62 -25.25
CA ARG B 844 -3.15 -11.33 -24.64
C ARG B 844 -3.45 -10.28 -25.70
N SER B 845 -3.95 -9.12 -25.28
CA SER B 845 -4.17 -8.01 -26.21
C SER B 845 -2.85 -7.31 -26.52
N TYR B 846 -2.80 -6.49 -27.55
CA TYR B 846 -1.48 -5.95 -27.93
C TYR B 846 -1.03 -4.91 -26.91
N PRO B 847 -1.94 -4.01 -26.50
CA PRO B 847 -1.51 -3.01 -25.53
C PRO B 847 -1.00 -3.61 -24.21
N GLU B 848 -1.58 -4.74 -23.77
CA GLU B 848 -1.12 -5.41 -22.55
C GLU B 848 0.31 -5.90 -22.75
N ILE B 849 0.56 -6.41 -23.93
CA ILE B 849 1.93 -6.79 -24.30
C ILE B 849 2.89 -5.62 -24.36
N LEU B 850 2.41 -4.48 -24.84
CA LEU B 850 3.23 -3.29 -24.80
C LEU B 850 3.55 -2.89 -23.35
N THR B 851 2.55 -2.92 -22.48
CA THR B 851 2.82 -2.69 -21.06
C THR B 851 3.87 -3.68 -20.47
N LEU B 852 3.76 -4.94 -20.85
CA LEU B 852 4.65 -5.98 -20.38
C LEU B 852 6.04 -5.71 -20.86
N LYS B 853 6.18 -5.37 -22.15
CA LYS B 853 7.50 -5.08 -22.69
C LYS B 853 8.18 -3.84 -22.09
N THR B 854 7.42 -2.84 -21.65
CA THR B 854 8.00 -1.65 -21.01
C THR B 854 8.27 -1.81 -19.51
N TYR B 855 7.88 -2.95 -18.93
CA TYR B 855 8.11 -3.17 -17.49
C TYR B 855 9.60 -3.42 -17.20
N LEU B 856 10.10 -2.88 -16.10
CA LEU B 856 11.46 -3.13 -15.67
C LEU B 856 11.40 -3.65 -14.24
N HIS B 857 11.97 -4.83 -14.01
CA HIS B 857 12.08 -5.41 -12.67
C HIS B 857 13.20 -4.71 -11.89
N THR B 858 12.89 -4.00 -10.81
CA THR B 858 13.85 -3.10 -10.13
C THR B 858 14.75 -3.75 -9.04
N TYR B 859 14.18 -4.65 -8.25
CA TYR B 859 14.90 -5.21 -7.10
C TYR B 859 15.21 -4.23 -5.92
N GLU B 860 14.39 -3.23 -5.66
CA GLU B 860 14.71 -2.31 -4.54
C GLU B 860 14.13 -2.74 -3.18
N SER B 861 13.02 -2.13 -2.76
CA SER B 861 12.39 -2.42 -1.47
C SER B 861 11.73 -3.81 -1.46
#